data_2J1L
# 
_entry.id   2J1L 
# 
_audit_conform.dict_name       mmcif_pdbx.dic 
_audit_conform.dict_version    5.382 
_audit_conform.dict_location   http://mmcif.pdb.org/dictionaries/ascii/mmcif_pdbx.dic 
# 
loop_
_database_2.database_id 
_database_2.database_code 
_database_2.pdbx_database_accession 
_database_2.pdbx_DOI 
PDB   2J1L         pdb_00002j1l 10.2210/pdb2j1l/pdb 
PDBE  EBI-29675    ?            ?                   
WWPDB D_1290029675 ?            ?                   
# 
_pdbx_database_status.status_code                     REL 
_pdbx_database_status.entry_id                        2J1L 
_pdbx_database_status.deposit_site                    PDBE 
_pdbx_database_status.process_site                    PDBE 
_pdbx_database_status.SG_entry                        . 
_pdbx_database_status.recvd_initial_deposition_date   2006-08-14 
_pdbx_database_status.pdb_format_compatible           Y 
_pdbx_database_status.status_code_sf                  REL 
_pdbx_database_status.status_code_mr                  ? 
_pdbx_database_status.status_code_cs                  ? 
_pdbx_database_status.methods_development_category    ? 
_pdbx_database_status.status_code_nmr_data            ? 
# 
loop_
_audit_author.name 
_audit_author.pdbx_ordinal 
'Pike, A.C.W.'   1  
'Johansson, C.'  2  
'Gileadi, C.'    3  
'Niesen, F.H.'   4  
'Sobott, F.'     5  
'Schoch, G.'     6  
'Elkins, J.'     7  
'Smee, C.'       8  
'Gorrec, F.'     9  
'Watt, S.'       10 
'Bray, J.'       11 
'Turnbull, A.P.' 12 
'von Delft, F.'  13 
'Arrowsmith, C.' 14 
'Edwards, A.'    15 
'Weigelt, J.'    16 
'Sundstrom, M.'  17 
'Doyle, D.'      18 
# 
_citation.id                        primary 
_citation.title                     'Crystal Structure of Human Rho-Related GTP-Binding Protein Rhod' 
_citation.journal_abbrev            'To be Published' 
_citation.journal_volume            ? 
_citation.page_first                ? 
_citation.page_last                 ? 
_citation.year                      ? 
_citation.journal_id_ASTM           ? 
_citation.country                   ? 
_citation.journal_id_ISSN           ? 
_citation.journal_id_CSD            0353 
_citation.book_publisher            ? 
_citation.pdbx_database_id_PubMed   ? 
_citation.pdbx_database_id_DOI      ? 
# 
loop_
_citation_author.citation_id 
_citation_author.name 
_citation_author.ordinal 
_citation_author.identifier_ORCID 
primary 'Pike, A.C.W.'   1  ? 
primary 'Johansson, C.'  2  ? 
primary 'Gileadi, C.'    3  ? 
primary 'Niesen, F.H.'   4  ? 
primary 'Sobott, F.'     5  ? 
primary 'Schoch, G.'     6  ? 
primary 'Elkins, J.'     7  ? 
primary 'Smee, C.'       8  ? 
primary 'Gorrec, F.'     9  ? 
primary 'Watt, S.'       10 ? 
primary 'Bray, J.'       11 ? 
primary 'Turnbull, A.P.' 12 ? 
primary 'von Delft, F.'  13 ? 
primary 'Arrowsmith, C.' 14 ? 
primary 'Edwards, A.'    15 ? 
primary 'Weigelt, J.'    16 ? 
primary 'Sundstrom, M.'  17 ? 
primary 'Doyle, D.'      18 ? 
# 
_cell.entry_id           2J1L 
_cell.length_a           66.811 
_cell.length_b           66.810 
_cell.length_c           103.921 
_cell.angle_alpha        90.00 
_cell.angle_beta         90.00 
_cell.angle_gamma        120.00 
_cell.Z_PDB              6 
_cell.pdbx_unique_axis   ? 
# 
_symmetry.entry_id                         2J1L 
_symmetry.space_group_name_H-M             'P 31 2 1' 
_symmetry.pdbx_full_space_group_name_H-M   ? 
_symmetry.cell_setting                     ? 
_symmetry.Int_Tables_number                152 
# 
loop_
_entity.id 
_entity.type 
_entity.src_method 
_entity.pdbx_description 
_entity.formula_weight 
_entity.pdbx_number_of_molecules 
_entity.pdbx_ec 
_entity.pdbx_mutation 
_entity.pdbx_fragment 
_entity.details 
1 polymer     man 'RHO-RELATED GTP-BINDING PROTEIN RHOD' 24016.293 1 3.6.5.2 ? ? ? 
2 non-polymer syn "GUANOSINE-5'-DIPHOSPHATE"             443.201   1 ?       ? ? ? 
3 non-polymer syn 'MAGNESIUM ION'                        24.305    1 ?       ? ? ? 
4 water       nat water                                  18.015    8 ?       ? ? ? 
# 
_entity_name_com.entity_id   1 
_entity_name_com.name        'RHO-RELATED PROTEIN HP1, RHOHP1, RHOD' 
# 
_entity_poly.entity_id                      1 
_entity_poly.type                           'polypeptide(L)' 
_entity_poly.nstd_linkage                   no 
_entity_poly.nstd_monomer                   no 
_entity_poly.pdbx_seq_one_letter_code       
;MHHHHHHSSGVDLGTENLYFQSMAGEEAPPGVRSVKVVLVGDGGCGKTSLLMVFADGAFPESYTPTVFERYMVNLQVKGK
PVHLHIWDTAGQDDYDRLRPLFYPDASVLLLCFDVTSPNSFDNIFNRWYPEVNHFCKKVPIIVVGCKTDLRKDKSLVNKL
RRNGLEPVTYHRGQEMARSVGAVAYLECSARLHDNVHAVFQEAAEVALSSRGRN
;
_entity_poly.pdbx_seq_one_letter_code_can   
;MHHHHHHSSGVDLGTENLYFQSMAGEEAPPGVRSVKVVLVGDGGCGKTSLLMVFADGAFPESYTPTVFERYMVNLQVKGK
PVHLHIWDTAGQDDYDRLRPLFYPDASVLLLCFDVTSPNSFDNIFNRWYPEVNHFCKKVPIIVVGCKTDLRKDKSLVNKL
RRNGLEPVTYHRGQEMARSVGAVAYLECSARLHDNVHAVFQEAAEVALSSRGRN
;
_entity_poly.pdbx_strand_id                 A 
_entity_poly.pdbx_target_identifier         ? 
# 
loop_
_entity_poly_seq.entity_id 
_entity_poly_seq.num 
_entity_poly_seq.mon_id 
_entity_poly_seq.hetero 
1 1   MET n 
1 2   HIS n 
1 3   HIS n 
1 4   HIS n 
1 5   HIS n 
1 6   HIS n 
1 7   HIS n 
1 8   SER n 
1 9   SER n 
1 10  GLY n 
1 11  VAL n 
1 12  ASP n 
1 13  LEU n 
1 14  GLY n 
1 15  THR n 
1 16  GLU n 
1 17  ASN n 
1 18  LEU n 
1 19  TYR n 
1 20  PHE n 
1 21  GLN n 
1 22  SER n 
1 23  MET n 
1 24  ALA n 
1 25  GLY n 
1 26  GLU n 
1 27  GLU n 
1 28  ALA n 
1 29  PRO n 
1 30  PRO n 
1 31  GLY n 
1 32  VAL n 
1 33  ARG n 
1 34  SER n 
1 35  VAL n 
1 36  LYS n 
1 37  VAL n 
1 38  VAL n 
1 39  LEU n 
1 40  VAL n 
1 41  GLY n 
1 42  ASP n 
1 43  GLY n 
1 44  GLY n 
1 45  CYS n 
1 46  GLY n 
1 47  LYS n 
1 48  THR n 
1 49  SER n 
1 50  LEU n 
1 51  LEU n 
1 52  MET n 
1 53  VAL n 
1 54  PHE n 
1 55  ALA n 
1 56  ASP n 
1 57  GLY n 
1 58  ALA n 
1 59  PHE n 
1 60  PRO n 
1 61  GLU n 
1 62  SER n 
1 63  TYR n 
1 64  THR n 
1 65  PRO n 
1 66  THR n 
1 67  VAL n 
1 68  PHE n 
1 69  GLU n 
1 70  ARG n 
1 71  TYR n 
1 72  MET n 
1 73  VAL n 
1 74  ASN n 
1 75  LEU n 
1 76  GLN n 
1 77  VAL n 
1 78  LYS n 
1 79  GLY n 
1 80  LYS n 
1 81  PRO n 
1 82  VAL n 
1 83  HIS n 
1 84  LEU n 
1 85  HIS n 
1 86  ILE n 
1 87  TRP n 
1 88  ASP n 
1 89  THR n 
1 90  ALA n 
1 91  GLY n 
1 92  GLN n 
1 93  ASP n 
1 94  ASP n 
1 95  TYR n 
1 96  ASP n 
1 97  ARG n 
1 98  LEU n 
1 99  ARG n 
1 100 PRO n 
1 101 LEU n 
1 102 PHE n 
1 103 TYR n 
1 104 PRO n 
1 105 ASP n 
1 106 ALA n 
1 107 SER n 
1 108 VAL n 
1 109 LEU n 
1 110 LEU n 
1 111 LEU n 
1 112 CYS n 
1 113 PHE n 
1 114 ASP n 
1 115 VAL n 
1 116 THR n 
1 117 SER n 
1 118 PRO n 
1 119 ASN n 
1 120 SER n 
1 121 PHE n 
1 122 ASP n 
1 123 ASN n 
1 124 ILE n 
1 125 PHE n 
1 126 ASN n 
1 127 ARG n 
1 128 TRP n 
1 129 TYR n 
1 130 PRO n 
1 131 GLU n 
1 132 VAL n 
1 133 ASN n 
1 134 HIS n 
1 135 PHE n 
1 136 CYS n 
1 137 LYS n 
1 138 LYS n 
1 139 VAL n 
1 140 PRO n 
1 141 ILE n 
1 142 ILE n 
1 143 VAL n 
1 144 VAL n 
1 145 GLY n 
1 146 CYS n 
1 147 LYS n 
1 148 THR n 
1 149 ASP n 
1 150 LEU n 
1 151 ARG n 
1 152 LYS n 
1 153 ASP n 
1 154 LYS n 
1 155 SER n 
1 156 LEU n 
1 157 VAL n 
1 158 ASN n 
1 159 LYS n 
1 160 LEU n 
1 161 ARG n 
1 162 ARG n 
1 163 ASN n 
1 164 GLY n 
1 165 LEU n 
1 166 GLU n 
1 167 PRO n 
1 168 VAL n 
1 169 THR n 
1 170 TYR n 
1 171 HIS n 
1 172 ARG n 
1 173 GLY n 
1 174 GLN n 
1 175 GLU n 
1 176 MET n 
1 177 ALA n 
1 178 ARG n 
1 179 SER n 
1 180 VAL n 
1 181 GLY n 
1 182 ALA n 
1 183 VAL n 
1 184 ALA n 
1 185 TYR n 
1 186 LEU n 
1 187 GLU n 
1 188 CYS n 
1 189 SER n 
1 190 ALA n 
1 191 ARG n 
1 192 LEU n 
1 193 HIS n 
1 194 ASP n 
1 195 ASN n 
1 196 VAL n 
1 197 HIS n 
1 198 ALA n 
1 199 VAL n 
1 200 PHE n 
1 201 GLN n 
1 202 GLU n 
1 203 ALA n 
1 204 ALA n 
1 205 GLU n 
1 206 VAL n 
1 207 ALA n 
1 208 LEU n 
1 209 SER n 
1 210 SER n 
1 211 ARG n 
1 212 GLY n 
1 213 ARG n 
1 214 ASN n 
# 
_entity_src_gen.entity_id                          1 
_entity_src_gen.pdbx_src_id                        1 
_entity_src_gen.pdbx_alt_source_flag               sample 
_entity_src_gen.pdbx_seq_type                      ? 
_entity_src_gen.pdbx_beg_seq_num                   ? 
_entity_src_gen.pdbx_end_seq_num                   ? 
_entity_src_gen.gene_src_common_name               HUMAN 
_entity_src_gen.gene_src_genus                     ? 
_entity_src_gen.pdbx_gene_src_gene                 ? 
_entity_src_gen.gene_src_species                   ? 
_entity_src_gen.gene_src_strain                    ? 
_entity_src_gen.gene_src_tissue                    ? 
_entity_src_gen.gene_src_tissue_fraction           ? 
_entity_src_gen.gene_src_details                   ? 
_entity_src_gen.pdbx_gene_src_fragment             ? 
_entity_src_gen.pdbx_gene_src_scientific_name      'HOMO SAPIENS' 
_entity_src_gen.pdbx_gene_src_ncbi_taxonomy_id     9606 
_entity_src_gen.pdbx_gene_src_variant              ? 
_entity_src_gen.pdbx_gene_src_cell_line            ? 
_entity_src_gen.pdbx_gene_src_atcc                 ? 
_entity_src_gen.pdbx_gene_src_organ                ? 
_entity_src_gen.pdbx_gene_src_organelle            ? 
_entity_src_gen.pdbx_gene_src_cell                 ? 
_entity_src_gen.pdbx_gene_src_cellular_location    ? 
_entity_src_gen.host_org_common_name               ? 
_entity_src_gen.pdbx_host_org_scientific_name      'ESCHERICHIA COLI' 
_entity_src_gen.pdbx_host_org_ncbi_taxonomy_id     469008 
_entity_src_gen.host_org_genus                     ? 
_entity_src_gen.pdbx_host_org_gene                 ? 
_entity_src_gen.pdbx_host_org_organ                ? 
_entity_src_gen.host_org_species                   ? 
_entity_src_gen.pdbx_host_org_tissue               ? 
_entity_src_gen.pdbx_host_org_tissue_fraction      ? 
_entity_src_gen.pdbx_host_org_strain               'BL21(DE3)' 
_entity_src_gen.pdbx_host_org_variant              ? 
_entity_src_gen.pdbx_host_org_cell_line            ? 
_entity_src_gen.pdbx_host_org_atcc                 ? 
_entity_src_gen.pdbx_host_org_culture_collection   ? 
_entity_src_gen.pdbx_host_org_cell                 ? 
_entity_src_gen.pdbx_host_org_organelle            ? 
_entity_src_gen.pdbx_host_org_cellular_location    ? 
_entity_src_gen.pdbx_host_org_vector_type          ? 
_entity_src_gen.pdbx_host_org_vector               ? 
_entity_src_gen.host_org_details                   ? 
_entity_src_gen.expression_system_id               ? 
_entity_src_gen.plasmid_name                       PNIC-BSA4 
_entity_src_gen.plasmid_details                    ? 
_entity_src_gen.pdbx_description                   MGC 
# 
loop_
_struct_ref.id 
_struct_ref.db_name 
_struct_ref.db_code 
_struct_ref.entity_id 
_struct_ref.pdbx_seq_one_letter_code 
_struct_ref.pdbx_align_begin 
_struct_ref.pdbx_db_accession 
_struct_ref.pdbx_db_isoform 
1 PDB 2J1L       1 ? ? 2J1L   ? 
2 UNP RHOD_HUMAN 1 ? ? O00212 ? 
# 
loop_
_struct_ref_seq.align_id 
_struct_ref_seq.ref_id 
_struct_ref_seq.pdbx_PDB_id_code 
_struct_ref_seq.pdbx_strand_id 
_struct_ref_seq.seq_align_beg 
_struct_ref_seq.pdbx_seq_align_beg_ins_code 
_struct_ref_seq.seq_align_end 
_struct_ref_seq.pdbx_seq_align_end_ins_code 
_struct_ref_seq.pdbx_db_accession 
_struct_ref_seq.db_align_beg 
_struct_ref_seq.pdbx_db_align_beg_ins_code 
_struct_ref_seq.db_align_end 
_struct_ref_seq.pdbx_db_align_end_ins_code 
_struct_ref_seq.pdbx_auth_seq_align_beg 
_struct_ref_seq.pdbx_auth_seq_align_end 
1 1 2J1L A 1  ? 23  ? 2J1L   -16 ? 6   ? -16 6   
2 2 2J1L A 24 ? 214 ? O00212 7   ? 197 ? 7   197 
# 
loop_
_chem_comp.id 
_chem_comp.type 
_chem_comp.mon_nstd_flag 
_chem_comp.name 
_chem_comp.pdbx_synonyms 
_chem_comp.formula 
_chem_comp.formula_weight 
ALA 'L-peptide linking' y ALANINE                    ? 'C3 H7 N O2'        89.093  
ARG 'L-peptide linking' y ARGININE                   ? 'C6 H15 N4 O2 1'    175.209 
ASN 'L-peptide linking' y ASPARAGINE                 ? 'C4 H8 N2 O3'       132.118 
ASP 'L-peptide linking' y 'ASPARTIC ACID'            ? 'C4 H7 N O4'        133.103 
CYS 'L-peptide linking' y CYSTEINE                   ? 'C3 H7 N O2 S'      121.158 
GDP 'RNA linking'       n "GUANOSINE-5'-DIPHOSPHATE" ? 'C10 H15 N5 O11 P2' 443.201 
GLN 'L-peptide linking' y GLUTAMINE                  ? 'C5 H10 N2 O3'      146.144 
GLU 'L-peptide linking' y 'GLUTAMIC ACID'            ? 'C5 H9 N O4'        147.129 
GLY 'peptide linking'   y GLYCINE                    ? 'C2 H5 N O2'        75.067  
HIS 'L-peptide linking' y HISTIDINE                  ? 'C6 H10 N3 O2 1'    156.162 
HOH non-polymer         . WATER                      ? 'H2 O'              18.015  
ILE 'L-peptide linking' y ISOLEUCINE                 ? 'C6 H13 N O2'       131.173 
LEU 'L-peptide linking' y LEUCINE                    ? 'C6 H13 N O2'       131.173 
LYS 'L-peptide linking' y LYSINE                     ? 'C6 H15 N2 O2 1'    147.195 
MET 'L-peptide linking' y METHIONINE                 ? 'C5 H11 N O2 S'     149.211 
MG  non-polymer         . 'MAGNESIUM ION'            ? 'Mg 2'              24.305  
PHE 'L-peptide linking' y PHENYLALANINE              ? 'C9 H11 N O2'       165.189 
PRO 'L-peptide linking' y PROLINE                    ? 'C5 H9 N O2'        115.130 
SER 'L-peptide linking' y SERINE                     ? 'C3 H7 N O3'        105.093 
THR 'L-peptide linking' y THREONINE                  ? 'C4 H9 N O3'        119.119 
TRP 'L-peptide linking' y TRYPTOPHAN                 ? 'C11 H12 N2 O2'     204.225 
TYR 'L-peptide linking' y TYROSINE                   ? 'C9 H11 N O3'       181.189 
VAL 'L-peptide linking' y VALINE                     ? 'C5 H11 N O2'       117.146 
# 
_exptl.entry_id          2J1L 
_exptl.method            'X-RAY DIFFRACTION' 
_exptl.crystals_number   1 
# 
_exptl_crystal.id                    1 
_exptl_crystal.density_meas          ? 
_exptl_crystal.density_Matthews      2.79 
_exptl_crystal.density_percent_sol   56 
_exptl_crystal.description           ? 
# 
_exptl_crystal_grow.crystal_id      1 
_exptl_crystal_grow.method          ? 
_exptl_crystal_grow.temp            ? 
_exptl_crystal_grow.temp_details    ? 
_exptl_crystal_grow.pH              6.00 
_exptl_crystal_grow.pdbx_pH_range   ? 
_exptl_crystal_grow.pdbx_details    '19% PEG6K, 0.4M NH4CL, 15% ETG, 0.05M MES PH6.0, pH 6.00' 
# 
_diffrn.id                     1 
_diffrn.ambient_temp           100.0 
_diffrn.ambient_temp_details   ? 
_diffrn.crystal_id             1 
# 
_diffrn_detector.diffrn_id              1 
_diffrn_detector.detector               CCD 
_diffrn_detector.type                   MARRESEARCH 
_diffrn_detector.pdbx_collection_date   2006-05-06 
_diffrn_detector.details                ? 
# 
_diffrn_radiation.diffrn_id                        1 
_diffrn_radiation.wavelength_id                    1 
_diffrn_radiation.pdbx_monochromatic_or_laue_m_l   M 
_diffrn_radiation.monochromator                    ? 
_diffrn_radiation.pdbx_diffrn_protocol             'SINGLE WAVELENGTH' 
_diffrn_radiation.pdbx_scattering_type             x-ray 
# 
_diffrn_radiation_wavelength.id           1 
_diffrn_radiation_wavelength.wavelength   0.979 
_diffrn_radiation_wavelength.wt           1.0 
# 
_diffrn_source.diffrn_id                   1 
_diffrn_source.source                      SYNCHROTRON 
_diffrn_source.type                        'SLS BEAMLINE X10SA' 
_diffrn_source.pdbx_synchrotron_site       SLS 
_diffrn_source.pdbx_synchrotron_beamline   X10SA 
_diffrn_source.pdbx_wavelength             0.979 
_diffrn_source.pdbx_wavelength_list        ? 
# 
_reflns.pdbx_diffrn_id               1 
_reflns.pdbx_ordinal                 1 
_reflns.entry_id                     2J1L 
_reflns.observed_criterion_sigma_I   0.000 
_reflns.observed_criterion_sigma_F   ? 
_reflns.d_resolution_low             50.600 
_reflns.d_resolution_high            2.500 
_reflns.number_obs                   9805 
_reflns.number_all                   ? 
_reflns.percent_possible_obs         100.0 
_reflns.pdbx_Rmerge_I_obs            0.09000 
_reflns.pdbx_Rsym_value              ? 
_reflns.pdbx_netI_over_sigmaI        16.8000 
_reflns.B_iso_Wilson_estimate        82.90 
_reflns.pdbx_redundancy              8.100 
# 
_reflns_shell.pdbx_diffrn_id         1 
_reflns_shell.pdbx_ordinal           1 
_reflns_shell.d_res_high             2.50 
_reflns_shell.d_res_low              2.62 
_reflns_shell.percent_possible_all   100.0 
_reflns_shell.Rmerge_I_obs           0.66000 
_reflns_shell.pdbx_Rsym_value        ? 
_reflns_shell.meanI_over_sigI_obs    2.300 
_reflns_shell.pdbx_redundancy        5.30 
# 
_refine.pdbx_refine_id                           'X-RAY DIFFRACTION' 
_refine.entry_id                                 2J1L 
_refine.pdbx_diffrn_id                           1 
_refine.pdbx_TLS_residual_ADP_flag               'LIKELY RESIDUAL' 
_refine.ls_number_reflns_obs                     9279 
_refine.ls_number_reflns_all                     ? 
_refine.pdbx_ls_sigma_I                          ? 
_refine.pdbx_ls_sigma_F                          ? 
_refine.pdbx_data_cutoff_high_absF               ? 
_refine.pdbx_data_cutoff_low_absF                ? 
_refine.pdbx_data_cutoff_high_rms_absF           ? 
_refine.ls_d_res_low                             50.00 
_refine.ls_d_res_high                            2.50 
_refine.ls_percent_reflns_obs                    100.0 
_refine.ls_R_factor_obs                          0.219 
_refine.ls_R_factor_all                          ? 
_refine.ls_R_factor_R_work                       0.217 
_refine.ls_R_factor_R_free                       0.242 
_refine.ls_R_factor_R_free_error                 ? 
_refine.ls_R_factor_R_free_error_details         ? 
_refine.ls_percent_reflns_R_free                 4.800 
_refine.ls_number_reflns_R_free                  467 
_refine.ls_number_parameters                     ? 
_refine.ls_number_restraints                     ? 
_refine.occupancy_min                            ? 
_refine.occupancy_max                            ? 
_refine.correlation_coeff_Fo_to_Fc               0.955 
_refine.correlation_coeff_Fo_to_Fc_free          0.947 
_refine.B_iso_mean                               51.86 
_refine.aniso_B[1][1]                            3.50000 
_refine.aniso_B[2][2]                            3.50000 
_refine.aniso_B[3][3]                            -5.25000 
_refine.aniso_B[1][2]                            1.75000 
_refine.aniso_B[1][3]                            0.00000 
_refine.aniso_B[2][3]                            0.00000 
_refine.solvent_model_details                    MASK 
_refine.solvent_model_param_ksol                 ? 
_refine.solvent_model_param_bsol                 ? 
_refine.pdbx_solvent_vdw_probe_radii             1.40 
_refine.pdbx_solvent_ion_probe_radii             0.80 
_refine.pdbx_solvent_shrinkage_radii             0.80 
_refine.pdbx_ls_cross_valid_method               THROUGHOUT 
_refine.details                                  
;HYDROGENS HAVE BEEN ADDED IN THE RIDING POSITIONS. ELECTRON DENSITY SUGGESTS HIGH LIKELIHOOD OF A DOMAIN SWAP. IN THE CRYSTAL, THE AMINO TERMINAL RESIDUES 15- 39 APPEAR TO BE EXCHANGED WITH AN ADJACENT MOLECULE. HOWEVER THE INTERVENING 'SWITCH 1' REGION BETWEEN RESIDUES 39 AND 47 IS DISORDERED. CONSEQUENTLY THE COMPACT FORM OF THE MOLECULE IS PRESENTED IN THIS ENTRY AS THE DOMAIN SWAP CANNOT BE CONFIRMED UNAMBIGUOUSLY. MASS SPECTROMETRIC ANALYSIS OF THE CRYSTALS CONFIRM THAT THE MOLECULE IS INTACT.
;
_refine.pdbx_starting_model                      'PDB ENTRY 1MH1' 
_refine.pdbx_method_to_determine_struct          'MOLECULAR REPLACEMENT' 
_refine.pdbx_isotropic_thermal_model             ? 
_refine.pdbx_stereochemistry_target_values       'MAXIMUM LIKELIHOOD' 
_refine.pdbx_stereochem_target_val_spec_case     ? 
_refine.pdbx_R_Free_selection_details            RANDOM 
_refine.pdbx_overall_ESU_R                       0.285 
_refine.pdbx_overall_ESU_R_Free                  0.221 
_refine.overall_SU_ML                            0.188 
_refine.pdbx_overall_phase_error                 ? 
_refine.overall_SU_B                             17.082 
_refine.overall_SU_R_Cruickshank_DPI             ? 
_refine.pdbx_overall_SU_R_free_Cruickshank_DPI   ? 
_refine.pdbx_overall_SU_R_Blow_DPI               ? 
_refine.pdbx_overall_SU_R_free_Blow_DPI          ? 
# 
_refine_hist.pdbx_refine_id                   'X-RAY DIFFRACTION' 
_refine_hist.cycle_id                         LAST 
_refine_hist.pdbx_number_atoms_protein        1160 
_refine_hist.pdbx_number_atoms_nucleic_acid   0 
_refine_hist.pdbx_number_atoms_ligand         29 
_refine_hist.number_atoms_solvent             8 
_refine_hist.number_atoms_total               1197 
_refine_hist.d_res_high                       2.50 
_refine_hist.d_res_low                        50.00 
# 
loop_
_refine_ls_restr.type 
_refine_ls_restr.dev_ideal 
_refine_ls_restr.dev_ideal_target 
_refine_ls_restr.weight 
_refine_ls_restr.number 
_refine_ls_restr.pdbx_refine_id 
_refine_ls_restr.pdbx_restraint_function 
r_bond_refined_d             0.012  0.021  ? 1214 'X-RAY DIFFRACTION' ? 
r_bond_other_d               0.002  0.020  ? 757  'X-RAY DIFFRACTION' ? 
r_angle_refined_deg          1.401  1.967  ? 1659 'X-RAY DIFFRACTION' ? 
r_angle_other_deg            0.894  3.000  ? 1847 'X-RAY DIFFRACTION' ? 
r_dihedral_angle_1_deg       6.389  5.000  ? 154  'X-RAY DIFFRACTION' ? 
r_dihedral_angle_2_deg       36.856 23.617 ? 47   'X-RAY DIFFRACTION' ? 
r_dihedral_angle_3_deg       16.431 15.000 ? 171  'X-RAY DIFFRACTION' ? 
r_dihedral_angle_4_deg       23.310 15.000 ? 6    'X-RAY DIFFRACTION' ? 
r_chiral_restr               0.074  0.200  ? 195  'X-RAY DIFFRACTION' ? 
r_gen_planes_refined         0.004  0.020  ? 1350 'X-RAY DIFFRACTION' ? 
r_gen_planes_other           0.001  0.020  ? 246  'X-RAY DIFFRACTION' ? 
r_nbd_refined                0.230  0.200  ? 231  'X-RAY DIFFRACTION' ? 
r_nbd_other                  0.185  0.200  ? 728  'X-RAY DIFFRACTION' ? 
r_nbtor_refined              0.181  0.200  ? 580  'X-RAY DIFFRACTION' ? 
r_nbtor_other                0.086  0.200  ? 647  'X-RAY DIFFRACTION' ? 
r_xyhbond_nbd_refined        0.145  0.200  ? 34   'X-RAY DIFFRACTION' ? 
r_xyhbond_nbd_other          ?      ?      ? ?    'X-RAY DIFFRACTION' ? 
r_metal_ion_refined          ?      ?      ? ?    'X-RAY DIFFRACTION' ? 
r_metal_ion_other            ?      ?      ? ?    'X-RAY DIFFRACTION' ? 
r_symmetry_vdw_refined       0.093  0.200  ? 5    'X-RAY DIFFRACTION' ? 
r_symmetry_vdw_other         0.097  0.200  ? 12   'X-RAY DIFFRACTION' ? 
r_symmetry_hbond_refined     ?      ?      ? ?    'X-RAY DIFFRACTION' ? 
r_symmetry_hbond_other       ?      ?      ? ?    'X-RAY DIFFRACTION' ? 
r_symmetry_metal_ion_refined ?      ?      ? ?    'X-RAY DIFFRACTION' ? 
r_symmetry_metal_ion_other   ?      ?      ? ?    'X-RAY DIFFRACTION' ? 
r_mcbond_it                  0.499  1.500  ? 792  'X-RAY DIFFRACTION' ? 
r_mcbond_other               ?      ?      ? ?    'X-RAY DIFFRACTION' ? 
r_mcangle_it                 0.923  2.000  ? 1244 'X-RAY DIFFRACTION' ? 
r_mcangle_other              ?      ?      ? ?    'X-RAY DIFFRACTION' ? 
r_scbond_it                  1.353  3.000  ? 487  'X-RAY DIFFRACTION' ? 
r_scbond_other               ?      ?      ? ?    'X-RAY DIFFRACTION' ? 
r_scangle_it                 2.128  4.500  ? 415  'X-RAY DIFFRACTION' ? 
r_scangle_other              ?      ?      ? ?    'X-RAY DIFFRACTION' ? 
r_long_range_B_refined       ?      ?      ? ?    'X-RAY DIFFRACTION' ? 
r_long_range_B_other         ?      ?      ? ?    'X-RAY DIFFRACTION' ? 
r_rigid_bond_restr           ?      ?      ? ?    'X-RAY DIFFRACTION' ? 
r_sphericity_free            ?      ?      ? ?    'X-RAY DIFFRACTION' ? 
r_sphericity_bonded          ?      ?      ? ?    'X-RAY DIFFRACTION' ? 
# 
_refine_ls_shell.pdbx_refine_id                   'X-RAY DIFFRACTION' 
_refine_ls_shell.pdbx_total_number_of_bins_used   20 
_refine_ls_shell.d_res_high                       2.50 
_refine_ls_shell.d_res_low                        2.56 
_refine_ls_shell.number_reflns_R_work             676 
_refine_ls_shell.R_factor_R_work                  0.3840 
_refine_ls_shell.percent_reflns_obs               ? 
_refine_ls_shell.R_factor_R_free                  0.4380 
_refine_ls_shell.R_factor_R_free_error            ? 
_refine_ls_shell.percent_reflns_R_free            ? 
_refine_ls_shell.number_reflns_R_free             41 
_refine_ls_shell.number_reflns_all                ? 
_refine_ls_shell.R_factor_all                     ? 
# 
_struct.entry_id                  2J1L 
_struct.title                     'Crystal Structure of Human Rho-related GTP-binding protein RhoD' 
_struct.pdbx_model_details        ? 
_struct.pdbx_CASP_flag            ? 
_struct.pdbx_model_type_details   ? 
# 
_struct_keywords.entry_id        2J1L 
_struct_keywords.pdbx_keywords   HYDROLASE 
_struct_keywords.text            
'GTPASE, MEMBRANE, GTP-BINDING, PRENYLATION, HYDROLASE, NUCLEOTIDE-BINDING, METHYLATION, LIPOPROTEIN, ENDOSOME DYNAMICS' 
# 
loop_
_struct_asym.id 
_struct_asym.pdbx_blank_PDB_chainid_flag 
_struct_asym.pdbx_modified 
_struct_asym.entity_id 
_struct_asym.details 
A N N 1 ? 
B N N 2 ? 
C N N 3 ? 
D N N 4 ? 
# 
_struct_biol.id   1 
# 
loop_
_struct_conf.conf_type_id 
_struct_conf.id 
_struct_conf.pdbx_PDB_helix_id 
_struct_conf.beg_label_comp_id 
_struct_conf.beg_label_asym_id 
_struct_conf.beg_label_seq_id 
_struct_conf.pdbx_beg_PDB_ins_code 
_struct_conf.end_label_comp_id 
_struct_conf.end_label_asym_id 
_struct_conf.end_label_seq_id 
_struct_conf.pdbx_end_PDB_ins_code 
_struct_conf.beg_auth_comp_id 
_struct_conf.beg_auth_asym_id 
_struct_conf.beg_auth_seq_id 
_struct_conf.end_auth_comp_id 
_struct_conf.end_auth_asym_id 
_struct_conf.end_auth_seq_id 
_struct_conf.pdbx_PDB_helix_class 
_struct_conf.details 
_struct_conf.pdbx_PDB_helix_length 
HELX_P HELX_P1 1 GLY A 46  ? ASP A 56  ? GLY A 29  ASP A 39  1 ? 11 
HELX_P HELX_P2 2 SER A 117 ? ARG A 127 ? SER A 100 ARG A 110 1 ? 11 
HELX_P HELX_P3 3 ARG A 127 ? CYS A 136 ? ARG A 110 CYS A 119 1 ? 10 
HELX_P HELX_P4 4 LYS A 147 ? LYS A 152 ? LYS A 130 LYS A 135 5 ? 6  
HELX_P HELX_P5 5 ASP A 153 ? ASN A 163 ? ASP A 136 ASN A 146 1 ? 11 
HELX_P HELX_P6 6 THR A 169 ? VAL A 180 ? THR A 152 VAL A 163 1 ? 12 
HELX_P HELX_P7 7 ASN A 195 ? SER A 210 ? ASN A 178 SER A 193 1 ? 16 
# 
_struct_conf_type.id          HELX_P 
_struct_conf_type.criteria    ? 
_struct_conf_type.reference   ? 
# 
loop_
_struct_conn.id 
_struct_conn.conn_type_id 
_struct_conn.pdbx_leaving_atom_flag 
_struct_conn.pdbx_PDB_id 
_struct_conn.ptnr1_label_asym_id 
_struct_conn.ptnr1_label_comp_id 
_struct_conn.ptnr1_label_seq_id 
_struct_conn.ptnr1_label_atom_id 
_struct_conn.pdbx_ptnr1_label_alt_id 
_struct_conn.pdbx_ptnr1_PDB_ins_code 
_struct_conn.pdbx_ptnr1_standard_comp_id 
_struct_conn.ptnr1_symmetry 
_struct_conn.ptnr2_label_asym_id 
_struct_conn.ptnr2_label_comp_id 
_struct_conn.ptnr2_label_seq_id 
_struct_conn.ptnr2_label_atom_id 
_struct_conn.pdbx_ptnr2_label_alt_id 
_struct_conn.pdbx_ptnr2_PDB_ins_code 
_struct_conn.ptnr1_auth_asym_id 
_struct_conn.ptnr1_auth_comp_id 
_struct_conn.ptnr1_auth_seq_id 
_struct_conn.ptnr2_auth_asym_id 
_struct_conn.ptnr2_auth_comp_id 
_struct_conn.ptnr2_auth_seq_id 
_struct_conn.ptnr2_symmetry 
_struct_conn.pdbx_ptnr3_label_atom_id 
_struct_conn.pdbx_ptnr3_label_seq_id 
_struct_conn.pdbx_ptnr3_label_comp_id 
_struct_conn.pdbx_ptnr3_label_asym_id 
_struct_conn.pdbx_ptnr3_label_alt_id 
_struct_conn.pdbx_ptnr3_PDB_ins_code 
_struct_conn.details 
_struct_conn.pdbx_dist_value 
_struct_conn.pdbx_value_order 
_struct_conn.pdbx_role 
metalc1 metalc ? ? A THR 48 OG1 ? ? ? 1_555 C MG  . MG ? ? A THR 31   A MG  1195 1_555 ? ? ? ? ? ? ? 2.360 ? ? 
metalc2 metalc ? ? B GDP .  O1B ? ? ? 1_555 C MG  . MG ? ? A GDP 1194 A MG  1195 1_555 ? ? ? ? ? ? ? 2.160 ? ? 
metalc3 metalc ? ? B GDP .  O3B ? ? ? 1_555 C MG  . MG ? ? A GDP 1194 A MG  1195 1_555 ? ? ? ? ? ? ? 2.629 ? ? 
metalc4 metalc ? ? C MG  .  MG  ? ? ? 1_555 D HOH . O  ? ? A MG  1195 A HOH 2002 1_555 ? ? ? ? ? ? ? 2.163 ? ? 
metalc5 metalc ? ? C MG  .  MG  ? ? ? 1_555 D HOH . O  ? ? A MG  1195 A HOH 2003 1_555 ? ? ? ? ? ? ? 2.153 ? ? 
metalc6 metalc ? ? C MG  .  MG  ? ? ? 1_555 D HOH . O  ? ? A MG  1195 A HOH 2004 1_555 ? ? ? ? ? ? ? 2.190 ? ? 
# 
_struct_conn_type.id          metalc 
_struct_conn_type.criteria    ? 
_struct_conn_type.reference   ? 
# 
_struct_sheet.id               AA 
_struct_sheet.type             ? 
_struct_sheet.number_strands   6 
_struct_sheet.details          ? 
# 
loop_
_struct_sheet_order.sheet_id 
_struct_sheet_order.range_id_1 
_struct_sheet_order.range_id_2 
_struct_sheet_order.offset 
_struct_sheet_order.sense 
AA 1 2 ? anti-parallel 
AA 2 3 ? parallel      
AA 3 4 ? parallel      
AA 4 5 ? parallel      
AA 5 6 ? parallel      
# 
loop_
_struct_sheet_range.sheet_id 
_struct_sheet_range.id 
_struct_sheet_range.beg_label_comp_id 
_struct_sheet_range.beg_label_asym_id 
_struct_sheet_range.beg_label_seq_id 
_struct_sheet_range.pdbx_beg_PDB_ins_code 
_struct_sheet_range.end_label_comp_id 
_struct_sheet_range.end_label_asym_id 
_struct_sheet_range.end_label_seq_id 
_struct_sheet_range.pdbx_end_PDB_ins_code 
_struct_sheet_range.beg_auth_comp_id 
_struct_sheet_range.beg_auth_asym_id 
_struct_sheet_range.beg_auth_seq_id 
_struct_sheet_range.end_auth_comp_id 
_struct_sheet_range.end_auth_asym_id 
_struct_sheet_range.end_auth_seq_id 
AA 1 GLU A 69  ? VAL A 77  ? GLU A 52  VAL A 60  
AA 2 LYS A 80  ? ASP A 88  ? LYS A 63  ASP A 71  
AA 3 SER A 34  ? GLY A 41  ? SER A 17  GLY A 24  
AA 4 ALA A 106 ? ASP A 114 ? ALA A 89  ASP A 97  
AA 5 ILE A 141 ? CYS A 146 ? ILE A 124 CYS A 129 
AA 6 ALA A 184 ? GLU A 187 ? ALA A 167 GLU A 170 
# 
loop_
_pdbx_struct_sheet_hbond.sheet_id 
_pdbx_struct_sheet_hbond.range_id_1 
_pdbx_struct_sheet_hbond.range_id_2 
_pdbx_struct_sheet_hbond.range_1_label_atom_id 
_pdbx_struct_sheet_hbond.range_1_label_comp_id 
_pdbx_struct_sheet_hbond.range_1_label_asym_id 
_pdbx_struct_sheet_hbond.range_1_label_seq_id 
_pdbx_struct_sheet_hbond.range_1_PDB_ins_code 
_pdbx_struct_sheet_hbond.range_1_auth_atom_id 
_pdbx_struct_sheet_hbond.range_1_auth_comp_id 
_pdbx_struct_sheet_hbond.range_1_auth_asym_id 
_pdbx_struct_sheet_hbond.range_1_auth_seq_id 
_pdbx_struct_sheet_hbond.range_2_label_atom_id 
_pdbx_struct_sheet_hbond.range_2_label_comp_id 
_pdbx_struct_sheet_hbond.range_2_label_asym_id 
_pdbx_struct_sheet_hbond.range_2_label_seq_id 
_pdbx_struct_sheet_hbond.range_2_PDB_ins_code 
_pdbx_struct_sheet_hbond.range_2_auth_atom_id 
_pdbx_struct_sheet_hbond.range_2_auth_comp_id 
_pdbx_struct_sheet_hbond.range_2_auth_asym_id 
_pdbx_struct_sheet_hbond.range_2_auth_seq_id 
AA 1 2 N VAL A 77  ? N VAL A 60  O LYS A 80  ? O LYS A 63  
AA 2 3 N HIS A 85  ? N HIS A 68  O VAL A 35  ? O VAL A 18  
AA 3 4 N LYS A 36  ? N LYS A 19  O ALA A 106 ? O ALA A 89  
AA 4 5 N LEU A 111 ? N LEU A 94  O ILE A 142 ? O ILE A 125 
AA 5 6 N VAL A 143 ? N VAL A 126 O ALA A 184 ? O ALA A 167 
# 
loop_
_struct_site.id 
_struct_site.pdbx_evidence_code 
_struct_site.pdbx_auth_asym_id 
_struct_site.pdbx_auth_comp_id 
_struct_site.pdbx_auth_seq_id 
_struct_site.pdbx_auth_ins_code 
_struct_site.pdbx_num_residues 
_struct_site.details 
AC1 Software ? ? ? ? 5  'BINDING SITE FOR RESIDUE MG A1195'  
AC2 Software ? ? ? ? 16 'BINDING SITE FOR RESIDUE GDP A1194' 
# 
loop_
_struct_site_gen.id 
_struct_site_gen.site_id 
_struct_site_gen.pdbx_num_res 
_struct_site_gen.label_comp_id 
_struct_site_gen.label_asym_id 
_struct_site_gen.label_seq_id 
_struct_site_gen.pdbx_auth_ins_code 
_struct_site_gen.auth_comp_id 
_struct_site_gen.auth_asym_id 
_struct_site_gen.auth_seq_id 
_struct_site_gen.label_atom_id 
_struct_site_gen.label_alt_id 
_struct_site_gen.symmetry 
_struct_site_gen.details 
1  AC1 5  THR A 48  ? THR A 31   . ? 1_555 ? 
2  AC1 5  GDP B .   ? GDP A 1194 . ? 1_555 ? 
3  AC1 5  HOH D .   ? HOH A 2002 . ? 1_555 ? 
4  AC1 5  HOH D .   ? HOH A 2003 . ? 1_555 ? 
5  AC1 5  HOH D .   ? HOH A 2004 . ? 1_555 ? 
6  AC2 16 ASP A 42  ? ASP A 25   . ? 1_555 ? 
7  AC2 16 GLY A 44  ? GLY A 27   . ? 1_555 ? 
8  AC2 16 CYS A 45  ? CYS A 28   . ? 1_555 ? 
9  AC2 16 GLY A 46  ? GLY A 29   . ? 1_555 ? 
10 AC2 16 LYS A 47  ? LYS A 30   . ? 1_555 ? 
11 AC2 16 THR A 48  ? THR A 31   . ? 1_555 ? 
12 AC2 16 SER A 49  ? SER A 32   . ? 1_555 ? 
13 AC2 16 LYS A 147 ? LYS A 130  . ? 1_555 ? 
14 AC2 16 ASP A 149 ? ASP A 132  . ? 1_555 ? 
15 AC2 16 LEU A 150 ? LEU A 133  . ? 1_555 ? 
16 AC2 16 SER A 189 ? SER A 172  . ? 1_555 ? 
17 AC2 16 ALA A 190 ? ALA A 173  . ? 1_555 ? 
18 AC2 16 ARG A 191 ? ARG A 174  . ? 1_555 ? 
19 AC2 16 MG  C .   ? MG  A 1195 . ? 1_555 ? 
20 AC2 16 HOH D .   ? HOH A 2001 . ? 1_555 ? 
21 AC2 16 HOH D .   ? HOH A 2002 . ? 1_555 ? 
# 
_atom_sites.entry_id                    2J1L 
_atom_sites.fract_transf_matrix[1][1]   0.00004953 
_atom_sites.fract_transf_matrix[1][2]   0.01336922 
_atom_sites.fract_transf_matrix[1][3]   0.01095384 
_atom_sites.fract_transf_matrix[2][1]   -0.00753325 
_atom_sites.fract_transf_matrix[2][2]   0.01488890 
_atom_sites.fract_transf_matrix[2][3]   -0.00450255 
_atom_sites.fract_transf_matrix[3][1]   -0.00830595 
_atom_sites.fract_transf_matrix[3][2]   -0.00306127 
_atom_sites.fract_transf_matrix[3][3]   0.00377385 
_atom_sites.fract_transf_vector[1]      -0.345467 
_atom_sites.fract_transf_vector[2]      0.334991 
_atom_sites.fract_transf_vector[3]      -0.020080 
# 
loop_
_atom_type.symbol 
C  
MG 
N  
O  
P  
S  
# 
loop_
_atom_site.group_PDB 
_atom_site.id 
_atom_site.type_symbol 
_atom_site.label_atom_id 
_atom_site.label_alt_id 
_atom_site.label_comp_id 
_atom_site.label_asym_id 
_atom_site.label_entity_id 
_atom_site.label_seq_id 
_atom_site.pdbx_PDB_ins_code 
_atom_site.Cartn_x 
_atom_site.Cartn_y 
_atom_site.Cartn_z 
_atom_site.occupancy 
_atom_site.B_iso_or_equiv 
_atom_site.pdbx_formal_charge 
_atom_site.auth_seq_id 
_atom_site.auth_comp_id 
_atom_site.auth_asym_id 
_atom_site.auth_atom_id 
_atom_site.pdbx_PDB_model_num 
ATOM   1    N  N     . VAL A 1 32  ? 12.593  -4.785  -22.030 1.00 63.94 ? 15   VAL A N     1 
ATOM   2    C  CA    . VAL A 1 32  ? 11.802  -3.542  -21.817 1.00 64.01 ? 15   VAL A CA    1 
ATOM   3    C  C     . VAL A 1 32  ? 10.609  -3.778  -20.882 1.00 64.16 ? 15   VAL A C     1 
ATOM   4    O  O     . VAL A 1 32  ? 9.631   -3.038  -20.943 1.00 64.35 ? 15   VAL A O     1 
ATOM   5    C  CB    . VAL A 1 32  ? 11.279  -3.004  -23.168 1.00 63.99 ? 15   VAL A CB    1 
ATOM   6    N  N     . ARG A 1 33  ? 10.726  -4.770  -19.989 1.00 64.14 ? 16   ARG A N     1 
ATOM   7    C  CA    . ARG A 1 33  ? 9.557   -5.432  -19.348 1.00 64.04 ? 16   ARG A CA    1 
ATOM   8    C  C     . ARG A 1 33  ? 8.648   -4.535  -18.485 1.00 63.81 ? 16   ARG A C     1 
ATOM   9    O  O     . ARG A 1 33  ? 9.044   -3.442  -18.076 1.00 63.83 ? 16   ARG A O     1 
ATOM   10   C  CB    . ARG A 1 33  ? 9.988   -6.702  -18.570 1.00 64.11 ? 16   ARG A CB    1 
ATOM   11   C  CG    . ARG A 1 33  ? 11.298  -6.598  -17.766 1.00 64.49 ? 16   ARG A CG    1 
ATOM   12   C  CD    . ARG A 1 33  ? 11.435  -7.728  -16.745 1.00 64.32 ? 16   ARG A CD    1 
ATOM   13   N  N     . SER A 1 34  ? 7.431   -5.024  -18.214 1.00 63.46 ? 17   SER A N     1 
ATOM   14   C  CA    . SER A 1 34  ? 6.294   -4.184  -17.775 1.00 62.93 ? 17   SER A CA    1 
ATOM   15   C  C     . SER A 1 34  ? 5.483   -4.779  -16.600 1.00 62.86 ? 17   SER A C     1 
ATOM   16   O  O     . SER A 1 34  ? 5.398   -6.007  -16.478 1.00 62.91 ? 17   SER A O     1 
ATOM   17   C  CB    . SER A 1 34  ? 5.376   -3.981  -18.980 1.00 62.93 ? 17   SER A CB    1 
ATOM   18   O  OG    . SER A 1 34  ? 4.460   -2.929  -18.768 1.00 63.07 ? 17   SER A OG    1 
ATOM   19   N  N     . VAL A 1 35  ? 4.879   -3.925  -15.753 1.00 62.50 ? 18   VAL A N     1 
ATOM   20   C  CA    . VAL A 1 35  ? 4.208   -4.372  -14.496 1.00 62.15 ? 18   VAL A CA    1 
ATOM   21   C  C     . VAL A 1 35  ? 2.937   -3.566  -14.123 1.00 61.98 ? 18   VAL A C     1 
ATOM   22   O  O     . VAL A 1 35  ? 2.904   -2.345  -14.279 1.00 61.75 ? 18   VAL A O     1 
ATOM   23   C  CB    . VAL A 1 35  ? 5.179   -4.299  -13.266 1.00 61.94 ? 18   VAL A CB    1 
ATOM   24   C  CG1   . VAL A 1 35  ? 4.495   -4.790  -12.001 1.00 62.26 ? 18   VAL A CG1   1 
ATOM   25   C  CG2   . VAL A 1 35  ? 6.403   -5.112  -13.489 1.00 61.75 ? 18   VAL A CG2   1 
ATOM   26   N  N     . LYS A 1 36  ? 1.921   -4.260  -13.593 1.00 61.75 ? 19   LYS A N     1 
ATOM   27   C  CA    . LYS A 1 36  ? 0.642   -3.658  -13.155 1.00 61.64 ? 19   LYS A CA    1 
ATOM   28   C  C     . LYS A 1 36  ? 0.565   -3.557  -11.607 1.00 61.84 ? 19   LYS A C     1 
ATOM   29   O  O     . LYS A 1 36  ? 0.701   -4.558  -10.901 1.00 61.63 ? 19   LYS A O     1 
ATOM   30   C  CB    . LYS A 1 36  ? -0.539  -4.506  -13.681 1.00 61.75 ? 19   LYS A CB    1 
ATOM   31   C  CG    . LYS A 1 36  ? -1.956  -3.900  -13.502 1.00 61.72 ? 19   LYS A CG    1 
ATOM   32   C  CD    . LYS A 1 36  ? -3.081  -4.777  -14.109 1.00 60.89 ? 19   LYS A CD    1 
ATOM   33   N  N     . VAL A 1 37  ? 0.346   -2.356  -11.079 1.00 61.89 ? 20   VAL A N     1 
ATOM   34   C  CA    . VAL A 1 37  ? 0.258   -2.167  -9.631  1.00 62.09 ? 20   VAL A CA    1 
ATOM   35   C  C     . VAL A 1 37  ? -1.130  -1.645  -9.335  1.00 62.28 ? 20   VAL A C     1 
ATOM   36   O  O     . VAL A 1 37  ? -1.533  -0.638  -9.915  1.00 63.41 ? 20   VAL A O     1 
ATOM   37   C  CB    . VAL A 1 37  ? 1.321   -1.180  -9.124  1.00 61.88 ? 20   VAL A CB    1 
ATOM   38   C  CG1   . VAL A 1 37  ? 1.372   -1.180  -7.610  1.00 62.03 ? 20   VAL A CG1   1 
ATOM   39   C  CG2   . VAL A 1 37  ? 2.678   -1.565  -9.667  1.00 61.62 ? 20   VAL A CG2   1 
ATOM   40   N  N     . VAL A 1 38  ? -1.892  -2.354  -8.497  1.00 62.14 ? 21   VAL A N     1 
ATOM   41   C  CA    . VAL A 1 38  ? -3.233  -1.897  -8.114  1.00 61.51 ? 21   VAL A CA    1 
ATOM   42   C  C     . VAL A 1 38  ? -3.224  -1.456  -6.670  1.00 61.68 ? 21   VAL A C     1 
ATOM   43   O  O     . VAL A 1 38  ? -2.813  -2.210  -5.794  1.00 61.17 ? 21   VAL A O     1 
ATOM   44   C  CB    . VAL A 1 38  ? -4.308  -2.981  -8.325  1.00 61.64 ? 21   VAL A CB    1 
ATOM   45   C  CG1   . VAL A 1 38  ? -5.668  -2.476  -7.860  1.00 60.25 ? 21   VAL A CG1   1 
ATOM   46   C  CG2   . VAL A 1 38  ? -4.356  -3.400  -9.802  1.00 60.35 ? 21   VAL A CG2   1 
ATOM   47   N  N     . LEU A 1 39  ? -3.641  -0.217  -6.424  1.00 62.10 ? 22   LEU A N     1 
ATOM   48   C  CA    . LEU A 1 39  ? -3.748  0.281   -5.052  1.00 62.61 ? 22   LEU A CA    1 
ATOM   49   C  C     . LEU A 1 39  ? -5.155  0.001   -4.518  1.00 63.11 ? 22   LEU A C     1 
ATOM   50   O  O     . LEU A 1 39  ? -6.162  0.330   -5.162  1.00 63.75 ? 22   LEU A O     1 
ATOM   51   C  CB    . LEU A 1 39  ? -3.455  1.776   -4.977  1.00 62.67 ? 22   LEU A CB    1 
ATOM   52   C  CG    . LEU A 1 39  ? -2.124  2.330   -5.509  1.00 62.76 ? 22   LEU A CG    1 
ATOM   53   C  CD1   . LEU A 1 39  ? -1.980  3.786   -5.099  1.00 63.92 ? 22   LEU A CD1   1 
ATOM   54   C  CD2   . LEU A 1 39  ? -0.955  1.544   -5.017  1.00 63.84 ? 22   LEU A CD2   1 
ATOM   55   N  N     . VAL A 1 40  ? -5.219  -0.596  -3.331  1.00 63.18 ? 23   VAL A N     1 
ATOM   56   C  CA    . VAL A 1 40  ? -6.482  -1.012  -2.725  1.00 62.78 ? 23   VAL A CA    1 
ATOM   57   C  C     . VAL A 1 40  ? -6.480  -0.597  -1.253  1.00 61.90 ? 23   VAL A C     1 
ATOM   58   O  O     . VAL A 1 40  ? -5.458  -0.571  -0.607  1.00 62.31 ? 23   VAL A O     1 
ATOM   59   C  CB    . VAL A 1 40  ? -6.656  -2.542  -2.955  1.00 63.22 ? 23   VAL A CB    1 
ATOM   60   C  CG1   . VAL A 1 40  ? -7.696  -3.146  -2.065  1.00 63.25 ? 23   VAL A CG1   1 
ATOM   61   C  CG2   . VAL A 1 40  ? -7.008  -2.799  -4.429  1.00 63.60 ? 23   VAL A CG2   1 
ATOM   62   N  N     . GLY A 1 41  ? -7.616  -0.210  -0.716  1.00 61.81 ? 24   GLY A N     1 
ATOM   63   C  CA    . GLY A 1 41  ? -7.638  0.255   0.674   1.00 61.05 ? 24   GLY A CA    1 
ATOM   64   C  C     . GLY A 1 41  ? -8.725  1.265   0.890   1.00 60.71 ? 24   GLY A C     1 
ATOM   65   O  O     . GLY A 1 41  ? -9.311  1.786   -0.063  1.00 59.79 ? 24   GLY A O     1 
ATOM   66   N  N     . ASP A 1 42  ? -9.004  1.530   2.160   1.00 60.80 ? 25   ASP A N     1 
ATOM   67   C  CA    . ASP A 1 42  ? -10.067 2.475   2.520   1.00 60.85 ? 25   ASP A CA    1 
ATOM   68   C  C     . ASP A 1 42  ? -9.819  3.851   1.914   1.00 60.92 ? 25   ASP A C     1 
ATOM   69   O  O     . ASP A 1 42  ? -8.665  4.258   1.696   1.00 61.05 ? 25   ASP A O     1 
ATOM   70   C  CB    . ASP A 1 42  ? -10.170 2.618   4.041   1.00 60.63 ? 25   ASP A CB    1 
ATOM   71   C  CG    . ASP A 1 42  ? -10.821 1.407   4.718   1.00 61.46 ? 25   ASP A CG    1 
ATOM   72   O  OD1   . ASP A 1 42  ? -10.992 0.342   4.055   1.00 62.86 ? 25   ASP A OD1   1 
ATOM   73   O  OD2   . ASP A 1 42  ? -11.148 1.525   5.932   1.00 59.40 ? 25   ASP A OD2   1 
ATOM   74   N  N     . GLY A 1 43  ? -10.905 4.563   1.647   1.00 61.23 ? 26   GLY A N     1 
ATOM   75   C  CA    . GLY A 1 43  ? -10.831 5.955   1.230   1.00 61.43 ? 26   GLY A CA    1 
ATOM   76   C  C     . GLY A 1 43  ? -10.167 6.767   2.317   1.00 61.74 ? 26   GLY A C     1 
ATOM   77   O  O     . GLY A 1 43  ? -10.398 6.530   3.497   1.00 61.44 ? 26   GLY A O     1 
ATOM   78   N  N     . GLY A 1 44  ? -9.310  7.703   1.911   1.00 62.49 ? 27   GLY A N     1 
ATOM   79   C  CA    . GLY A 1 44  ? -8.613  8.587   2.851   1.00 62.71 ? 27   GLY A CA    1 
ATOM   80   C  C     . GLY A 1 44  ? -7.392  7.969   3.525   1.00 62.91 ? 27   GLY A C     1 
ATOM   81   O  O     . GLY A 1 44  ? -6.770  8.601   4.395   1.00 62.18 ? 27   GLY A O     1 
ATOM   82   N  N     . CYS A 1 45  ? -7.022  6.751   3.133   1.00 63.25 ? 28   CYS A N     1 
ATOM   83   C  CA    . CYS A 1 45  ? -5.856  6.106   3.752   1.00 64.35 ? 28   CYS A CA    1 
ATOM   84   C  C     . CYS A 1 45  ? -4.533  6.503   3.078   1.00 63.98 ? 28   CYS A C     1 
ATOM   85   O  O     . CYS A 1 45  ? -3.476  6.145   3.564   1.00 64.00 ? 28   CYS A O     1 
ATOM   86   C  CB    . CYS A 1 45  ? -6.010  4.589   3.784   1.00 64.79 ? 28   CYS A CB    1 
ATOM   87   S  SG    . CYS A 1 45  ? -5.670  3.812   2.203   1.00 69.51 ? 28   CYS A SG    1 
ATOM   88   N  N     . GLY A 1 46  ? -4.590  7.262   1.982   1.00 63.96 ? 29   GLY A N     1 
ATOM   89   C  CA    . GLY A 1 46  ? -3.387  7.896   1.421   1.00 63.51 ? 29   GLY A CA    1 
ATOM   90   C  C     . GLY A 1 46  ? -2.920  7.381   0.067   1.00 62.89 ? 29   GLY A C     1 
ATOM   91   O  O     . GLY A 1 46  ? -1.824  7.712   -0.371  1.00 62.89 ? 29   GLY A O     1 
ATOM   92   N  N     . LYS A 1 47  ? -3.773  6.618   -0.612  1.00 62.37 ? 30   LYS A N     1 
ATOM   93   C  CA    . LYS A 1 47  ? -3.429  5.975   -1.875  1.00 61.90 ? 30   LYS A CA    1 
ATOM   94   C  C     . LYS A 1 47  ? -3.075  6.985   -2.967  1.00 62.40 ? 30   LYS A C     1 
ATOM   95   O  O     . LYS A 1 47  ? -1.982  6.934   -3.533  1.00 62.05 ? 30   LYS A O     1 
ATOM   96   C  CB    . LYS A 1 47  ? -4.573  5.056   -2.328  1.00 61.86 ? 30   LYS A CB    1 
ATOM   97   C  CG    . LYS A 1 47  ? -4.869  3.881   -1.327  1.00 60.89 ? 30   LYS A CG    1 
ATOM   98   C  CD    . LYS A 1 47  ? -6.049  2.960   -1.703  1.00 61.54 ? 30   LYS A CD    1 
ATOM   99   C  CE    . LYS A 1 47  ? -7.338  3.665   -2.196  1.00 60.63 ? 30   LYS A CE    1 
ATOM   100  N  NZ    . LYS A 1 47  ? -7.972  4.521   -1.169  1.00 60.52 ? 30   LYS A NZ    1 
ATOM   101  N  N     . THR A 1 48  ? -3.979  7.914   -3.255  1.00 62.92 ? 31   THR A N     1 
ATOM   102  C  CA    . THR A 1 48  ? -3.760  8.897   -4.319  1.00 63.20 ? 31   THR A CA    1 
ATOM   103  C  C     . THR A 1 48  ? -2.484  9.697   -4.057  1.00 64.36 ? 31   THR A C     1 
ATOM   104  O  O     . THR A 1 48  ? -1.711  9.966   -4.965  1.00 64.33 ? 31   THR A O     1 
ATOM   105  C  CB    . THR A 1 48  ? -4.969  9.847   -4.473  1.00 63.20 ? 31   THR A CB    1 
ATOM   106  O  OG1   . THR A 1 48  ? -6.186  9.082   -4.559  1.00 61.29 ? 31   THR A OG1   1 
ATOM   107  C  CG2   . THR A 1 48  ? -4.818  10.705  -5.728  1.00 62.08 ? 31   THR A CG2   1 
ATOM   108  N  N     . SER A 1 49  ? -2.252  10.038  -2.796  1.00 65.61 ? 32   SER A N     1 
ATOM   109  C  CA    . SER A 1 49  ? -1.067  10.820  -2.396  1.00 66.14 ? 32   SER A CA    1 
ATOM   110  C  C     . SER A 1 49  ? 0.240   10.081  -2.572  1.00 66.18 ? 32   SER A C     1 
ATOM   111  O  O     . SER A 1 49  ? 1.267   10.665  -2.920  1.00 66.23 ? 32   SER A O     1 
ATOM   112  C  CB    . SER A 1 49  ? -1.196  11.224  -0.936  1.00 66.14 ? 32   SER A CB    1 
ATOM   113  O  OG    . SER A 1 49  ? -2.215  12.190  -0.831  1.00 67.52 ? 32   SER A OG    1 
ATOM   114  N  N     . LEU A 1 50  ? 0.201   8.794   -2.295  1.00 66.68 ? 33   LEU A N     1 
ATOM   115  C  CA    . LEU A 1 50  ? 1.352   7.940   -2.526  1.00 67.38 ? 33   LEU A CA    1 
ATOM   116  C  C     . LEU A 1 50  ? 1.741   8.084   -4.002  1.00 68.14 ? 33   LEU A C     1 
ATOM   117  O  O     . LEU A 1 50  ? 2.897   8.278   -4.357  1.00 67.82 ? 33   LEU A O     1 
ATOM   118  C  CB    . LEU A 1 50  ? 0.965   6.501   -2.161  1.00 67.40 ? 33   LEU A CB    1 
ATOM   119  C  CG    . LEU A 1 50  ? 2.014   5.452   -1.867  1.00 68.18 ? 33   LEU A CG    1 
ATOM   120  C  CD1   . LEU A 1 50  ? 2.808   5.862   -0.634  1.00 69.88 ? 33   LEU A CD1   1 
ATOM   121  C  CD2   . LEU A 1 50  ? 1.325   4.108   -1.650  1.00 66.76 ? 33   LEU A CD2   1 
ATOM   122  N  N     . LEU A 1 51  ? 0.730   8.076   -4.852  1.00 69.89 ? 34   LEU A N     1 
ATOM   123  C  CA    . LEU A 1 51  ? 0.932   8.090   -6.295  1.00 71.49 ? 34   LEU A CA    1 
ATOM   124  C  C     . LEU A 1 51  ? 1.495   9.398   -6.753  1.00 72.56 ? 34   LEU A C     1 
ATOM   125  O  O     . LEU A 1 51  ? 2.420   9.421   -7.549  1.00 72.68 ? 34   LEU A O     1 
ATOM   126  C  CB    . LEU A 1 51  ? -0.388  7.824   -7.013  1.00 71.81 ? 34   LEU A CB    1 
ATOM   127  C  CG    . LEU A 1 51  ? -0.251  6.743   -8.065  1.00 72.90 ? 34   LEU A CG    1 
ATOM   128  C  CD1   . LEU A 1 51  ? -1.629  6.391   -8.622  1.00 72.95 ? 34   LEU A CD1   1 
ATOM   129  C  CD2   . LEU A 1 51  ? 0.739   7.214   -9.149  1.00 73.35 ? 34   LEU A CD2   1 
ATOM   130  N  N     . MET A 1 52  ? 0.942   10.491  -6.234  1.00 74.62 ? 35   MET A N     1 
ATOM   131  C  CA    . MET A 1 52  ? 1.439   11.839  -6.547  1.00 76.02 ? 35   MET A CA    1 
ATOM   132  C  C     . MET A 1 52  ? 2.921   11.896  -6.335  1.00 76.23 ? 35   MET A C     1 
ATOM   133  O  O     . MET A 1 52  ? 3.668   12.220  -7.242  1.00 76.74 ? 35   MET A O     1 
ATOM   134  C  CB    . MET A 1 52  ? 0.837   12.917  -5.632  1.00 76.81 ? 35   MET A CB    1 
ATOM   135  C  CG    . MET A 1 52  ? -0.674  13.031  -5.627  1.00 79.37 ? 35   MET A CG    1 
ATOM   136  S  SD    . MET A 1 52  ? -1.360  13.188  -7.275  1.00 85.04 ? 35   MET A SD    1 
ATOM   137  N  N     . VAL A 1 53  ? 3.343   11.597  -5.115  1.00 76.33 ? 36   VAL A N     1 
ATOM   138  C  CA    . VAL A 1 53  ? 4.733   11.798  -4.744  1.00 76.36 ? 36   VAL A CA    1 
ATOM   139  C  C     . VAL A 1 53  ? 5.626   10.989  -5.660  1.00 76.14 ? 36   VAL A C     1 
ATOM   140  O  O     . VAL A 1 53  ? 6.591   11.489  -6.225  1.00 76.10 ? 36   VAL A O     1 
ATOM   141  C  CB    . VAL A 1 53  ? 4.974   11.398  -3.286  1.00 76.61 ? 36   VAL A CB    1 
ATOM   142  C  CG1   . VAL A 1 53  ? 6.475   11.157  -3.048  1.00 77.40 ? 36   VAL A CG1   1 
ATOM   143  C  CG2   . VAL A 1 53  ? 4.375   12.480  -2.338  1.00 75.81 ? 36   VAL A CG2   1 
ATOM   144  N  N     . PHE A 1 54  ? 5.266   9.729   -5.832  1.00 76.45 ? 37   PHE A N     1 
ATOM   145  C  CA    . PHE A 1 54  ? 6.002   8.861   -6.732  1.00 76.34 ? 37   PHE A CA    1 
ATOM   146  C  C     . PHE A 1 54  ? 6.071   9.452   -8.153  1.00 75.95 ? 37   PHE A C     1 
ATOM   147  O  O     . PHE A 1 54  ? 7.141   9.584   -8.709  1.00 75.37 ? 37   PHE A O     1 
ATOM   148  C  CB    . PHE A 1 54  ? 5.377   7.467   -6.744  1.00 76.51 ? 37   PHE A CB    1 
ATOM   149  C  CG    . PHE A 1 54  ? 6.163   6.470   -7.521  1.00 76.13 ? 37   PHE A CG    1 
ATOM   150  C  CD1   . PHE A 1 54  ? 7.505   6.265   -7.243  1.00 76.42 ? 37   PHE A CD1   1 
ATOM   151  C  CD2   . PHE A 1 54  ? 5.569   5.732   -8.524  1.00 76.84 ? 37   PHE A CD2   1 
ATOM   152  C  CE1   . PHE A 1 54  ? 8.259   5.347   -7.965  1.00 77.08 ? 37   PHE A CE1   1 
ATOM   153  C  CE2   . PHE A 1 54  ? 6.309   4.797   -9.251  1.00 77.65 ? 37   PHE A CE2   1 
ATOM   154  C  CZ    . PHE A 1 54  ? 7.667   4.610   -8.969  1.00 77.48 ? 37   PHE A CZ    1 
ATOM   155  N  N     . ALA A 1 55  ? 4.919   9.825   -8.707  1.00 75.90 ? 38   ALA A N     1 
ATOM   156  C  CA    . ALA A 1 55  ? 4.842   10.433  -10.051 1.00 75.52 ? 38   ALA A CA    1 
ATOM   157  C  C     . ALA A 1 55  ? 5.518   11.803  -10.101 1.00 74.94 ? 38   ALA A C     1 
ATOM   158  O  O     . ALA A 1 55  ? 6.509   11.979  -10.794 1.00 74.97 ? 38   ALA A O     1 
ATOM   159  C  CB    . ALA A 1 55  ? 3.352   10.534  -10.533 1.00 75.25 ? 38   ALA A CB    1 
ATOM   160  N  N     . ASP A 1 56  ? 4.969   12.747  -9.340  1.00 74.72 ? 39   ASP A N     1 
ATOM   161  C  CA    . ASP A 1 56  ? 5.380   14.141  -9.335  1.00 74.49 ? 39   ASP A CA    1 
ATOM   162  C  C     . ASP A 1 56  ? 6.885   14.292  -9.181  1.00 74.44 ? 39   ASP A C     1 
ATOM   163  O  O     . ASP A 1 56  ? 7.587   14.475  -10.171 1.00 74.27 ? 39   ASP A O     1 
ATOM   164  C  CB    . ASP A 1 56  ? 4.664   14.883  -8.204  1.00 74.48 ? 39   ASP A CB    1 
ATOM   165  N  N     . THR A 1 64  ? -24.233 5.682   -11.198 1.00 56.31 ? 47   THR A N     1 
ATOM   166  C  CA    . THR A 1 64  ? -22.923 6.335   -10.969 1.00 56.11 ? 47   THR A CA    1 
ATOM   167  C  C     . THR A 1 64  ? -21.774 5.357   -11.237 1.00 56.16 ? 47   THR A C     1 
ATOM   168  O  O     . THR A 1 64  ? -21.666 4.318   -10.548 1.00 56.55 ? 47   THR A O     1 
ATOM   169  C  CB    . THR A 1 64  ? -22.774 6.841   -9.504  1.00 55.96 ? 47   THR A CB    1 
ATOM   170  N  N     . PRO A 1 65  ? -20.904 5.676   -12.226 1.00 56.24 ? 48   PRO A N     1 
ATOM   171  C  CA    . PRO A 1 65  ? -19.774 4.797   -12.609 1.00 55.84 ? 48   PRO A CA    1 
ATOM   172  C  C     . PRO A 1 65  ? -18.650 4.702   -11.620 1.00 55.69 ? 48   PRO A C     1 
ATOM   173  O  O     . PRO A 1 65  ? -18.399 5.664   -10.903 1.00 56.27 ? 48   PRO A O     1 
ATOM   174  C  CB    . PRO A 1 65  ? -19.204 5.481   -13.846 1.00 55.82 ? 48   PRO A CB    1 
ATOM   175  C  CG    . PRO A 1 65  ? -19.549 6.895   -13.670 1.00 56.46 ? 48   PRO A CG    1 
ATOM   176  C  CD    . PRO A 1 65  ? -20.939 6.883   -13.075 1.00 56.17 ? 48   PRO A CD    1 
ATOM   177  N  N     . THR A 1 66  ? -17.949 3.567   -11.617 1.00 55.41 ? 49   THR A N     1 
ATOM   178  C  CA    . THR A 1 66  ? -16.626 3.492   -11.004 1.00 55.29 ? 49   THR A CA    1 
ATOM   179  C  C     . THR A 1 66  ? -15.589 4.201   -11.882 1.00 55.54 ? 49   THR A C     1 
ATOM   180  O  O     . THR A 1 66  ? -15.634 4.101   -13.106 1.00 55.47 ? 49   THR A O     1 
ATOM   181  C  CB    . THR A 1 66  ? -16.125 2.048   -10.825 1.00 55.11 ? 49   THR A CB    1 
ATOM   182  O  OG1   . THR A 1 66  ? -17.065 1.306   -10.069 1.00 54.94 ? 49   THR A OG1   1 
ATOM   183  C  CG2   . THR A 1 66  ? -14.776 2.024   -10.072 1.00 55.64 ? 49   THR A CG2   1 
ATOM   184  N  N     . VAL A 1 67  ? -14.642 4.885   -11.244 1.00 55.88 ? 50   VAL A N     1 
ATOM   185  C  CA    . VAL A 1 67  ? -13.600 5.609   -11.953 1.00 56.14 ? 50   VAL A CA    1 
ATOM   186  C  C     . VAL A 1 67  ? -12.263 5.033   -11.547 1.00 56.50 ? 50   VAL A C     1 
ATOM   187  O  O     . VAL A 1 67  ? -11.997 4.824   -10.367 1.00 57.34 ? 50   VAL A O     1 
ATOM   188  C  CB    . VAL A 1 67  ? -13.663 7.129   -11.690 1.00 56.09 ? 50   VAL A CB    1 
ATOM   189  C  CG1   . VAL A 1 67  ? -12.788 7.865   -12.670 1.00 55.91 ? 50   VAL A CG1   1 
ATOM   190  C  CG2   . VAL A 1 67  ? -15.099 7.630   -11.818 1.00 55.33 ? 50   VAL A CG2   1 
ATOM   191  N  N     . PHE A 1 68  ? -11.452 4.714   -12.543 1.00 56.75 ? 51   PHE A N     1 
ATOM   192  C  CA    . PHE A 1 68  ? -10.127 4.182   -12.322 1.00 57.29 ? 51   PHE A CA    1 
ATOM   193  C  C     . PHE A 1 68  ? -9.147  5.110   -13.015 1.00 57.53 ? 51   PHE A C     1 
ATOM   194  O  O     . PHE A 1 68  ? -9.363  5.476   -14.164 1.00 57.47 ? 51   PHE A O     1 
ATOM   195  C  CB    . PHE A 1 68  ? -9.997  2.812   -12.960 1.00 57.48 ? 51   PHE A CB    1 
ATOM   196  C  CG    . PHE A 1 68  ? -10.998 1.819   -12.497 1.00 57.54 ? 51   PHE A CG    1 
ATOM   197  C  CD1   . PHE A 1 68  ? -12.229 1.728   -13.104 1.00 57.70 ? 51   PHE A CD1   1 
ATOM   198  C  CD2   . PHE A 1 68  ? -10.694 0.933   -11.485 1.00 58.99 ? 51   PHE A CD2   1 
ATOM   199  C  CE1   . PHE A 1 68  ? -13.164 0.797   -12.691 1.00 57.63 ? 51   PHE A CE1   1 
ATOM   200  C  CE2   . PHE A 1 68  ? -11.632 -0.019  -11.075 1.00 58.88 ? 51   PHE A CE2   1 
ATOM   201  C  CZ    . PHE A 1 68  ? -12.867 -0.080  -11.680 1.00 57.39 ? 51   PHE A CZ    1 
ATOM   202  N  N     . GLU A 1 69  ? -8.074  5.488   -12.337 1.00 57.92 ? 52   GLU A N     1 
ATOM   203  C  CA    . GLU A 1 69  ? -7.053  6.348   -12.945 1.00 58.33 ? 52   GLU A CA    1 
ATOM   204  C  C     . GLU A 1 69  ? -5.814  5.530   -13.174 1.00 58.13 ? 52   GLU A C     1 
ATOM   205  O  O     . GLU A 1 69  ? -5.383  4.858   -12.273 1.00 58.60 ? 52   GLU A O     1 
ATOM   206  C  CB    . GLU A 1 69  ? -6.751  7.525   -12.032 1.00 58.54 ? 52   GLU A CB    1 
ATOM   207  C  CG    . GLU A 1 69  ? -7.621  8.751   -12.321 1.00 61.13 ? 52   GLU A CG    1 
ATOM   208  C  CD    . GLU A 1 69  ? -8.183  9.419   -11.067 1.00 65.05 ? 52   GLU A CD    1 
ATOM   209  O  OE1   . GLU A 1 69  ? -8.301  8.739   -10.017 1.00 69.08 ? 52   GLU A OE1   1 
ATOM   210  O  OE2   . GLU A 1 69  ? -8.533  10.626  -11.141 1.00 67.92 ? 52   GLU A OE2   1 
ATOM   211  N  N     . ARG A 1 70  ? -5.242  5.564   -14.368 1.00 58.60 ? 53   ARG A N     1 
ATOM   212  C  CA    . ARG A 1 70  ? -4.039  4.781   -14.643 1.00 59.12 ? 53   ARG A CA    1 
ATOM   213  C  C     . ARG A 1 70  ? -2.839  5.680   -14.955 1.00 59.79 ? 53   ARG A C     1 
ATOM   214  O  O     . ARG A 1 70  ? -2.919  6.553   -15.829 1.00 59.77 ? 53   ARG A O     1 
ATOM   215  C  CB    . ARG A 1 70  ? -4.265  3.819   -15.803 1.00 59.24 ? 53   ARG A CB    1 
ATOM   216  C  CG    . ARG A 1 70  ? -3.154  2.775   -15.937 1.00 59.80 ? 53   ARG A CG    1 
ATOM   217  C  CD    . ARG A 1 70  ? -3.053  2.261   -17.347 1.00 60.70 ? 53   ARG A CD    1 
ATOM   218  N  NE    . ARG A 1 70  ? -2.520  3.308   -18.212 1.00 62.11 ? 53   ARG A NE    1 
ATOM   219  C  CZ    . ARG A 1 70  ? -2.853  3.507   -19.487 1.00 62.33 ? 53   ARG A CZ    1 
ATOM   220  N  NH1   . ARG A 1 70  ? -2.287  4.512   -20.146 1.00 63.53 ? 53   ARG A NH1   1 
ATOM   221  N  NH2   . ARG A 1 70  ? -3.744  2.737   -20.110 1.00 62.08 ? 53   ARG A NH2   1 
ATOM   222  N  N     . TYR A 1 71  ? -1.728  5.439   -14.252 1.00 60.54 ? 54   TYR A N     1 
ATOM   223  C  CA    . TYR A 1 71  ? -0.500  6.233   -14.399 1.00 60.78 ? 54   TYR A CA    1 
ATOM   224  C  C     . TYR A 1 71  ? 0.598   5.399   -15.016 1.00 60.67 ? 54   TYR A C     1 
ATOM   225  O  O     . TYR A 1 71  ? 0.845   4.276   -14.573 1.00 61.26 ? 54   TYR A O     1 
ATOM   226  C  CB    . TYR A 1 71  ? -0.023  6.719   -13.026 1.00 61.23 ? 54   TYR A CB    1 
ATOM   227  C  CG    . TYR A 1 71  ? -0.983  7.663   -12.372 1.00 61.74 ? 54   TYR A CG    1 
ATOM   228  C  CD1   . TYR A 1 71  ? -2.082  7.176   -11.665 1.00 63.30 ? 54   TYR A CD1   1 
ATOM   229  C  CD2   . TYR A 1 71  ? -0.837  9.044   -12.504 1.00 62.75 ? 54   TYR A CD2   1 
ATOM   230  C  CE1   . TYR A 1 71  ? -3.000  8.041   -11.059 1.00 62.95 ? 54   TYR A CE1   1 
ATOM   231  C  CE2   . TYR A 1 71  ? -1.749  9.923   -11.909 1.00 63.40 ? 54   TYR A CE2   1 
ATOM   232  C  CZ    . TYR A 1 71  ? -2.827  9.405   -11.182 1.00 63.36 ? 54   TYR A CZ    1 
ATOM   233  O  OH    . TYR A 1 71  ? -3.741  10.238  -10.595 1.00 63.28 ? 54   TYR A OH    1 
ATOM   234  N  N     . MET A 1 72  ? 1.261   5.952   -16.025 1.00 60.70 ? 55   MET A N     1 
ATOM   235  C  CA    . MET A 1 72  ? 2.412   5.313   -16.636 1.00 61.06 ? 55   MET A CA    1 
ATOM   236  C  C     . MET A 1 72  ? 3.658   5.960   -16.029 1.00 61.66 ? 55   MET A C     1 
ATOM   237  O  O     . MET A 1 72  ? 4.007   7.080   -16.390 1.00 62.25 ? 55   MET A O     1 
ATOM   238  C  CB    . MET A 1 72  ? 2.385   5.481   -18.151 1.00 60.42 ? 55   MET A CB    1 
ATOM   239  N  N     . VAL A 1 73  ? 4.291   5.263   -15.083 1.00 61.81 ? 56   VAL A N     1 
ATOM   240  C  CA    . VAL A 1 73  ? 5.549   5.689   -14.461 1.00 61.87 ? 56   VAL A CA    1 
ATOM   241  C  C     . VAL A 1 73  ? 6.685   4.718   -14.768 1.00 61.73 ? 56   VAL A C     1 
ATOM   242  O  O     . VAL A 1 73  ? 6.515   3.511   -14.661 1.00 61.76 ? 56   VAL A O     1 
ATOM   243  C  CB    . VAL A 1 73  ? 5.424   5.701   -12.926 1.00 62.23 ? 56   VAL A CB    1 
ATOM   244  C  CG1   . VAL A 1 73  ? 6.734   6.108   -12.300 1.00 61.97 ? 56   VAL A CG1   1 
ATOM   245  C  CG2   . VAL A 1 73  ? 4.311   6.622   -12.485 1.00 63.28 ? 56   VAL A CG2   1 
ATOM   246  N  N     . ASN A 1 74  ? 7.850   5.251   -15.117 1.00 61.99 ? 57   ASN A N     1 
ATOM   247  C  CA    . ASN A 1 74  ? 9.060   4.443   -15.334 1.00 62.04 ? 57   ASN A CA    1 
ATOM   248  C  C     . ASN A 1 74  ? 9.910   4.341   -14.047 1.00 61.77 ? 57   ASN A C     1 
ATOM   249  O  O     . ASN A 1 74  ? 10.094  5.341   -13.355 1.00 62.44 ? 57   ASN A O     1 
ATOM   250  C  CB    . ASN A 1 74  ? 9.895   5.058   -16.455 1.00 61.98 ? 57   ASN A CB    1 
ATOM   251  C  CG    . ASN A 1 74  ? 9.235   4.937   -17.819 1.00 62.88 ? 57   ASN A CG    1 
ATOM   252  O  OD1   . ASN A 1 74  ? 8.652   3.903   -18.153 1.00 65.42 ? 57   ASN A OD1   1 
ATOM   253  N  ND2   . ASN A 1 74  ? 9.337   5.988   -18.622 1.00 61.69 ? 57   ASN A ND2   1 
ATOM   254  N  N     . LEU A 1 75  ? 10.397  3.141   -13.716 1.00 61.12 ? 58   LEU A N     1 
ATOM   255  C  CA    . LEU A 1 75  ? 11.336  2.945   -12.599 1.00 60.71 ? 58   LEU A CA    1 
ATOM   256  C  C     . LEU A 1 75  ? 12.481  2.058   -13.089 1.00 60.54 ? 58   LEU A C     1 
ATOM   257  O  O     . LEU A 1 75  ? 12.326  1.286   -14.045 1.00 60.18 ? 58   LEU A O     1 
ATOM   258  C  CB    . LEU A 1 75  ? 10.649  2.325   -11.365 1.00 61.10 ? 58   LEU A CB    1 
ATOM   259  C  CG    . LEU A 1 75  ? 10.833  2.963   -9.975  1.00 61.01 ? 58   LEU A CG    1 
ATOM   260  N  N     . GLN A 1 76  ? 13.642  2.221   -12.456 1.00 60.12 ? 59   GLN A N     1 
ATOM   261  C  CA    . GLN A 1 76  ? 14.788  1.354   -12.672 1.00 59.59 ? 59   GLN A CA    1 
ATOM   262  C  C     . GLN A 1 76  ? 14.751  0.366   -11.525 1.00 59.01 ? 59   GLN A C     1 
ATOM   263  O  O     . GLN A 1 76  ? 14.726  0.784   -10.371 1.00 58.94 ? 59   GLN A O     1 
ATOM   264  C  CB    . GLN A 1 76  ? 16.097  2.162   -12.644 1.00 59.63 ? 59   GLN A CB    1 
ATOM   265  C  CG    . GLN A 1 76  ? 16.534  2.704   -13.994 1.00 59.95 ? 59   GLN A CG    1 
ATOM   266  C  CD    . GLN A 1 76  ? 17.406  1.736   -14.760 1.00 60.88 ? 59   GLN A CD    1 
ATOM   267  O  OE1   . GLN A 1 76  ? 18.062  0.867   -14.172 1.00 62.38 ? 59   GLN A OE1   1 
ATOM   268  N  NE2   . GLN A 1 76  ? 17.443  1.893   -16.077 1.00 61.50 ? 59   GLN A NE2   1 
ATOM   269  N  N     . VAL A 1 77  ? 14.727  -0.928  -11.840 1.00 58.65 ? 60   VAL A N     1 
ATOM   270  C  CA    . VAL A 1 77  ? 14.731  -1.972  -10.815 1.00 58.60 ? 60   VAL A CA    1 
ATOM   271  C  C     . VAL A 1 77  ? 15.877  -2.974  -11.020 1.00 58.74 ? 60   VAL A C     1 
ATOM   272  O  O     . VAL A 1 77  ? 16.146  -3.416  -12.153 1.00 58.34 ? 60   VAL A O     1 
ATOM   273  C  CB    . VAL A 1 77  ? 13.379  -2.723  -10.744 1.00 58.70 ? 60   VAL A CB    1 
ATOM   274  C  CG1   . VAL A 1 77  ? 13.517  -3.979  -9.917  1.00 58.70 ? 60   VAL A CG1   1 
ATOM   275  C  CG2   . VAL A 1 77  ? 12.316  -1.842  -10.165 1.00 57.71 ? 60   VAL A CG2   1 
ATOM   276  N  N     . LYS A 1 78  ? 16.539  -3.315  -9.904  1.00 58.80 ? 61   LYS A N     1 
ATOM   277  C  CA    . LYS A 1 78  ? 17.729  -4.162  -9.890  1.00 58.78 ? 61   LYS A CA    1 
ATOM   278  C  C     . LYS A 1 78  ? 18.471  -4.053  -11.217 1.00 58.88 ? 61   LYS A C     1 
ATOM   279  O  O     . LYS A 1 78  ? 18.615  -5.038  -11.941 1.00 59.25 ? 61   LYS A O     1 
ATOM   280  C  CB    . LYS A 1 78  ? 17.367  -5.619  -9.562  1.00 58.82 ? 61   LYS A CB    1 
ATOM   281  N  N     . GLY A 1 79  ? 18.905  -2.833  -11.538 1.00 58.80 ? 62   GLY A N     1 
ATOM   282  C  CA    . GLY A 1 79  ? 19.759  -2.573  -12.694 1.00 58.66 ? 62   GLY A CA    1 
ATOM   283  C  C     . GLY A 1 79  ? 19.070  -2.207  -14.001 1.00 58.81 ? 62   GLY A C     1 
ATOM   284  O  O     . GLY A 1 79  ? 19.691  -1.567  -14.850 1.00 58.59 ? 62   GLY A O     1 
ATOM   285  N  N     . LYS A 1 80  ? 17.804  -2.609  -14.183 1.00 58.89 ? 63   LYS A N     1 
ATOM   286  C  CA    . LYS A 1 80  ? 17.132  -2.487  -15.493 1.00 58.58 ? 63   LYS A CA    1 
ATOM   287  C  C     . LYS A 1 80  ? 15.836  -1.687  -15.405 1.00 58.59 ? 63   LYS A C     1 
ATOM   288  O  O     . LYS A 1 80  ? 15.219  -1.608  -14.344 1.00 58.45 ? 63   LYS A O     1 
ATOM   289  C  CB    . LYS A 1 80  ? 16.871  -3.870  -16.119 1.00 58.60 ? 63   LYS A CB    1 
ATOM   290  C  CG    . LYS A 1 80  ? 18.020  -4.426  -16.977 1.00 57.97 ? 63   LYS A CG    1 
ATOM   291  N  N     . PRO A 1 81  ? 15.422  -1.080  -16.529 1.00 58.92 ? 64   PRO A N     1 
ATOM   292  C  CA    . PRO A 1 81  ? 14.218  -0.252  -16.552 1.00 59.15 ? 64   PRO A CA    1 
ATOM   293  C  C     . PRO A 1 81  ? 12.915  -1.049  -16.708 1.00 59.42 ? 64   PRO A C     1 
ATOM   294  O  O     . PRO A 1 81  ? 12.882  -2.077  -17.404 1.00 59.49 ? 64   PRO A O     1 
ATOM   295  C  CB    . PRO A 1 81  ? 14.446  0.645   -17.771 1.00 59.00 ? 64   PRO A CB    1 
ATOM   296  C  CG    . PRO A 1 81  ? 15.255  -0.194  -18.707 1.00 59.01 ? 64   PRO A CG    1 
ATOM   297  C  CD    . PRO A 1 81  ? 16.075  -1.133  -17.854 1.00 59.09 ? 64   PRO A CD    1 
ATOM   298  N  N     . VAL A 1 82  ? 11.853  -0.544  -16.077 1.00 59.64 ? 65   VAL A N     1 
ATOM   299  C  CA    . VAL A 1 82  ? 10.540  -1.190  -16.066 1.00 59.65 ? 65   VAL A CA    1 
ATOM   300  C  C     . VAL A 1 82  ? 9.438   -0.143  -16.222 1.00 59.97 ? 65   VAL A C     1 
ATOM   301  O  O     . VAL A 1 82  ? 9.489   0.890   -15.561 1.00 60.01 ? 65   VAL A O     1 
ATOM   302  C  CB    . VAL A 1 82  ? 10.340  -1.917  -14.728 1.00 59.76 ? 65   VAL A CB    1 
ATOM   303  C  CG1   . VAL A 1 82  ? 8.866   -2.290  -14.492 1.00 59.14 ? 65   VAL A CG1   1 
ATOM   304  C  CG2   . VAL A 1 82  ? 11.239  -3.132  -14.659 1.00 59.96 ? 65   VAL A CG2   1 
ATOM   305  N  N     . HIS A 1 83  ? 8.450   -0.393  -17.087 1.00 60.21 ? 66   HIS A N     1 
ATOM   306  C  CA    . HIS A 1 83  ? 7.257   0.476   -17.153 1.00 60.45 ? 66   HIS A CA    1 
ATOM   307  C  C     . HIS A 1 83  ? 6.261   0.017   -16.109 1.00 59.87 ? 66   HIS A C     1 
ATOM   308  O  O     . HIS A 1 83  ? 5.797   -1.123  -16.170 1.00 59.70 ? 66   HIS A O     1 
ATOM   309  C  CB    . HIS A 1 83  ? 6.549   0.411   -18.518 1.00 60.89 ? 66   HIS A CB    1 
ATOM   310  C  CG    . HIS A 1 83  ? 7.387   0.856   -19.672 1.00 62.46 ? 66   HIS A CG    1 
ATOM   311  N  ND1   . HIS A 1 83  ? 7.470   2.173   -20.070 1.00 64.12 ? 66   HIS A ND1   1 
ATOM   312  C  CD2   . HIS A 1 83  ? 8.164   0.152   -20.531 1.00 63.89 ? 66   HIS A CD2   1 
ATOM   313  C  CE1   . HIS A 1 83  ? 8.277   2.263   -21.114 1.00 64.18 ? 66   HIS A CE1   1 
ATOM   314  N  NE2   . HIS A 1 83  ? 8.713   1.052   -21.412 1.00 64.00 ? 66   HIS A NE2   1 
ATOM   315  N  N     . LEU A 1 84  ? 5.921   0.902   -15.173 1.00 59.43 ? 67   LEU A N     1 
ATOM   316  C  CA    . LEU A 1 84  ? 4.815   0.656   -14.238 1.00 59.24 ? 67   LEU A CA    1 
ATOM   317  C  C     . LEU A 1 84  ? 3.504   1.244   -14.756 1.00 59.08 ? 67   LEU A C     1 
ATOM   318  O  O     . LEU A 1 84  ? 3.464   2.357   -15.266 1.00 58.91 ? 67   LEU A O     1 
ATOM   319  C  CB    . LEU A 1 84  ? 5.079   1.277   -12.872 1.00 59.42 ? 67   LEU A CB    1 
ATOM   320  C  CG    . LEU A 1 84  ? 5.821   0.452   -11.832 1.00 59.58 ? 67   LEU A CG    1 
ATOM   321  C  CD1   . LEU A 1 84  ? 7.052   -0.159  -12.431 1.00 61.23 ? 67   LEU A CD1   1 
ATOM   322  C  CD2   . LEU A 1 84  ? 6.171   1.339   -10.636 1.00 58.98 ? 67   LEU A CD2   1 
ATOM   323  N  N     . HIS A 1 85  ? 2.433   0.483   -14.608 1.00 59.05 ? 68   HIS A N     1 
ATOM   324  C  CA    . HIS A 1 85  ? 1.091   0.985   -14.842 1.00 59.12 ? 68   HIS A CA    1 
ATOM   325  C  C     . HIS A 1 85  ? 0.441   0.912   -13.503 1.00 58.35 ? 68   HIS A C     1 
ATOM   326  O  O     . HIS A 1 85  ? 0.239   -0.177  -13.003 1.00 58.33 ? 68   HIS A O     1 
ATOM   327  C  CB    . HIS A 1 85  ? 0.365   0.101   -15.856 1.00 59.69 ? 68   HIS A CB    1 
ATOM   328  C  CG    . HIS A 1 85  ? 0.971   0.149   -17.227 1.00 60.91 ? 68   HIS A CG    1 
ATOM   329  N  ND1   . HIS A 1 85  ? 0.243   0.476   -18.352 1.00 63.07 ? 68   HIS A ND1   1 
ATOM   330  C  CD2   . HIS A 1 85  ? 2.246   -0.044  -17.646 1.00 62.16 ? 68   HIS A CD2   1 
ATOM   331  C  CE1   . HIS A 1 85  ? 1.038   0.460   -19.408 1.00 63.62 ? 68   HIS A CE1   1 
ATOM   332  N  NE2   . HIS A 1 85  ? 2.258   0.149   -19.008 1.00 63.73 ? 68   HIS A NE2   1 
ATOM   333  N  N     . ILE A 1 86  ? 0.170   2.064   -12.897 1.00 57.80 ? 69   ILE A N     1 
ATOM   334  C  CA    . ILE A 1 86  ? -0.435  2.102   -11.562 1.00 57.23 ? 69   ILE A CA    1 
ATOM   335  C  C     . ILE A 1 86  ? -1.907  2.549   -11.603 1.00 57.14 ? 69   ILE A C     1 
ATOM   336  O  O     . ILE A 1 86  ? -2.241  3.613   -12.151 1.00 56.09 ? 69   ILE A O     1 
ATOM   337  C  CB    . ILE A 1 86  ? 0.348   3.047   -10.632 1.00 57.28 ? 69   ILE A CB    1 
ATOM   338  C  CG1   . ILE A 1 86  ? 1.791   2.555   -10.461 1.00 56.65 ? 69   ILE A CG1   1 
ATOM   339  C  CG2   . ILE A 1 86  ? -0.374  3.165   -9.300  1.00 56.48 ? 69   ILE A CG2   1 
ATOM   340  C  CD1   . ILE A 1 86  ? 2.834   3.634   -10.412 1.00 53.06 ? 69   ILE A CD1   1 
ATOM   341  N  N     . TRP A 1 87  ? -2.765  1.735   -10.993 1.00 57.75 ? 70   TRP A N     1 
ATOM   342  C  CA    . TRP A 1 87  ? -4.211  1.965   -10.984 1.00 58.21 ? 70   TRP A CA    1 
ATOM   343  C  C     . TRP A 1 87  ? -4.700  2.477   -9.638  1.00 58.88 ? 70   TRP A C     1 
ATOM   344  O  O     . TRP A 1 87  ? -4.365  1.934   -8.604  1.00 58.61 ? 70   TRP A O     1 
ATOM   345  C  CB    . TRP A 1 87  ? -4.930  0.666   -11.320 1.00 58.24 ? 70   TRP A CB    1 
ATOM   346  C  CG    . TRP A 1 87  ? -4.785  0.260   -12.764 1.00 58.41 ? 70   TRP A CG    1 
ATOM   347  C  CD1   . TRP A 1 87  ? -3.742  -0.432  -13.326 1.00 58.97 ? 70   TRP A CD1   1 
ATOM   348  C  CD2   . TRP A 1 87  ? -5.696  0.527   -13.821 1.00 57.42 ? 70   TRP A CD2   1 
ATOM   349  N  NE1   . TRP A 1 87  ? -3.969  -0.624  -14.664 1.00 58.65 ? 70   TRP A NE1   1 
ATOM   350  C  CE2   . TRP A 1 87  ? -5.159  -0.037  -14.993 1.00 57.77 ? 70   TRP A CE2   1 
ATOM   351  C  CE3   . TRP A 1 87  ? -6.912  1.195   -13.895 1.00 58.56 ? 70   TRP A CE3   1 
ATOM   352  C  CZ2   . TRP A 1 87  ? -5.790  0.058   -16.217 1.00 57.91 ? 70   TRP A CZ2   1 
ATOM   353  C  CZ3   . TRP A 1 87  ? -7.548  1.269   -15.105 1.00 58.58 ? 70   TRP A CZ3   1 
ATOM   354  C  CH2   . TRP A 1 87  ? -6.990  0.703   -16.251 1.00 58.67 ? 70   TRP A CH2   1 
ATOM   355  N  N     . ASP A 1 88  ? -5.503  3.526   -9.663  1.00 60.19 ? 71   ASP A N     1 
ATOM   356  C  CA    . ASP A 1 88  ? -6.072  4.129   -8.460  1.00 61.37 ? 71   ASP A CA    1 
ATOM   357  C  C     . ASP A 1 88  ? -7.580  4.349   -8.692  1.00 62.32 ? 71   ASP A C     1 
ATOM   358  O  O     . ASP A 1 88  ? -7.990  4.569   -9.835  1.00 62.42 ? 71   ASP A O     1 
ATOM   359  C  CB    . ASP A 1 88  ? -5.337  5.459   -8.227  1.00 61.66 ? 71   ASP A CB    1 
ATOM   360  C  CG    . ASP A 1 88  ? -5.772  6.172   -6.958  1.00 62.06 ? 71   ASP A CG    1 
ATOM   361  O  OD1   . ASP A 1 88  ? -6.239  5.481   -6.022  1.00 61.18 ? 71   ASP A OD1   1 
ATOM   362  O  OD2   . ASP A 1 88  ? -5.644  7.428   -6.922  1.00 62.18 ? 71   ASP A OD2   1 
ATOM   363  N  N     . THR A 1 89  ? -8.409  4.284   -7.644  1.00 63.59 ? 72   THR A N     1 
ATOM   364  C  CA    . THR A 1 89  ? -9.857  4.623   -7.778  1.00 64.33 ? 72   THR A CA    1 
ATOM   365  C  C     . THR A 1 89  ? -10.181 6.064   -7.351  1.00 65.01 ? 72   THR A C     1 
ATOM   366  O  O     . THR A 1 89  ? -11.256 6.607   -7.678  1.00 65.73 ? 72   THR A O     1 
ATOM   367  C  CB    . THR A 1 89  ? -10.722 3.647   -6.993  1.00 64.65 ? 72   THR A CB    1 
ATOM   368  O  OG1   . THR A 1 89  ? -10.277 2.313   -7.290  1.00 66.67 ? 72   THR A OG1   1 
ATOM   369  C  CG2   . THR A 1 89  ? -12.242 3.801   -7.327  1.00 63.46 ? 72   THR A CG2   1 
ATOM   370  N  N     . ASP A 1 105 ? 0.980   -7.210  -18.117 1.00 64.52 ? 88   ASP A N     1 
ATOM   371  C  CA    . ASP A 1 105 ? 0.446   -8.518  -17.728 1.00 64.63 ? 88   ASP A CA    1 
ATOM   372  C  C     . ASP A 1 105 ? 0.815   -8.889  -16.269 1.00 64.90 ? 88   ASP A C     1 
ATOM   373  O  O     . ASP A 1 105 ? -0.067  -9.324  -15.510 1.00 65.53 ? 88   ASP A O     1 
ATOM   374  C  CB    . ASP A 1 105 ? 0.916   -9.608  -18.702 1.00 64.48 ? 88   ASP A CB    1 
ATOM   375  N  N     . ALA A 1 106 ? 2.092   -8.715  -15.880 1.00 64.46 ? 89   ALA A N     1 
ATOM   376  C  CA    . ALA A 1 106 ? 2.581   -9.105  -14.527 1.00 63.87 ? 89   ALA A CA    1 
ATOM   377  C  C     . ALA A 1 106 ? 2.014   -8.166  -13.500 1.00 63.08 ? 89   ALA A C     1 
ATOM   378  O  O     . ALA A 1 106 ? 1.988   -6.965  -13.735 1.00 63.86 ? 89   ALA A O     1 
ATOM   379  C  CB    . ALA A 1 106 ? 4.102   -9.092  -14.453 1.00 63.79 ? 89   ALA A CB    1 
ATOM   380  N  N     . SER A 1 107 ? 1.569   -8.693  -12.363 1.00 61.97 ? 90   SER A N     1 
ATOM   381  C  CA    . SER A 1 107 ? 0.743   -7.908  -11.453 1.00 61.21 ? 90   SER A CA    1 
ATOM   382  C  C     . SER A 1 107 ? 1.113   -8.027  -9.996  1.00 60.17 ? 90   SER A C     1 
ATOM   383  O  O     . SER A 1 107 ? 1.816   -8.943  -9.589  1.00 59.78 ? 90   SER A O     1 
ATOM   384  C  CB    . SER A 1 107 ? -0.719  -8.308  -11.614 1.00 61.46 ? 90   SER A CB    1 
ATOM   385  O  OG    . SER A 1 107 ? -1.222  -7.778  -12.821 1.00 62.90 ? 90   SER A OG    1 
ATOM   386  N  N     . VAL A 1 108 ? 0.605   -7.073  -9.220  1.00 59.40 ? 91   VAL A N     1 
ATOM   387  C  CA    . VAL A 1 108 ? 0.794   -7.023  -7.774  1.00 58.82 ? 91   VAL A CA    1 
ATOM   388  C  C     . VAL A 1 108 ? -0.182  -6.031  -7.170  1.00 58.48 ? 91   VAL A C     1 
ATOM   389  O  O     . VAL A 1 108 ? -0.514  -5.003  -7.775  1.00 58.14 ? 91   VAL A O     1 
ATOM   390  C  CB    . VAL A 1 108 ? 2.247   -6.651  -7.379  1.00 58.92 ? 91   VAL A CB    1 
ATOM   391  C  CG1   . VAL A 1 108 ? 2.636   -5.285  -7.923  1.00 58.19 ? 91   VAL A CG1   1 
ATOM   392  C  CG2   . VAL A 1 108 ? 2.428   -6.703  -5.854  1.00 59.43 ? 91   VAL A CG2   1 
ATOM   393  N  N     . LEU A 1 109 ? -0.660  -6.372  -5.982  1.00 58.57 ? 92   LEU A N     1 
ATOM   394  C  CA    . LEU A 1 109 ? -1.675  -5.606  -5.268  1.00 58.40 ? 92   LEU A CA    1 
ATOM   395  C  C     . LEU A 1 109 ? -1.036  -5.011  -4.048  1.00 58.51 ? 92   LEU A C     1 
ATOM   396  O  O     . LEU A 1 109 ? -0.345  -5.731  -3.305  1.00 58.43 ? 92   LEU A O     1 
ATOM   397  C  CB    . LEU A 1 109 ? -2.779  -6.524  -4.791  1.00 58.43 ? 92   LEU A CB    1 
ATOM   398  C  CG    . LEU A 1 109 ? -3.883  -6.888  -5.771  1.00 59.04 ? 92   LEU A CG    1 
ATOM   399  C  CD1   . LEU A 1 109 ? -4.681  -7.982  -5.130  1.00 57.98 ? 92   LEU A CD1   1 
ATOM   400  C  CD2   . LEU A 1 109 ? -4.771  -5.683  -6.101  1.00 58.43 ? 92   LEU A CD2   1 
ATOM   401  N  N     . LEU A 1 110 ? -1.256  -3.715  -3.843  1.00 58.09 ? 93   LEU A N     1 
ATOM   402  C  CA    . LEU A 1 110 ? -0.821  -3.038  -2.647  1.00 58.05 ? 93   LEU A CA    1 
ATOM   403  C  C     . LEU A 1 110 ? -2.059  -2.753  -1.845  1.00 58.80 ? 93   LEU A C     1 
ATOM   404  O  O     . LEU A 1 110 ? -2.858  -1.895  -2.213  1.00 59.51 ? 93   LEU A O     1 
ATOM   405  C  CB    . LEU A 1 110 ? -0.107  -1.734  -2.975  1.00 58.27 ? 93   LEU A CB    1 
ATOM   406  C  CG    . LEU A 1 110 ? 1.128   -1.809  -3.897  1.00 58.04 ? 93   LEU A CG    1 
ATOM   407  C  CD1   . LEU A 1 110 ? 1.748   -0.402  -4.073  1.00 55.89 ? 93   LEU A CD1   1 
ATOM   408  C  CD2   . LEU A 1 110 ? 2.165   -2.791  -3.353  1.00 55.54 ? 93   LEU A CD2   1 
ATOM   409  N  N     . LEU A 1 111 ? -2.241  -3.516  -0.770  1.00 59.72 ? 94   LEU A N     1 
ATOM   410  C  CA    . LEU A 1 111 ? -3.291  -3.279  0.204   1.00 59.75 ? 94   LEU A CA    1 
ATOM   411  C  C     . LEU A 1 111 ? -2.808  -2.228  1.202   1.00 59.53 ? 94   LEU A C     1 
ATOM   412  O  O     . LEU A 1 111 ? -1.974  -2.521  2.040   1.00 59.12 ? 94   LEU A O     1 
ATOM   413  C  CB    . LEU A 1 111 ? -3.625  -4.567  0.950   1.00 59.69 ? 94   LEU A CB    1 
ATOM   414  C  CG    . LEU A 1 111 ? -4.224  -5.719  0.150   1.00 61.48 ? 94   LEU A CG    1 
ATOM   415  C  CD1   . LEU A 1 111 ? -5.070  -6.627  1.087   1.00 60.47 ? 94   LEU A CD1   1 
ATOM   416  C  CD2   . LEU A 1 111 ? -5.074  -5.232  -1.036  1.00 63.68 ? 94   LEU A CD2   1 
ATOM   417  N  N     . CYS A 1 112 ? -3.370  -1.028  1.113   1.00 59.93 ? 95   CYS A N     1 
ATOM   418  C  CA    . CYS A 1 112 ? -2.913  0.142   1.865   1.00 60.52 ? 95   CYS A CA    1 
ATOM   419  C  C     . CYS A 1 112 ? -3.760  0.452   3.094   1.00 60.77 ? 95   CYS A C     1 
ATOM   420  O  O     . CYS A 1 112 ? -4.977  0.309   3.078   1.00 59.93 ? 95   CYS A O     1 
ATOM   421  C  CB    . CYS A 1 112 ? -2.971  1.373   0.962   1.00 60.74 ? 95   CYS A CB    1 
ATOM   422  S  SG    . CYS A 1 112 ? -1.870  1.252   -0.456  1.00 60.44 ? 95   CYS A SG    1 
ATOM   423  N  N     . PHE A 1 113 ? -3.110  0.905   4.157   1.00 61.23 ? 96   PHE A N     1 
ATOM   424  C  CA    . PHE A 1 113 ? -3.855  1.474   5.280   1.00 62.16 ? 96   PHE A CA    1 
ATOM   425  C  C     . PHE A 1 113 ? -3.112  2.647   5.922   1.00 62.42 ? 96   PHE A C     1 
ATOM   426  O  O     . PHE A 1 113 ? -1.906  2.765   5.781   1.00 62.50 ? 96   PHE A O     1 
ATOM   427  C  CB    . PHE A 1 113 ? -4.147  0.405   6.315   1.00 62.07 ? 96   PHE A CB    1 
ATOM   428  C  CG    . PHE A 1 113 ? -2.930  -0.081  7.030   1.00 63.08 ? 96   PHE A CG    1 
ATOM   429  C  CD1   . PHE A 1 113 ? -2.178  -1.136  6.515   1.00 62.43 ? 96   PHE A CD1   1 
ATOM   430  C  CD2   . PHE A 1 113 ? -2.534  0.512   8.223   1.00 62.40 ? 96   PHE A CD2   1 
ATOM   431  C  CE1   . PHE A 1 113 ? -1.065  -1.584  7.177   1.00 62.04 ? 96   PHE A CE1   1 
ATOM   432  C  CE2   . PHE A 1 113 ? -1.424  0.058   8.891   1.00 63.00 ? 96   PHE A CE2   1 
ATOM   433  C  CZ    . PHE A 1 113 ? -0.679  -0.990  8.364   1.00 62.61 ? 96   PHE A CZ    1 
ATOM   434  N  N     . ASP A 1 114 ? -3.858  3.503   6.619   1.00 62.56 ? 97   ASP A N     1 
ATOM   435  C  CA    . ASP A 1 114 ? -3.304  4.639   7.365   1.00 62.38 ? 97   ASP A CA    1 
ATOM   436  C  C     . ASP A 1 114 ? -2.862  4.103   8.725   1.00 61.73 ? 97   ASP A C     1 
ATOM   437  O  O     . ASP A 1 114 ? -3.682  3.505   9.443   1.00 61.92 ? 97   ASP A O     1 
ATOM   438  C  CB    . ASP A 1 114 ? -4.417  5.689   7.494   1.00 62.83 ? 97   ASP A CB    1 
ATOM   439  C  CG    . ASP A 1 114 ? -4.009  6.928   8.262   1.00 65.20 ? 97   ASP A CG    1 
ATOM   440  O  OD1   . ASP A 1 114 ? -3.010  6.878   9.013   1.00 68.77 ? 97   ASP A OD1   1 
ATOM   441  O  OD2   . ASP A 1 114 ? -4.722  7.966   8.129   1.00 68.53 ? 97   ASP A OD2   1 
ATOM   442  N  N     . VAL A 1 115 ? -1.592  4.279   9.093   1.00 60.75 ? 98   VAL A N     1 
ATOM   443  C  CA    . VAL A 1 115 ? -1.137  3.770   10.400  1.00 60.86 ? 98   VAL A CA    1 
ATOM   444  C  C     . VAL A 1 115 ? -1.801  4.440   11.620  1.00 61.45 ? 98   VAL A C     1 
ATOM   445  O  O     . VAL A 1 115 ? -1.786  3.862   12.715  1.00 61.36 ? 98   VAL A O     1 
ATOM   446  C  CB    . VAL A 1 115 ? 0.414   3.783   10.578  1.00 60.63 ? 98   VAL A CB    1 
ATOM   447  C  CG1   . VAL A 1 115 ? 1.062   2.772   9.653   1.00 60.23 ? 98   VAL A CG1   1 
ATOM   448  C  CG2   . VAL A 1 115 ? 0.998   5.168   10.389  1.00 59.78 ? 98   VAL A CG2   1 
ATOM   449  N  N     . THR A 1 116 ? -2.390  5.628   11.444  1.00 62.03 ? 99   THR A N     1 
ATOM   450  C  CA    . THR A 1 116 ? -3.125  6.295   12.544  1.00 62.74 ? 99   THR A CA    1 
ATOM   451  C  C     . THR A 1 116 ? -4.655  6.092   12.503  1.00 63.31 ? 99   THR A C     1 
ATOM   452  O  O     . THR A 1 116 ? -5.389  6.706   13.294  1.00 63.24 ? 99   THR A O     1 
ATOM   453  C  CB    . THR A 1 116 ? -2.799  7.806   12.615  1.00 62.74 ? 99   THR A CB    1 
ATOM   454  O  OG1   . THR A 1 116 ? -3.193  8.459   11.396  1.00 62.83 ? 99   THR A OG1   1 
ATOM   455  C  CG2   . THR A 1 116 ? -1.310  7.999   12.854  1.00 62.69 ? 99   THR A CG2   1 
ATOM   456  N  N     . SER A 1 117 ? -5.116  5.221   11.596  1.00 64.10 ? 100  SER A N     1 
ATOM   457  C  CA    . SER A 1 117 ? -6.529  4.796   11.500  1.00 64.40 ? 100  SER A CA    1 
ATOM   458  C  C     . SER A 1 117 ? -6.641  3.281   11.711  1.00 64.62 ? 100  SER A C     1 
ATOM   459  O  O     . SER A 1 117 ? -6.574  2.505   10.752  1.00 65.12 ? 100  SER A O     1 
ATOM   460  C  CB    . SER A 1 117 ? -7.104  5.165   10.129  1.00 64.31 ? 100  SER A CB    1 
ATOM   461  O  OG    . SER A 1 117 ? -8.438  4.716   9.986   1.00 65.17 ? 100  SER A OG    1 
ATOM   462  N  N     . PRO A 1 118 ? -6.787  2.849   12.966  1.00 64.68 ? 101  PRO A N     1 
ATOM   463  C  CA    . PRO A 1 118 ? -7.031  1.437   13.211  1.00 64.80 ? 101  PRO A CA    1 
ATOM   464  C  C     . PRO A 1 118 ? -8.170  0.811   12.387  1.00 64.79 ? 101  PRO A C     1 
ATOM   465  O  O     . PRO A 1 118 ? -8.116  -0.387  12.105  1.00 64.85 ? 101  PRO A O     1 
ATOM   466  C  CB    . PRO A 1 118 ? -7.332  1.399   14.708  1.00 64.71 ? 101  PRO A CB    1 
ATOM   467  C  CG    . PRO A 1 118 ? -6.522  2.527   15.252  1.00 64.74 ? 101  PRO A CG    1 
ATOM   468  C  CD    . PRO A 1 118 ? -6.666  3.603   14.224  1.00 64.85 ? 101  PRO A CD    1 
ATOM   469  N  N     . ASN A 1 119 ? -9.179  1.582   11.990  1.00 64.73 ? 102  ASN A N     1 
ATOM   470  C  CA    . ASN A 1 119 ? -10.218 1.015   11.118  1.00 64.91 ? 102  ASN A CA    1 
ATOM   471  C  C     . ASN A 1 119 ? -9.696  0.534   9.771   1.00 65.08 ? 102  ASN A C     1 
ATOM   472  O  O     . ASN A 1 119 ? -10.030 -0.588  9.335   1.00 64.64 ? 102  ASN A O     1 
ATOM   473  C  CB    . ASN A 1 119 ? -11.350 1.987   10.864  1.00 64.80 ? 102  ASN A CB    1 
ATOM   474  C  CG    . ASN A 1 119 ? -12.595 1.567   11.551  1.00 66.75 ? 102  ASN A CG    1 
ATOM   475  O  OD1   . ASN A 1 119 ? -13.101 0.454   11.329  1.00 69.42 ? 102  ASN A OD1   1 
ATOM   476  N  ND2   . ASN A 1 119 ? -13.100 2.430   12.428  1.00 67.81 ? 102  ASN A ND2   1 
ATOM   477  N  N     . SER A 1 120 ? -8.911  1.398   9.109   1.00 64.65 ? 103  SER A N     1 
ATOM   478  C  CA    . SER A 1 120 ? -8.344  1.081   7.803   1.00 64.33 ? 103  SER A CA    1 
ATOM   479  C  C     . SER A 1 120 ? -7.488  -0.159  7.924   1.00 63.46 ? 103  SER A C     1 
ATOM   480  O  O     . SER A 1 120 ? -7.471  -0.975  7.023   1.00 62.99 ? 103  SER A O     1 
ATOM   481  C  CB    . SER A 1 120 ? -7.541  2.253   7.216   1.00 64.55 ? 103  SER A CB    1 
ATOM   482  O  OG    . SER A 1 120 ? -6.418  2.597   8.010   1.00 65.86 ? 103  SER A OG    1 
ATOM   483  N  N     . PHE A 1 121 ? -6.817  -0.312  9.058   1.00 62.96 ? 104  PHE A N     1 
ATOM   484  C  CA    . PHE A 1 121 ? -6.028  -1.502  9.320   1.00 62.79 ? 104  PHE A CA    1 
ATOM   485  C  C     . PHE A 1 121 ? -6.924  -2.737  9.399   1.00 62.68 ? 104  PHE A C     1 
ATOM   486  O  O     . PHE A 1 121 ? -6.753  -3.687  8.633   1.00 62.60 ? 104  PHE A O     1 
ATOM   487  C  CB    . PHE A 1 121 ? -5.261  -1.292  10.612  1.00 62.97 ? 104  PHE A CB    1 
ATOM   488  C  CG    . PHE A 1 121 ? -4.316  -2.400  10.960  1.00 63.31 ? 104  PHE A CG    1 
ATOM   489  C  CD1   . PHE A 1 121 ? -3.298  -2.768  10.090  1.00 64.41 ? 104  PHE A CD1   1 
ATOM   490  C  CD2   . PHE A 1 121 ? -4.391  -3.022  12.197  1.00 63.91 ? 104  PHE A CD2   1 
ATOM   491  C  CE1   . PHE A 1 121 ? -2.406  -3.777  10.424  1.00 63.88 ? 104  PHE A CE1   1 
ATOM   492  C  CE2   . PHE A 1 121 ? -3.492  -4.034  12.549  1.00 64.43 ? 104  PHE A CE2   1 
ATOM   493  C  CZ    . PHE A 1 121 ? -2.503  -4.412  11.663  1.00 63.97 ? 104  PHE A CZ    1 
ATOM   494  N  N     . ASP A 1 122 ? -7.891  -2.710  10.317  1.00 62.91 ? 105  ASP A N     1 
ATOM   495  C  CA    . ASP A 1 122 ? -8.852  -3.803  10.483  1.00 62.85 ? 105  ASP A CA    1 
ATOM   496  C  C     . ASP A 1 122 ? -9.410  -4.278  9.147   1.00 62.34 ? 105  ASP A C     1 
ATOM   497  O  O     . ASP A 1 122 ? -9.560  -5.488  8.917   1.00 62.16 ? 105  ASP A O     1 
ATOM   498  C  CB    . ASP A 1 122 ? -10.029 -3.356  11.351  1.00 63.50 ? 105  ASP A CB    1 
ATOM   499  C  CG    . ASP A 1 122 ? -9.655  -3.137  12.839  1.00 65.58 ? 105  ASP A CG    1 
ATOM   500  O  OD1   . ASP A 1 122 ? -8.468  -3.321  13.224  1.00 68.65 ? 105  ASP A OD1   1 
ATOM   501  O  OD2   . ASP A 1 122 ? -10.573 -2.767  13.618  1.00 66.45 ? 105  ASP A OD2   1 
ATOM   502  N  N     . ASN A 1 123 ? -9.715  -3.318  8.276   1.00 61.84 ? 106  ASN A N     1 
ATOM   503  C  CA    . ASN A 1 123 ? -10.324 -3.595  6.984   1.00 61.74 ? 106  ASN A CA    1 
ATOM   504  C  C     . ASN A 1 123 ? -9.411  -4.282  5.964   1.00 61.72 ? 106  ASN A C     1 
ATOM   505  O  O     . ASN A 1 123 ? -9.889  -4.814  4.948   1.00 61.55 ? 106  ASN A O     1 
ATOM   506  C  CB    . ASN A 1 123 ? -10.878 -2.311  6.378   1.00 61.79 ? 106  ASN A CB    1 
ATOM   507  C  CG    . ASN A 1 123 ? -12.228 -1.946  6.920   1.00 62.63 ? 106  ASN A CG    1 
ATOM   508  O  OD1   . ASN A 1 123 ? -12.926 -2.775  7.510   1.00 63.77 ? 106  ASN A OD1   1 
ATOM   509  N  ND2   . ASN A 1 123 ? -12.619 -0.691  6.717   1.00 63.78 ? 106  ASN A ND2   1 
ATOM   510  N  N     . ILE A 1 124 ? -8.110  -4.273  6.215   1.00 61.85 ? 107  ILE A N     1 
ATOM   511  C  CA    . ILE A 1 124 ? -7.203  -5.018  5.371   1.00 62.20 ? 107  ILE A CA    1 
ATOM   512  C  C     . ILE A 1 124 ? -7.635  -6.464  5.499   1.00 62.29 ? 107  ILE A C     1 
ATOM   513  O  O     . ILE A 1 124 ? -7.888  -7.133  4.508   1.00 62.98 ? 107  ILE A O     1 
ATOM   514  C  CB    . ILE A 1 124 ? -5.731  -4.838  5.796   1.00 62.23 ? 107  ILE A CB    1 
ATOM   515  C  CG1   . ILE A 1 124 ? -5.292  -3.377  5.666   1.00 63.66 ? 107  ILE A CG1   1 
ATOM   516  C  CG2   . ILE A 1 124 ? -4.826  -5.647  4.926   1.00 62.34 ? 107  ILE A CG2   1 
ATOM   517  C  CD1   . ILE A 1 124 ? -5.497  -2.777  4.270   1.00 63.63 ? 107  ILE A CD1   1 
ATOM   518  N  N     . PHE A 1 125 ? -7.778  -6.912  6.734   1.00 62.37 ? 108  PHE A N     1 
ATOM   519  C  CA    . PHE A 1 125 ? -8.171  -8.274  7.030   1.00 62.60 ? 108  PHE A CA    1 
ATOM   520  C  C     . PHE A 1 125 ? -9.678  -8.525  6.837   1.00 63.11 ? 108  PHE A C     1 
ATOM   521  O  O     . PHE A 1 125 ? -10.052 -9.542  6.275   1.00 63.50 ? 108  PHE A O     1 
ATOM   522  C  CB    . PHE A 1 125 ? -7.763  -8.593  8.467   1.00 62.29 ? 108  PHE A CB    1 
ATOM   523  C  CG    . PHE A 1 125 ? -7.856  -10.037 8.822   1.00 62.22 ? 108  PHE A CG    1 
ATOM   524  C  CD1   . PHE A 1 125 ? -6.798  -10.890 8.573   1.00 61.99 ? 108  PHE A CD1   1 
ATOM   525  C  CD2   . PHE A 1 125 ? -8.990  -10.544 9.445   1.00 62.27 ? 108  PHE A CD2   1 
ATOM   526  C  CE1   . PHE A 1 125 ? -6.863  -12.216 8.911   1.00 61.76 ? 108  PHE A CE1   1 
ATOM   527  C  CE2   . PHE A 1 125 ? -9.066  -11.879 9.788   1.00 62.14 ? 108  PHE A CE2   1 
ATOM   528  C  CZ    . PHE A 1 125 ? -8.004  -12.722 9.521   1.00 62.06 ? 108  PHE A CZ    1 
ATOM   529  N  N     . ASN A 1 126 ? -10.544 -7.628  7.310   1.00 63.46 ? 109  ASN A N     1 
ATOM   530  C  CA    . ASN A 1 126 ? -11.990 -7.934  7.335   1.00 63.75 ? 109  ASN A CA    1 
ATOM   531  C  C     . ASN A 1 126 ? -12.680 -7.774  5.992   1.00 64.81 ? 109  ASN A C     1 
ATOM   532  O  O     . ASN A 1 126 ? -13.733 -8.356  5.779   1.00 65.69 ? 109  ASN A O     1 
ATOM   533  C  CB    . ASN A 1 126 ? -12.747 -7.068  8.364   1.00 63.06 ? 109  ASN A CB    1 
ATOM   534  C  CG    . ASN A 1 126 ? -12.242 -7.256  9.772   1.00 60.86 ? 109  ASN A CG    1 
ATOM   535  O  OD1   . ASN A 1 126 ? -11.675 -8.278  10.091  1.00 58.30 ? 109  ASN A OD1   1 
ATOM   536  N  ND2   . ASN A 1 126 ? -12.431 -6.255  10.620  1.00 59.31 ? 109  ASN A ND2   1 
ATOM   537  N  N     . ARG A 1 127 ? -12.100 -6.979  5.104   1.00 65.93 ? 110  ARG A N     1 
ATOM   538  C  CA    . ARG A 1 127 ? -12.795 -6.502  3.914   1.00 67.02 ? 110  ARG A CA    1 
ATOM   539  C  C     . ARG A 1 127 ? -11.953 -6.674  2.627   1.00 67.47 ? 110  ARG A C     1 
ATOM   540  O  O     . ARG A 1 127 ? -12.495 -7.145  1.613   1.00 67.89 ? 110  ARG A O     1 
ATOM   541  C  CB    . ARG A 1 127 ? -13.247 -5.049  4.168   1.00 67.68 ? 110  ARG A CB    1 
ATOM   542  C  CG    . ARG A 1 127 ? -13.211 -4.039  3.000   1.00 69.23 ? 110  ARG A CG    1 
ATOM   543  C  CD    . ARG A 1 127 ? -14.441 -4.129  2.097   1.00 72.04 ? 110  ARG A CD    1 
ATOM   544  N  NE    . ARG A 1 127 ? -14.436 -3.136  1.004   1.00 72.79 ? 110  ARG A NE    1 
ATOM   545  C  CZ    . ARG A 1 127 ? -15.429 -2.985  0.122   1.00 73.79 ? 110  ARG A CZ    1 
ATOM   546  N  NH1   . ARG A 1 127 ? -16.512 -3.744  0.200   1.00 73.73 ? 110  ARG A NH1   1 
ATOM   547  N  NH2   . ARG A 1 127 ? -15.350 -2.071  -0.843  1.00 74.41 ? 110  ARG A NH2   1 
ATOM   548  N  N     . TRP A 1 128 ? -10.652 -6.345  2.665   1.00 67.46 ? 111  TRP A N     1 
ATOM   549  C  CA    . TRP A 1 128 ? -9.791  -6.404  1.454   1.00 67.72 ? 111  TRP A CA    1 
ATOM   550  C  C     . TRP A 1 128 ? -9.112  -7.754  1.176   1.00 68.35 ? 111  TRP A C     1 
ATOM   551  O  O     . TRP A 1 128 ? -9.013  -8.150  0.015   1.00 68.76 ? 111  TRP A O     1 
ATOM   552  C  CB    . TRP A 1 128 ? -8.744  -5.281  1.440   1.00 67.46 ? 111  TRP A CB    1 
ATOM   553  C  CG    . TRP A 1 128 ? -9.362  -3.910  1.524   1.00 67.40 ? 111  TRP A CG    1 
ATOM   554  C  CD1   . TRP A 1 128 ? -9.261  -3.039  2.564   1.00 67.21 ? 111  TRP A CD1   1 
ATOM   555  C  CD2   . TRP A 1 128 ? -10.224 -3.280  0.559   1.00 67.97 ? 111  TRP A CD2   1 
ATOM   556  N  NE1   . TRP A 1 128 ? -10.006 -1.906  2.318   1.00 67.31 ? 111  TRP A NE1   1 
ATOM   557  C  CE2   . TRP A 1 128 ? -10.596 -2.018  1.090   1.00 67.81 ? 111  TRP A CE2   1 
ATOM   558  C  CE3   . TRP A 1 128 ? -10.715 -3.652  -0.702  1.00 67.54 ? 111  TRP A CE3   1 
ATOM   559  C  CZ2   . TRP A 1 128 ? -11.420 -1.121  0.400   1.00 67.88 ? 111  TRP A CZ2   1 
ATOM   560  C  CZ3   . TRP A 1 128 ? -11.547 -2.757  -1.391  1.00 67.46 ? 111  TRP A CZ3   1 
ATOM   561  C  CH2   . TRP A 1 128 ? -11.890 -1.509  -0.835  1.00 67.76 ? 111  TRP A CH2   1 
ATOM   562  N  N     . TYR A 1 129 ? -8.632  -8.447  2.210   1.00 68.70 ? 112  TYR A N     1 
ATOM   563  C  CA    . TYR A 1 129 ? -8.097  -9.806  2.047   1.00 69.08 ? 112  TYR A CA    1 
ATOM   564  C  C     . TYR A 1 129 ? -9.122  -10.747 1.409   1.00 69.28 ? 112  TYR A C     1 
ATOM   565  O  O     . TYR A 1 129 ? -8.798  -11.430 0.443   1.00 69.74 ? 112  TYR A O     1 
ATOM   566  C  CB    . TYR A 1 129 ? -7.651  -10.370 3.397   1.00 69.57 ? 112  TYR A CB    1 
ATOM   567  C  CG    . TYR A 1 129 ? -7.199  -11.833 3.435   1.00 69.76 ? 112  TYR A CG    1 
ATOM   568  C  CD1   . TYR A 1 129 ? -6.350  -12.357 2.452   1.00 70.62 ? 112  TYR A CD1   1 
ATOM   569  C  CD2   . TYR A 1 129 ? -7.554  -12.665 4.500   1.00 69.90 ? 112  TYR A CD2   1 
ATOM   570  C  CE1   . TYR A 1 129 ? -5.897  -13.687 2.502   1.00 70.15 ? 112  TYR A CE1   1 
ATOM   571  C  CE2   . TYR A 1 129 ? -7.106  -14.007 4.565   1.00 71.00 ? 112  TYR A CE2   1 
ATOM   572  C  CZ    . TYR A 1 129 ? -6.271  -14.506 3.561   1.00 70.51 ? 112  TYR A CZ    1 
ATOM   573  O  OH    . TYR A 1 129 ? -5.816  -15.811 3.608   1.00 69.95 ? 112  TYR A OH    1 
ATOM   574  N  N     . PRO A 1 130 ? -10.360 -10.785 1.931   1.00 69.20 ? 113  PRO A N     1 
ATOM   575  C  CA    . PRO A 1 130 ? -11.330 -11.700 1.319   1.00 69.19 ? 113  PRO A CA    1 
ATOM   576  C  C     . PRO A 1 130 ? -11.586 -11.351 -0.144  1.00 69.55 ? 113  PRO A C     1 
ATOM   577  O  O     . PRO A 1 130 ? -11.503 -12.231 -1.002  1.00 69.76 ? 113  PRO A O     1 
ATOM   578  C  CB    . PRO A 1 130 ? -12.605 -11.501 2.155   1.00 68.86 ? 113  PRO A CB    1 
ATOM   579  C  CG    . PRO A 1 130 ? -12.185 -10.826 3.396   1.00 68.92 ? 113  PRO A CG    1 
ATOM   580  C  CD    . PRO A 1 130 ? -10.952 -10.026 3.045   1.00 69.18 ? 113  PRO A CD    1 
ATOM   581  N  N     . GLU A 1 131 ? -11.889 -10.077 -0.412  1.00 69.98 ? 114  GLU A N     1 
ATOM   582  C  CA    . GLU A 1 131 ? -12.083 -9.575  -1.776  1.00 70.36 ? 114  GLU A CA    1 
ATOM   583  C  C     . GLU A 1 131 ? -10.932 -10.005 -2.689  1.00 70.70 ? 114  GLU A C     1 
ATOM   584  O  O     . GLU A 1 131 ? -11.157 -10.556 -3.763  1.00 70.89 ? 114  GLU A O     1 
ATOM   585  C  CB    . GLU A 1 131 ? -12.196 -8.036  -1.786  1.00 70.47 ? 114  GLU A CB    1 
ATOM   586  C  CG    . GLU A 1 131 ? -13.517 -7.476  -1.247  1.00 70.50 ? 114  GLU A CG    1 
ATOM   587  N  N     . VAL A 1 132 ? -9.702  -9.772  -2.245  1.00 71.15 ? 115  VAL A N     1 
ATOM   588  C  CA    . VAL A 1 132 ? -8.512  -10.139 -3.023  1.00 71.70 ? 115  VAL A CA    1 
ATOM   589  C  C     . VAL A 1 132 ? -8.373  -11.663 -3.185  1.00 72.18 ? 115  VAL A C     1 
ATOM   590  O  O     . VAL A 1 132 ? -7.992  -12.140 -4.250  1.00 72.66 ? 115  VAL A O     1 
ATOM   591  C  CB    . VAL A 1 132 ? -7.209  -9.551  -2.403  1.00 71.26 ? 115  VAL A CB    1 
ATOM   592  N  N     . ASN A 1 133 ? -8.708  -12.420 -2.143  1.00 72.69 ? 116  ASN A N     1 
ATOM   593  C  CA    . ASN A 1 133 ? -8.528  -13.869 -2.158  1.00 72.97 ? 116  ASN A CA    1 
ATOM   594  C  C     . ASN A 1 133 ? -9.549  -14.568 -3.048  1.00 73.56 ? 116  ASN A C     1 
ATOM   595  O  O     . ASN A 1 133 ? -9.246  -15.595 -3.665  1.00 73.42 ? 116  ASN A O     1 
ATOM   596  C  CB    . ASN A 1 133 ? -8.599  -14.435 -0.736  1.00 73.02 ? 116  ASN A CB    1 
ATOM   597  C  CG    . ASN A 1 133 ? -7.827  -15.732 -0.591  1.00 72.90 ? 116  ASN A CG    1 
ATOM   598  O  OD1   . ASN A 1 133 ? -6.621  -15.779 -0.841  1.00 73.06 ? 116  ASN A OD1   1 
ATOM   599  N  ND2   . ASN A 1 133 ? -8.513  -16.786 -0.181  1.00 71.85 ? 116  ASN A ND2   1 
ATOM   600  N  N     . HIS A 1 134 ? -10.757 -14.006 -3.107  1.00 74.26 ? 117  HIS A N     1 
ATOM   601  C  CA    . HIS A 1 134 ? -11.824 -14.527 -3.961  1.00 74.83 ? 117  HIS A CA    1 
ATOM   602  C  C     . HIS A 1 134 ? -11.517 -14.306 -5.458  1.00 75.24 ? 117  HIS A C     1 
ATOM   603  O  O     . HIS A 1 134 ? -11.317 -15.268 -6.202  1.00 75.41 ? 117  HIS A O     1 
ATOM   604  C  CB    . HIS A 1 134 ? -13.161 -13.883 -3.580  1.00 74.84 ? 117  HIS A CB    1 
ATOM   605  C  CG    . HIS A 1 134 ? -14.311 -14.363 -4.403  1.00 75.52 ? 117  HIS A CG    1 
ATOM   606  N  ND1   . HIS A 1 134 ? -15.045 -15.484 -4.074  1.00 76.30 ? 117  HIS A ND1   1 
ATOM   607  C  CD2   . HIS A 1 134 ? -14.842 -13.889 -5.555  1.00 75.89 ? 117  HIS A CD2   1 
ATOM   608  C  CE1   . HIS A 1 134 ? -15.986 -15.674 -4.983  1.00 76.06 ? 117  HIS A CE1   1 
ATOM   609  N  NE2   . HIS A 1 134 ? -15.884 -14.721 -5.892  1.00 76.41 ? 117  HIS A NE2   1 
ATOM   610  N  N     . PHE A 1 135 ? -11.459 -13.042 -5.876  1.00 75.76 ? 118  PHE A N     1 
ATOM   611  C  CA    . PHE A 1 135 ? -11.222 -12.673 -7.281  1.00 76.03 ? 118  PHE A CA    1 
ATOM   612  C  C     . PHE A 1 135 ? -9.863  -13.134 -7.845  1.00 76.21 ? 118  PHE A C     1 
ATOM   613  O  O     . PHE A 1 135 ? -9.818  -13.965 -8.766  1.00 76.43 ? 118  PHE A O     1 
ATOM   614  C  CB    . PHE A 1 135 ? -11.338 -11.150 -7.448  1.00 75.90 ? 118  PHE A CB    1 
ATOM   615  N  N     . CYS A 1 136 ? -8.775  -12.619 -7.265  1.00 76.09 ? 119  CYS A N     1 
ATOM   616  C  CA    . CYS A 1 136 ? -7.431  -12.658 -7.881  1.00 76.34 ? 119  CYS A CA    1 
ATOM   617  C  C     . CYS A 1 136 ? -6.571  -13.917 -7.742  1.00 75.82 ? 119  CYS A C     1 
ATOM   618  O  O     . CYS A 1 136 ? -5.514  -13.998 -8.391  1.00 76.11 ? 119  CYS A O     1 
ATOM   619  C  CB    . CYS A 1 136 ? -6.599  -11.504 -7.345  1.00 76.53 ? 119  CYS A CB    1 
ATOM   620  S  SG    . CYS A 1 136 ? -7.485  -9.923  -7.329  1.00 79.74 ? 119  CYS A SG    1 
ATOM   621  N  N     . LYS A 1 137 ? -6.992  -14.878 -6.912  1.00 75.18 ? 120  LYS A N     1 
ATOM   622  C  CA    . LYS A 1 137 ? -6.271  -16.156 -6.755  1.00 73.98 ? 120  LYS A CA    1 
ATOM   623  C  C     . LYS A 1 137 ? -4.768  -15.911 -6.538  1.00 72.92 ? 120  LYS A C     1 
ATOM   624  O  O     . LYS A 1 137 ? -4.355  -15.413 -5.485  1.00 72.76 ? 120  LYS A O     1 
ATOM   625  N  N     . LYS A 1 138 ? -3.968  -16.221 -7.560  1.00 71.65 ? 121  LYS A N     1 
ATOM   626  C  CA    . LYS A 1 138 ? -2.511  -16.141 -7.457  1.00 70.32 ? 121  LYS A CA    1 
ATOM   627  C  C     . LYS A 1 138 ? -1.885  -14.807 -7.881  1.00 68.94 ? 121  LYS A C     1 
ATOM   628  O  O     . LYS A 1 138 ? -1.012  -14.789 -8.746  1.00 69.30 ? 121  LYS A O     1 
ATOM   629  N  N     . VAL A 1 139 ? -2.314  -13.703 -7.272  1.00 67.26 ? 122  VAL A N     1 
ATOM   630  C  CA    . VAL A 1 139 ? -1.732  -12.386 -7.561  1.00 66.02 ? 122  VAL A CA    1 
ATOM   631  C  C     . VAL A 1 139 ? -1.103  -11.811 -6.296  1.00 64.82 ? 122  VAL A C     1 
ATOM   632  O  O     . VAL A 1 139 ? -1.776  -11.708 -5.288  1.00 65.07 ? 122  VAL A O     1 
ATOM   633  C  CB    . VAL A 1 139 ? -2.777  -11.392 -8.081  1.00 65.79 ? 122  VAL A CB    1 
ATOM   634  C  CG1   . VAL A 1 139 ? -2.147  -10.032 -8.254  1.00 65.97 ? 122  VAL A CG1   1 
ATOM   635  C  CG2   . VAL A 1 139 ? -3.346  -11.865 -9.399  1.00 65.99 ? 122  VAL A CG2   1 
ATOM   636  N  N     . PRO A 1 140 ? 0.178   -11.412 -6.344  1.00 63.26 ? 123  PRO A N     1 
ATOM   637  C  CA    . PRO A 1 140 ? 0.894   -11.144 -5.099  1.00 62.36 ? 123  PRO A CA    1 
ATOM   638  C  C     . PRO A 1 140 ? 0.401   -9.897  -4.359  1.00 61.68 ? 123  PRO A C     1 
ATOM   639  O  O     . PRO A 1 140 ? 0.045   -8.907  -4.993  1.00 61.34 ? 123  PRO A O     1 
ATOM   640  C  CB    . PRO A 1 140 ? 2.345   -10.931 -5.555  1.00 62.19 ? 123  PRO A CB    1 
ATOM   641  C  CG    . PRO A 1 140 ? 2.389   -11.336 -6.984  1.00 63.05 ? 123  PRO A CG    1 
ATOM   642  C  CD    . PRO A 1 140 ? 1.018   -11.151 -7.519  1.00 63.35 ? 123  PRO A CD    1 
ATOM   643  N  N     . ILE A 1 141 ? 0.415   -9.973  -3.024  1.00 60.85 ? 124  ILE A N     1 
ATOM   644  C  CA    . ILE A 1 141 ? -0.034  -8.916  -2.130  1.00 59.76 ? 124  ILE A CA    1 
ATOM   645  C  C     . ILE A 1 141 ? 1.148   -8.389  -1.324  1.00 59.37 ? 124  ILE A C     1 
ATOM   646  O  O     . ILE A 1 141 ? 1.913   -9.186  -0.750  1.00 59.30 ? 124  ILE A O     1 
ATOM   647  C  CB    . ILE A 1 141 ? -1.058  -9.440  -1.098  1.00 60.02 ? 124  ILE A CB    1 
ATOM   648  C  CG1   . ILE A 1 141 ? -2.356  -9.925  -1.771  1.00 58.65 ? 124  ILE A CG1   1 
ATOM   649  C  CG2   . ILE A 1 141 ? -1.312  -8.373  -0.021  1.00 59.47 ? 124  ILE A CG2   1 
ATOM   650  N  N     . ILE A 1 142 ? 1.297   -7.057  -1.310  1.00 58.30 ? 125  ILE A N     1 
ATOM   651  C  CA    . ILE A 1 142 ? 2.108   -6.343  -0.356  1.00 57.59 ? 125  ILE A CA    1 
ATOM   652  C  C     . ILE A 1 142 ? 1.186   -5.461  0.482   1.00 57.78 ? 125  ILE A C     1 
ATOM   653  O  O     . ILE A 1 142 ? 0.353   -4.734  -0.072  1.00 57.44 ? 125  ILE A O     1 
ATOM   654  C  CB    . ILE A 1 142 ? 3.047   -5.392  -1.054  1.00 57.52 ? 125  ILE A CB    1 
ATOM   655  C  CG1   . ILE A 1 142 ? 4.106   -6.135  -1.840  1.00 57.52 ? 125  ILE A CG1   1 
ATOM   656  C  CG2   . ILE A 1 142 ? 3.714   -4.459  -0.054  1.00 56.10 ? 125  ILE A CG2   1 
ATOM   657  C  CD1   . ILE A 1 142 ? 5.020   -5.189  -2.578  1.00 57.58 ? 125  ILE A CD1   1 
ATOM   658  N  N     . VAL A 1 143 ? 1.342   -5.504  1.803   1.00 57.62 ? 126  VAL A N     1 
ATOM   659  C  CA    . VAL A 1 143 ? 0.625   -4.597  2.706   1.00 57.40 ? 126  VAL A CA    1 
ATOM   660  C  C     . VAL A 1 143 ? 1.454   -3.362  2.877   1.00 58.10 ? 126  VAL A C     1 
ATOM   661  O  O     . VAL A 1 143 ? 2.631   -3.481  3.223   1.00 58.57 ? 126  VAL A O     1 
ATOM   662  C  CB    . VAL A 1 143 ? 0.408   -5.224  4.103   1.00 57.76 ? 126  VAL A CB    1 
ATOM   663  C  CG1   . VAL A 1 143 ? -0.122  -4.186  5.109   1.00 56.61 ? 126  VAL A CG1   1 
ATOM   664  C  CG2   . VAL A 1 143 ? -0.543  -6.403  4.004   1.00 55.18 ? 126  VAL A CG2   1 
ATOM   665  N  N     . VAL A 1 144 ? 0.871   -2.178  2.664   1.00 58.22 ? 127  VAL A N     1 
ATOM   666  C  CA    . VAL A 1 144 ? 1.625   -0.950  2.774   1.00 59.21 ? 127  VAL A CA    1 
ATOM   667  C  C     . VAL A 1 144 ? 1.008   -0.106  3.885   1.00 60.39 ? 127  VAL A C     1 
ATOM   668  O  O     . VAL A 1 144 ? -0.161  0.233   3.820   1.00 62.22 ? 127  VAL A O     1 
ATOM   669  C  CB    . VAL A 1 144 ? 1.641   -0.142  1.412   1.00 59.73 ? 127  VAL A CB    1 
ATOM   670  C  CG1   . VAL A 1 144 ? 2.474   1.180   1.524   1.00 57.63 ? 127  VAL A CG1   1 
ATOM   671  C  CG2   . VAL A 1 144 ? 2.180   -1.015  0.268   1.00 59.08 ? 127  VAL A CG2   1 
ATOM   672  N  N     . GLY A 1 145 ? 1.777   0.241   4.906   1.00 60.83 ? 128  GLY A N     1 
ATOM   673  C  CA    . GLY A 1 145 ? 1.307   1.191   5.916   1.00 61.05 ? 128  GLY A CA    1 
ATOM   674  C  C     . GLY A 1 145 ? 1.649   2.620   5.547   1.00 61.01 ? 128  GLY A C     1 
ATOM   675  O  O     . GLY A 1 145 ? 2.817   2.926   5.393   1.00 62.28 ? 128  GLY A O     1 
ATOM   676  N  N     . CYS A 1 146 ? 0.650   3.486   5.412   1.00 60.65 ? 129  CYS A N     1 
ATOM   677  C  CA    . CYS A 1 146 ? 0.830   4.865   4.948   1.00 60.92 ? 129  CYS A CA    1 
ATOM   678  C  C     . CYS A 1 146 ? 0.759   5.937   6.064   1.00 61.34 ? 129  CYS A C     1 
ATOM   679  O  O     . CYS A 1 146 ? 0.245   5.689   7.156   1.00 61.07 ? 129  CYS A O     1 
ATOM   680  C  CB    . CYS A 1 146 ? -0.239  5.195   3.924   1.00 60.73 ? 129  CYS A CB    1 
ATOM   681  S  SG    . CYS A 1 146 ? -0.218  4.126   2.422   1.00 63.26 ? 129  CYS A SG    1 
ATOM   682  N  N     . LYS A 1 147 ? 1.262   7.133   5.758   1.00 61.43 ? 130  LYS A N     1 
ATOM   683  C  CA    . LYS A 1 147 ? 1.260   8.251   6.681   1.00 61.81 ? 130  LYS A CA    1 
ATOM   684  C  C     . LYS A 1 147 ? 2.052   7.962   7.967   1.00 62.34 ? 130  LYS A C     1 
ATOM   685  O  O     . LYS A 1 147 ? 1.654   8.403   9.055   1.00 62.16 ? 130  LYS A O     1 
ATOM   686  C  CB    . LYS A 1 147 ? -0.170  8.649   7.048   1.00 61.70 ? 130  LYS A CB    1 
ATOM   687  C  CG    . LYS A 1 147 ? -1.152  8.699   5.903   1.00 61.87 ? 130  LYS A CG    1 
ATOM   688  C  CD    . LYS A 1 147 ? -2.344  9.582   6.289   1.00 63.24 ? 130  LYS A CD    1 
ATOM   689  C  CE    . LYS A 1 147 ? -3.564  9.319   5.433   1.00 64.50 ? 130  LYS A CE    1 
ATOM   690  N  NZ    . LYS A 1 147 ? -4.823  9.687   6.149   1.00 64.42 ? 130  LYS A NZ    1 
ATOM   691  N  N     . THR A 1 148 ? 3.175   7.249   7.843   1.00 62.52 ? 131  THR A N     1 
ATOM   692  C  CA    . THR A 1 148 ? 3.998   6.889   9.015   1.00 62.85 ? 131  THR A CA    1 
ATOM   693  C  C     . THR A 1 148 ? 4.517   8.115   9.790   1.00 63.08 ? 131  THR A C     1 
ATOM   694  O  O     . THR A 1 148 ? 4.927   8.010   10.954  1.00 63.42 ? 131  THR A O     1 
ATOM   695  C  CB    . THR A 1 148 ? 5.199   6.022   8.618   1.00 62.78 ? 131  THR A CB    1 
ATOM   696  O  OG1   . THR A 1 148 ? 5.998   6.718   7.646   1.00 64.49 ? 131  THR A OG1   1 
ATOM   697  C  CG2   . THR A 1 148 ? 4.733   4.676   8.027   1.00 62.39 ? 131  THR A CG2   1 
ATOM   698  N  N     . ASP A 1 149 ? 4.485   9.278   9.152   1.00 62.86 ? 132  ASP A N     1 
ATOM   699  C  CA    . ASP A 1 149 ? 4.869   10.514  9.820   1.00 62.92 ? 132  ASP A CA    1 
ATOM   700  C  C     . ASP A 1 149 ? 3.943   10.857  10.994  1.00 63.19 ? 132  ASP A C     1 
ATOM   701  O  O     . ASP A 1 149 ? 4.359   11.537  11.950  1.00 63.50 ? 132  ASP A O     1 
ATOM   702  C  CB    . ASP A 1 149 ? 4.910   11.671  8.819   1.00 62.64 ? 132  ASP A CB    1 
ATOM   703  C  CG    . ASP A 1 149 ? 3.603   11.856  8.088   1.00 62.63 ? 132  ASP A CG    1 
ATOM   704  O  OD1   . ASP A 1 149 ? 3.222   10.952  7.293   1.00 63.58 ? 132  ASP A OD1   1 
ATOM   705  O  OD2   . ASP A 1 149 ? 2.961   12.904  8.297   1.00 60.75 ? 132  ASP A OD2   1 
ATOM   706  N  N     . LEU A 1 150 ? 2.705   10.368  10.937  1.00 63.28 ? 133  LEU A N     1 
ATOM   707  C  CA    . LEU A 1 150 ? 1.689   10.717  11.939  1.00 63.40 ? 133  LEU A CA    1 
ATOM   708  C  C     . LEU A 1 150 ? 1.783   9.971   13.284  1.00 63.58 ? 133  LEU A C     1 
ATOM   709  O  O     . LEU A 1 150 ? 1.070   10.321  14.222  1.00 63.49 ? 133  LEU A O     1 
ATOM   710  C  CB    . LEU A 1 150 ? 0.284   10.559  11.337  1.00 63.38 ? 133  LEU A CB    1 
ATOM   711  C  CG    . LEU A 1 150 ? -0.051  11.573  10.228  1.00 62.64 ? 133  LEU A CG    1 
ATOM   712  C  CD1   . LEU A 1 150 ? -1.525  11.455  9.808   1.00 61.20 ? 133  LEU A CD1   1 
ATOM   713  C  CD2   . LEU A 1 150 ? 0.283   12.982  10.682  1.00 59.21 ? 133  LEU A CD2   1 
ATOM   714  N  N     . ARG A 1 151 ? 2.650   8.962   13.381  1.00 63.89 ? 134  ARG A N     1 
ATOM   715  C  CA    . ARG A 1 151 ? 3.003   8.371   14.679  1.00 64.04 ? 134  ARG A CA    1 
ATOM   716  C  C     . ARG A 1 151 ? 3.668   9.401   15.580  1.00 64.12 ? 134  ARG A C     1 
ATOM   717  O  O     . ARG A 1 151 ? 3.414   9.433   16.785  1.00 64.37 ? 134  ARG A O     1 
ATOM   718  C  CB    . ARG A 1 151 ? 3.977   7.214   14.521  1.00 64.22 ? 134  ARG A CB    1 
ATOM   719  C  CG    . ARG A 1 151 ? 3.450   6.056   13.732  1.00 65.28 ? 134  ARG A CG    1 
ATOM   720  C  CD    . ARG A 1 151 ? 4.312   4.824   13.954  1.00 67.02 ? 134  ARG A CD    1 
ATOM   721  N  NE    . ARG A 1 151 ? 3.766   3.683   13.221  1.00 67.89 ? 134  ARG A NE    1 
ATOM   722  C  CZ    . ARG A 1 151 ? 4.369   3.030   12.233  1.00 68.30 ? 134  ARG A CZ    1 
ATOM   723  N  NH1   . ARG A 1 151 ? 3.752   2.010   11.665  1.00 69.63 ? 134  ARG A NH1   1 
ATOM   724  N  NH2   . ARG A 1 151 ? 5.573   3.369   11.800  1.00 69.89 ? 134  ARG A NH2   1 
ATOM   725  N  N     . LYS A 1 152 ? 4.538   10.228  15.002  1.00 64.02 ? 135  LYS A N     1 
ATOM   726  C  CA    . LYS A 1 152 ? 5.139   11.329  15.750  1.00 63.72 ? 135  LYS A CA    1 
ATOM   727  C  C     . LYS A 1 152 ? 4.063   12.322  16.259  1.00 63.77 ? 135  LYS A C     1 
ATOM   728  O  O     . LYS A 1 152 ? 4.280   12.988  17.272  1.00 64.03 ? 135  LYS A O     1 
ATOM   729  C  CB    . LYS A 1 152 ? 6.218   12.044  14.921  1.00 63.73 ? 135  LYS A CB    1 
ATOM   730  C  CG    . LYS A 1 152 ? 7.546   11.297  14.843  1.00 63.69 ? 135  LYS A CG    1 
ATOM   731  N  N     . ASP A 1 153 ? 2.905   12.394  15.584  1.00 63.38 ? 136  ASP A N     1 
ATOM   732  C  CA    . ASP A 1 153 ? 1.809   13.322  15.965  1.00 62.93 ? 136  ASP A CA    1 
ATOM   733  C  C     . ASP A 1 153 ? 1.216   12.957  17.330  1.00 62.28 ? 136  ASP A C     1 
ATOM   734  O  O     . ASP A 1 153 ? 0.506   11.951  17.448  1.00 62.86 ? 136  ASP A O     1 
ATOM   735  C  CB    . ASP A 1 153 ? 0.695   13.313  14.900  1.00 62.84 ? 136  ASP A CB    1 
ATOM   736  C  CG    . ASP A 1 153 ? -0.234  14.520  14.996  1.00 62.01 ? 136  ASP A CG    1 
ATOM   737  O  OD1   . ASP A 1 153 ? -0.471  15.149  13.940  1.00 60.21 ? 136  ASP A OD1   1 
ATOM   738  O  OD2   . ASP A 1 153 ? -0.731  14.827  16.106  1.00 59.11 ? 136  ASP A OD2   1 
ATOM   739  N  N     . LYS A 1 154 ? 1.502   13.784  18.335  1.00 61.11 ? 137  LYS A N     1 
ATOM   740  C  CA    . LYS A 1 154 ? 1.104   13.533  19.720  1.00 60.38 ? 137  LYS A CA    1 
ATOM   741  C  C     . LYS A 1 154 ? -0.411  13.685  19.952  1.00 60.07 ? 137  LYS A C     1 
ATOM   742  O  O     . LYS A 1 154 ? -1.002  12.937  20.748  1.00 60.10 ? 137  LYS A O     1 
ATOM   743  C  CB    . LYS A 1 154 ? 1.901   14.443  20.673  1.00 59.96 ? 137  LYS A CB    1 
ATOM   744  C  CG    . LYS A 1 154 ? 3.362   14.032  20.821  1.00 59.39 ? 137  LYS A CG    1 
ATOM   745  C  CD    . LYS A 1 154 ? 4.273   15.190  21.192  1.00 59.14 ? 137  LYS A CD    1 
ATOM   746  N  N     . SER A 1 155 ? -1.031  14.641  19.258  1.00 59.45 ? 138  SER A N     1 
ATOM   747  C  CA    . SER A 1 155 ? -2.466  14.911  19.402  1.00 58.97 ? 138  SER A CA    1 
ATOM   748  C  C     . SER A 1 155 ? -3.287  13.740  18.912  1.00 58.50 ? 138  SER A C     1 
ATOM   749  O  O     . SER A 1 155 ? -4.194  13.277  19.594  1.00 58.78 ? 138  SER A O     1 
ATOM   750  C  CB    . SER A 1 155 ? -2.870  16.132  18.585  1.00 58.87 ? 138  SER A CB    1 
ATOM   751  O  OG    . SER A 1 155 ? -2.886  15.805  17.204  1.00 59.29 ? 138  SER A OG    1 
ATOM   752  N  N     . LEU A 1 156 ? -2.965  13.294  17.705  1.00 58.20 ? 139  LEU A N     1 
ATOM   753  C  CA    . LEU A 1 156 ? -3.670  12.204  17.028  1.00 57.76 ? 139  LEU A CA    1 
ATOM   754  C  C     . LEU A 1 156 ? -3.535  10.928  17.854  1.00 57.34 ? 139  LEU A C     1 
ATOM   755  O  O     . LEU A 1 156 ? -4.531  10.265  18.147  1.00 57.31 ? 139  LEU A O     1 
ATOM   756  C  CB    . LEU A 1 156 ? -3.106  12.022  15.607  1.00 57.68 ? 139  LEU A CB    1 
ATOM   757  C  CG    . LEU A 1 156 ? -3.862  11.162  14.572  1.00 58.61 ? 139  LEU A CG    1 
ATOM   758  C  CD1   . LEU A 1 156 ? -5.353  11.530  14.460  1.00 59.43 ? 139  LEU A CD1   1 
ATOM   759  C  CD2   . LEU A 1 156 ? -3.188  11.257  13.192  1.00 57.75 ? 139  LEU A CD2   1 
ATOM   760  N  N     . VAL A 1 157 ? -2.305  10.621  18.261  1.00 56.90 ? 140  VAL A N     1 
ATOM   761  C  CA    . VAL A 1 157 ? -2.021  9.525   19.194  1.00 56.82 ? 140  VAL A CA    1 
ATOM   762  C  C     . VAL A 1 157 ? -2.888  9.614   20.459  1.00 56.87 ? 140  VAL A C     1 
ATOM   763  O  O     . VAL A 1 157 ? -3.471  8.614   20.910  1.00 57.16 ? 140  VAL A O     1 
ATOM   764  C  CB    . VAL A 1 157 ? -0.526  9.534   19.599  1.00 56.78 ? 140  VAL A CB    1 
ATOM   765  C  CG1   . VAL A 1 157 ? -0.260  8.573   20.742  1.00 56.70 ? 140  VAL A CG1   1 
ATOM   766  C  CG2   . VAL A 1 157 ? 0.361   9.197   18.392  1.00 57.59 ? 140  VAL A CG2   1 
ATOM   767  N  N     . ASN A 1 158 ? -2.957  10.819  21.022  1.00 56.71 ? 141  ASN A N     1 
ATOM   768  C  CA    . ASN A 1 158 ? -3.750  11.083  22.197  1.00 56.35 ? 141  ASN A CA    1 
ATOM   769  C  C     . ASN A 1 158 ? -5.247  10.959  21.928  1.00 56.82 ? 141  ASN A C     1 
ATOM   770  O  O     . ASN A 1 158 ? -5.977  10.443  22.772  1.00 56.73 ? 141  ASN A O     1 
ATOM   771  C  CB    . ASN A 1 158 ? -3.429  12.470  22.738  1.00 56.24 ? 141  ASN A CB    1 
ATOM   772  C  CG    . ASN A 1 158 ? -4.140  12.762  24.034  1.00 54.84 ? 141  ASN A CG    1 
ATOM   773  O  OD1   . ASN A 1 158 ? -3.716  12.327  25.098  1.00 53.41 ? 141  ASN A OD1   1 
ATOM   774  N  ND2   . ASN A 1 158 ? -5.230  13.502  23.950  1.00 53.38 ? 141  ASN A ND2   1 
ATOM   775  N  N     . LYS A 1 159 ? -5.705  11.431  20.768  1.00 57.32 ? 142  LYS A N     1 
ATOM   776  C  CA    . LYS A 1 159 ? -7.118  11.266  20.386  1.00 57.98 ? 142  LYS A CA    1 
ATOM   777  C  C     . LYS A 1 159 ? -7.430  9.781   20.169  1.00 58.48 ? 142  LYS A C     1 
ATOM   778  O  O     . LYS A 1 159 ? -8.506  9.305   20.550  1.00 58.60 ? 142  LYS A O     1 
ATOM   779  C  CB    . LYS A 1 159 ? -7.476  12.087  19.138  1.00 58.07 ? 142  LYS A CB    1 
ATOM   780  C  CG    . LYS A 1 159 ? -8.982  12.289  18.931  1.00 58.14 ? 142  LYS A CG    1 
ATOM   781  C  CD    . LYS A 1 159 ? -9.267  13.400  17.924  1.00 57.87 ? 142  LYS A CD    1 
ATOM   782  N  N     . LEU A 1 160 ? -6.482  9.052   19.577  1.00 59.06 ? 143  LEU A N     1 
ATOM   783  C  CA    . LEU A 1 160 ? -6.559  7.586   19.534  1.00 59.41 ? 143  LEU A CA    1 
ATOM   784  C  C     . LEU A 1 160 ? -6.656  7.048   20.957  1.00 59.94 ? 143  LEU A C     1 
ATOM   785  O  O     . LEU A 1 160 ? -7.663  6.437   21.311  1.00 60.27 ? 143  LEU A O     1 
ATOM   786  C  CB    . LEU A 1 160 ? -5.352  6.965   18.817  1.00 59.10 ? 143  LEU A CB    1 
ATOM   787  C  CG    . LEU A 1 160 ? -5.299  7.109   17.292  1.00 59.08 ? 143  LEU A CG    1 
ATOM   788  C  CD1   . LEU A 1 160 ? -4.065  6.429   16.692  1.00 58.29 ? 143  LEU A CD1   1 
ATOM   789  C  CD2   . LEU A 1 160 ? -6.556  6.555   16.667  1.00 59.99 ? 143  LEU A CD2   1 
ATOM   790  N  N     . ARG A 1 161 ? -5.634  7.308   21.776  1.00 60.40 ? 144  ARG A N     1 
ATOM   791  C  CA    . ARG A 1 161 ? -5.601  6.816   23.162  1.00 60.76 ? 144  ARG A CA    1 
ATOM   792  C  C     . ARG A 1 161 ? -6.898  7.095   23.936  1.00 61.34 ? 144  ARG A C     1 
ATOM   793  O  O     . ARG A 1 161 ? -7.277  6.305   24.800  1.00 61.37 ? 144  ARG A O     1 
ATOM   794  C  CB    . ARG A 1 161 ? -4.400  7.395   23.924  1.00 60.73 ? 144  ARG A CB    1 
ATOM   795  C  CG    . ARG A 1 161 ? -4.308  6.961   25.392  1.00 60.48 ? 144  ARG A CG    1 
ATOM   796  N  N     . ARG A 1 162 ? -7.577  8.201   23.620  1.00 62.05 ? 145  ARG A N     1 
ATOM   797  C  CA    . ARG A 1 162 ? -8.828  8.573   24.303  1.00 62.57 ? 145  ARG A CA    1 
ATOM   798  C  C     . ARG A 1 162 ? -10.034 7.711   23.891  1.00 63.02 ? 145  ARG A C     1 
ATOM   799  O  O     . ARG A 1 162 ? -10.965 7.551   24.674  1.00 63.12 ? 145  ARG A O     1 
ATOM   800  C  CB    . ARG A 1 162 ? -9.146  10.064  24.100  1.00 62.52 ? 145  ARG A CB    1 
ATOM   801  N  N     . ASN A 1 163 ? -10.023 7.164   22.677  1.00 63.67 ? 146  ASN A N     1 
ATOM   802  C  CA    . ASN A 1 163 ? -11.072 6.237   22.227  1.00 64.28 ? 146  ASN A CA    1 
ATOM   803  C  C     . ASN A 1 163 ? -10.624 4.778   22.340  1.00 64.84 ? 146  ASN A C     1 
ATOM   804  O  O     . ASN A 1 163 ? -11.158 3.905   21.650  1.00 64.74 ? 146  ASN A O     1 
ATOM   805  C  CB    . ASN A 1 163 ? -11.488 6.543   20.782  1.00 64.37 ? 146  ASN A CB    1 
ATOM   806  C  CG    . ASN A 1 163 ? -12.130 7.912   20.640  1.00 64.53 ? 146  ASN A CG    1 
ATOM   807  O  OD1   . ASN A 1 163 ? -13.036 8.269   21.395  1.00 64.70 ? 146  ASN A OD1   1 
ATOM   808  N  ND2   . ASN A 1 163 ? -11.664 8.684   19.666  1.00 64.57 ? 146  ASN A ND2   1 
ATOM   809  N  N     . GLY A 1 164 ? -9.634  4.533   23.201  1.00 65.58 ? 147  GLY A N     1 
ATOM   810  C  CA    . GLY A 1 164 ? -9.130  3.188   23.473  1.00 66.23 ? 147  GLY A CA    1 
ATOM   811  C  C     . GLY A 1 164 ? -8.185  2.605   22.434  1.00 67.09 ? 147  GLY A C     1 
ATOM   812  O  O     . GLY A 1 164 ? -7.715  1.482   22.597  1.00 67.69 ? 147  GLY A O     1 
ATOM   813  N  N     . LEU A 1 165 ? -7.888  3.361   21.375  1.00 67.68 ? 148  LEU A N     1 
ATOM   814  C  CA    . LEU A 1 165 ? -7.109  2.860   20.240  1.00 67.91 ? 148  LEU A CA    1 
ATOM   815  C  C     . LEU A 1 165 ? -5.612  3.185   20.391  1.00 68.06 ? 148  LEU A C     1 
ATOM   816  O  O     . LEU A 1 165 ? -5.199  3.775   21.387  1.00 68.10 ? 148  LEU A O     1 
ATOM   817  C  CB    . LEU A 1 165 ? -7.677  3.441   18.936  1.00 68.03 ? 148  LEU A CB    1 
ATOM   818  C  CG    . LEU A 1 165 ? -9.195  3.269   18.721  1.00 68.43 ? 148  LEU A CG    1 
ATOM   819  C  CD1   . LEU A 1 165 ? -9.674  3.971   17.439  1.00 68.63 ? 148  LEU A CD1   1 
ATOM   820  C  CD2   . LEU A 1 165 ? -9.590  1.799   18.699  1.00 68.71 ? 148  LEU A CD2   1 
ATOM   821  N  N     . GLU A 1 166 ? -4.808  2.775   19.412  1.00 68.26 ? 149  GLU A N     1 
ATOM   822  C  CA    . GLU A 1 166 ? -3.348  2.962   19.447  1.00 68.59 ? 149  GLU A CA    1 
ATOM   823  C  C     . GLU A 1 166 ? -2.748  2.878   18.021  1.00 68.89 ? 149  GLU A C     1 
ATOM   824  O  O     . GLU A 1 166 ? -3.259  2.131   17.172  1.00 68.62 ? 149  GLU A O     1 
ATOM   825  C  CB    . GLU A 1 166 ? -2.703  1.922   20.380  1.00 68.75 ? 149  GLU A CB    1 
ATOM   826  C  CG    . GLU A 1 166 ? -1.184  2.044   20.542  1.00 68.92 ? 149  GLU A CG    1 
ATOM   827  N  N     . PRO A 1 167 ? -1.677  3.658   17.738  1.00 69.21 ? 150  PRO A N     1 
ATOM   828  C  CA    . PRO A 1 167 ? -1.152  3.637   16.369  1.00 69.33 ? 150  PRO A CA    1 
ATOM   829  C  C     . PRO A 1 167 ? -0.559  2.274   16.018  1.00 69.55 ? 150  PRO A C     1 
ATOM   830  O  O     . PRO A 1 167 ? 0.054   1.619   16.883  1.00 69.98 ? 150  PRO A O     1 
ATOM   831  C  CB    . PRO A 1 167 ? -0.050  4.715   16.381  1.00 69.29 ? 150  PRO A CB    1 
ATOM   832  C  CG    . PRO A 1 167 ? -0.276  5.496   17.607  1.00 69.41 ? 150  PRO A CG    1 
ATOM   833  C  CD    . PRO A 1 167 ? -0.882  4.553   18.593  1.00 69.02 ? 150  PRO A CD    1 
ATOM   834  N  N     . VAL A 1 168 ? -0.739  1.859   14.762  1.00 69.45 ? 151  VAL A N     1 
ATOM   835  C  CA    . VAL A 1 168 ? -0.282  0.551   14.300  1.00 69.02 ? 151  VAL A CA    1 
ATOM   836  C  C     . VAL A 1 168 ? 1.237   0.601   14.236  1.00 69.08 ? 151  VAL A C     1 
ATOM   837  O  O     . VAL A 1 168 ? 1.783   1.476   13.593  1.00 68.79 ? 151  VAL A O     1 
ATOM   838  C  CB    . VAL A 1 168 ? -0.903  0.209   12.914  1.00 69.29 ? 151  VAL A CB    1 
ATOM   839  C  CG1   . VAL A 1 168 ? -0.547  -1.230  12.478  1.00 68.78 ? 151  VAL A CG1   1 
ATOM   840  C  CG2   . VAL A 1 168 ? -2.427  0.415   12.943  1.00 67.72 ? 151  VAL A CG2   1 
ATOM   841  N  N     . THR A 1 169 ? 1.922   -0.296  14.940  1.00 69.38 ? 152  THR A N     1 
ATOM   842  C  CA    . THR A 1 169 ? 3.390   -0.327  14.890  1.00 69.84 ? 152  THR A CA    1 
ATOM   843  C  C     . THR A 1 169 ? 3.873   -1.208  13.737  1.00 70.03 ? 152  THR A C     1 
ATOM   844  O  O     . THR A 1 169 ? 3.105   -1.999  13.187  1.00 70.23 ? 152  THR A O     1 
ATOM   845  C  CB    . THR A 1 169 ? 3.998   -0.845  16.196  1.00 69.75 ? 152  THR A CB    1 
ATOM   846  O  OG1   . THR A 1 169 ? 3.438   -2.124  16.491  1.00 69.80 ? 152  THR A OG1   1 
ATOM   847  C  CG2   . THR A 1 169 ? 3.717   0.121   17.346  1.00 69.43 ? 152  THR A CG2   1 
ATOM   848  N  N     . TYR A 1 170 ? 5.140   -1.046  13.363  1.00 70.13 ? 153  TYR A N     1 
ATOM   849  C  CA    . TYR A 1 170 ? 5.760   -1.891  12.344  1.00 70.10 ? 153  TYR A CA    1 
ATOM   850  C  C     . TYR A 1 170 ? 5.487   -3.373  12.619  1.00 70.44 ? 153  TYR A C     1 
ATOM   851  O  O     . TYR A 1 170 ? 4.939   -4.083  11.771  1.00 69.96 ? 153  TYR A O     1 
ATOM   852  C  CB    . TYR A 1 170 ? 7.267   -1.640  12.290  1.00 69.99 ? 153  TYR A CB    1 
ATOM   853  C  CG    . TYR A 1 170 ? 7.962   -2.311  11.129  1.00 70.06 ? 153  TYR A CG    1 
ATOM   854  C  CD1   . TYR A 1 170 ? 8.355   -3.647  11.201  1.00 70.05 ? 153  TYR A CD1   1 
ATOM   855  C  CD2   . TYR A 1 170 ? 8.236   -1.605  9.956   1.00 69.75 ? 153  TYR A CD2   1 
ATOM   856  C  CE1   . TYR A 1 170 ? 8.999   -4.267  10.131  1.00 70.19 ? 153  TYR A CE1   1 
ATOM   857  C  CE2   . TYR A 1 170 ? 8.877   -2.211  8.884   1.00 69.78 ? 153  TYR A CE2   1 
ATOM   858  C  CZ    . TYR A 1 170 ? 9.255   -3.543  8.978   1.00 70.56 ? 153  TYR A CZ    1 
ATOM   859  O  OH    . TYR A 1 170 ? 9.882   -4.147  7.914   1.00 70.76 ? 153  TYR A OH    1 
ATOM   860  N  N     . HIS A 1 171 ? 5.860   -3.827  13.814  1.00 71.00 ? 154  HIS A N     1 
ATOM   861  C  CA    . HIS A 1 171 ? 5.768   -5.245  14.157  1.00 71.70 ? 154  HIS A CA    1 
ATOM   862  C  C     . HIS A 1 171 ? 4.355   -5.757  13.898  1.00 71.90 ? 154  HIS A C     1 
ATOM   863  O  O     . HIS A 1 171 ? 4.160   -6.820  13.299  1.00 72.27 ? 154  HIS A O     1 
ATOM   864  C  CB    . HIS A 1 171 ? 6.169   -5.472  15.617  1.00 71.97 ? 154  HIS A CB    1 
ATOM   865  C  CG    . HIS A 1 171 ? 5.957   -6.876  16.100  1.00 73.25 ? 154  HIS A CG    1 
ATOM   866  N  ND1   . HIS A 1 171 ? 6.717   -7.941  15.659  1.00 74.71 ? 154  HIS A ND1   1 
ATOM   867  C  CD2   . HIS A 1 171 ? 5.086   -7.388  17.008  1.00 73.90 ? 154  HIS A CD2   1 
ATOM   868  C  CE1   . HIS A 1 171 ? 6.322   -9.046  16.271  1.00 74.51 ? 154  HIS A CE1   1 
ATOM   869  N  NE2   . HIS A 1 171 ? 5.332   -8.738  17.092  1.00 73.91 ? 154  HIS A NE2   1 
ATOM   870  N  N     . ARG A 1 172 ? 3.374   -4.979  14.333  1.00 71.85 ? 155  ARG A N     1 
ATOM   871  C  CA    . ARG A 1 172 ? 1.979   -5.350  14.178  1.00 71.99 ? 155  ARG A CA    1 
ATOM   872  C  C     . ARG A 1 172 ? 1.551   -5.354  12.699  1.00 71.30 ? 155  ARG A C     1 
ATOM   873  O  O     . ARG A 1 172 ? 0.829   -6.249  12.263  1.00 70.77 ? 155  ARG A O     1 
ATOM   874  C  CB    . ARG A 1 172 ? 1.110   -4.417  15.034  1.00 72.58 ? 155  ARG A CB    1 
ATOM   875  C  CG    . ARG A 1 172 ? -0.363  -4.441  14.696  1.00 74.25 ? 155  ARG A CG    1 
ATOM   876  C  CD    . ARG A 1 172 ? -1.246  -4.169  15.903  1.00 75.47 ? 155  ARG A CD    1 
ATOM   877  N  NE    . ARG A 1 172 ? -1.340  -5.330  16.775  1.00 76.78 ? 155  ARG A NE    1 
ATOM   878  C  CZ    . ARG A 1 172 ? -1.946  -6.483  16.474  1.00 77.37 ? 155  ARG A CZ    1 
ATOM   879  N  NH1   . ARG A 1 172 ? -1.968  -7.455  17.386  1.00 77.28 ? 155  ARG A NH1   1 
ATOM   880  N  NH2   . ARG A 1 172 ? -2.525  -6.689  15.283  1.00 77.10 ? 155  ARG A NH2   1 
ATOM   881  N  N     . GLY A 1 173 ? 2.009   -4.360  11.939  1.00 71.00 ? 156  GLY A N     1 
ATOM   882  C  CA    . GLY A 1 173 ? 1.836   -4.336  10.482  1.00 70.42 ? 156  GLY A CA    1 
ATOM   883  C  C     . GLY A 1 173 ? 2.375   -5.595  9.817   1.00 70.18 ? 156  GLY A C     1 
ATOM   884  O  O     . GLY A 1 173 ? 1.778   -6.116  8.878   1.00 70.05 ? 156  GLY A O     1 
ATOM   885  N  N     . GLN A 1 174 ? 3.490   -6.102  10.328  1.00 69.78 ? 157  GLN A N     1 
ATOM   886  C  CA    . GLN A 1 174 ? 4.092   -7.318  9.796   1.00 69.73 ? 157  GLN A CA    1 
ATOM   887  C  C     . GLN A 1 174 ? 3.186   -8.516  10.059  1.00 69.25 ? 157  GLN A C     1 
ATOM   888  O  O     . GLN A 1 174 ? 2.947   -9.325  9.170   1.00 68.54 ? 157  GLN A O     1 
ATOM   889  C  CB    . GLN A 1 174 ? 5.480   -7.534  10.425  1.00 70.03 ? 157  GLN A CB    1 
ATOM   890  C  CG    . GLN A 1 174 ? 6.475   -8.232  9.516   1.00 71.03 ? 157  GLN A CG    1 
ATOM   891  C  CD    . GLN A 1 174 ? 7.836   -7.569  9.543   1.00 72.53 ? 157  GLN A CD    1 
ATOM   892  O  OE1   . GLN A 1 174 ? 8.508   -7.549  10.578  1.00 73.62 ? 157  GLN A OE1   1 
ATOM   893  N  NE2   . GLN A 1 174 ? 8.251   -7.012  8.404   1.00 72.48 ? 157  GLN A NE2   1 
ATOM   894  N  N     . GLU A 1 175 ? 2.690   -8.612  11.290  1.00 69.24 ? 158  GLU A N     1 
ATOM   895  C  CA    . GLU A 1 175 ? 1.699   -9.624  11.662  1.00 69.46 ? 158  GLU A CA    1 
ATOM   896  C  C     . GLU A 1 175 ? 0.478   -9.637  10.726  1.00 69.20 ? 158  GLU A C     1 
ATOM   897  O  O     . GLU A 1 175 ? 0.084   -10.686 10.228  1.00 68.65 ? 158  GLU A O     1 
ATOM   898  C  CB    . GLU A 1 175 ? 1.212   -9.405  13.102  1.00 69.80 ? 158  GLU A CB    1 
ATOM   899  C  CG    . GLU A 1 175 ? 2.253   -9.594  14.213  1.00 71.45 ? 158  GLU A CG    1 
ATOM   900  C  CD    . GLU A 1 175 ? 2.992   -10.938 14.146  1.00 73.91 ? 158  GLU A CD    1 
ATOM   901  O  OE1   . GLU A 1 175 ? 4.010   -11.032 13.420  1.00 74.98 ? 158  GLU A OE1   1 
ATOM   902  O  OE2   . GLU A 1 175 ? 2.570   -11.895 14.840  1.00 75.33 ? 158  GLU A OE2   1 
ATOM   903  N  N     . MET A 1 176 ? -0.121  -8.473  10.498  1.00 69.29 ? 159  MET A N     1 
ATOM   904  C  CA    . MET A 1 176 ? -1.192  -8.345  9.509   1.00 69.42 ? 159  MET A CA    1 
ATOM   905  C  C     . MET A 1 176 ? -0.798  -8.972  8.180   1.00 68.99 ? 159  MET A C     1 
ATOM   906  O  O     . MET A 1 176 ? -1.561  -9.743  7.598   1.00 69.37 ? 159  MET A O     1 
ATOM   907  C  CB    . MET A 1 176 ? -1.518  -6.879  9.264   1.00 69.77 ? 159  MET A CB    1 
ATOM   908  C  CG    . MET A 1 176 ? -2.666  -6.620  8.263   1.00 71.00 ? 159  MET A CG    1 
ATOM   909  S  SD    . MET A 1 176 ? -4.259  -7.372  8.706   1.00 74.83 ? 159  MET A SD    1 
ATOM   910  C  CE    . MET A 1 176 ? -4.287  -7.241  10.497  1.00 74.50 ? 159  MET A CE    1 
ATOM   911  N  N     . ALA A 1 177 ? 0.393   -8.634  7.705   1.00 68.38 ? 160  ALA A N     1 
ATOM   912  C  CA    . ALA A 1 177 ? 0.896   -9.165  6.445   1.00 68.11 ? 160  ALA A CA    1 
ATOM   913  C  C     . ALA A 1 177 ? 0.907   -10.692 6.439   1.00 68.18 ? 160  ALA A C     1 
ATOM   914  O  O     . ALA A 1 177 ? 0.433   -11.318 5.473   1.00 67.93 ? 160  ALA A O     1 
ATOM   915  C  CB    . ALA A 1 177 ? 2.301   -8.613  6.148   1.00 67.79 ? 160  ALA A CB    1 
ATOM   916  N  N     . ARG A 1 178 ? 1.447   -11.291 7.499   1.00 67.97 ? 161  ARG A N     1 
ATOM   917  C  CA    . ARG A 1 178 ? 1.437   -12.742 7.606   1.00 68.68 ? 161  ARG A CA    1 
ATOM   918  C  C     . ARG A 1 178 ? 0.011   -13.291 7.576   1.00 67.61 ? 161  ARG A C     1 
ATOM   919  O  O     . ARG A 1 178 ? -0.254  -14.256 6.862   1.00 67.34 ? 161  ARG A O     1 
ATOM   920  C  CB    . ARG A 1 178 ? 2.195   -13.252 8.851   1.00 68.77 ? 161  ARG A CB    1 
ATOM   921  C  CG    . ARG A 1 178 ? 3.708   -13.181 8.688   1.00 70.13 ? 161  ARG A CG    1 
ATOM   922  C  CD    . ARG A 1 178 ? 4.487   -14.023 9.710   1.00 71.87 ? 161  ARG A CD    1 
ATOM   923  N  NE    . ARG A 1 178 ? 5.025   -13.244 10.844  1.00 75.52 ? 161  ARG A NE    1 
ATOM   924  C  CZ    . ARG A 1 178 ? 5.975   -12.295 10.766  1.00 76.44 ? 161  ARG A CZ    1 
ATOM   925  N  NH1   . ARG A 1 178 ? 6.386   -11.675 11.876  1.00 75.70 ? 161  ARG A NH1   1 
ATOM   926  N  NH2   . ARG A 1 178 ? 6.519   -11.946 9.596   1.00 77.21 ? 161  ARG A NH2   1 
ATOM   927  N  N     . SER A 1 179 ? -0.916  -12.667 8.299   1.00 66.67 ? 162  SER A N     1 
ATOM   928  C  CA    . SER A 1 179 ? -2.247  -13.266 8.420   1.00 66.40 ? 162  SER A CA    1 
ATOM   929  C  C     . SER A 1 179 ? -3.080  -13.077 7.158   1.00 65.58 ? 162  SER A C     1 
ATOM   930  O  O     . SER A 1 179 ? -4.168  -13.634 7.030   1.00 65.67 ? 162  SER A O     1 
ATOM   931  C  CB    . SER A 1 179 ? -2.990  -12.792 9.674   1.00 66.15 ? 162  SER A CB    1 
ATOM   932  O  OG    . SER A 1 179 ? -3.221  -11.412 9.638   1.00 67.95 ? 162  SER A OG    1 
ATOM   933  N  N     . VAL A 1 180 ? -2.547  -12.337 6.206   1.00 64.69 ? 163  VAL A N     1 
ATOM   934  C  CA    . VAL A 1 180 ? -3.232  -12.127 4.950   1.00 64.32 ? 163  VAL A CA    1 
ATOM   935  C  C     . VAL A 1 180 ? -2.472  -12.732 3.747   1.00 63.90 ? 163  VAL A C     1 
ATOM   936  O  O     . VAL A 1 180 ? -2.870  -12.565 2.587   1.00 63.61 ? 163  VAL A O     1 
ATOM   937  C  CB    . VAL A 1 180 ? -3.506  -10.622 4.803   1.00 64.46 ? 163  VAL A CB    1 
ATOM   938  C  CG1   . VAL A 1 180 ? -3.372  -10.152 3.362   1.00 65.03 ? 163  VAL A CG1   1 
ATOM   939  C  CG2   . VAL A 1 180 ? -4.861  -10.309 5.379   1.00 63.47 ? 163  VAL A CG2   1 
ATOM   940  N  N     . GLY A 1 181 ? -1.406  -13.473 4.038   1.00 63.50 ? 164  GLY A N     1 
ATOM   941  C  CA    . GLY A 1 181 ? -0.606  -14.129 3.006   1.00 62.90 ? 164  GLY A CA    1 
ATOM   942  C  C     . GLY A 1 181 ? 0.140   -13.159 2.108   1.00 62.28 ? 164  GLY A C     1 
ATOM   943  O  O     . GLY A 1 181 ? 0.426   -13.478 0.956   1.00 62.15 ? 164  GLY A O     1 
ATOM   944  N  N     . ALA A 1 182 ? 0.461   -11.975 2.622   1.00 61.84 ? 165  ALA A N     1 
ATOM   945  C  CA    . ALA A 1 182 ? 1.191   -10.974 1.813   1.00 61.56 ? 165  ALA A CA    1 
ATOM   946  C  C     . ALA A 1 182 ? 2.650   -11.369 1.663   1.00 61.48 ? 165  ALA A C     1 
ATOM   947  O  O     . ALA A 1 182 ? 3.248   -11.931 2.578   1.00 61.52 ? 165  ALA A O     1 
ATOM   948  C  CB    . ALA A 1 182 ? 1.111   -9.619  2.427   1.00 61.16 ? 165  ALA A CB    1 
ATOM   949  N  N     . VAL A 1 183 ? 3.228   -11.052 0.513   1.00 61.45 ? 166  VAL A N     1 
ATOM   950  C  CA    . VAL A 1 183 ? 4.648   -11.301 0.279   1.00 61.11 ? 166  VAL A CA    1 
ATOM   951  C  C     . VAL A 1 183 ? 5.567   -10.340 1.056   1.00 60.72 ? 166  VAL A C     1 
ATOM   952  O  O     . VAL A 1 183 ? 6.740   -10.631 1.251   1.00 60.97 ? 166  VAL A O     1 
ATOM   953  C  CB    . VAL A 1 183 ? 4.962   -11.237 -1.221  1.00 61.26 ? 166  VAL A CB    1 
ATOM   954  C  CG1   . VAL A 1 183 ? 6.450   -11.375 -1.466  1.00 61.80 ? 166  VAL A CG1   1 
ATOM   955  C  CG2   . VAL A 1 183 ? 4.203   -12.330 -1.946  1.00 60.96 ? 166  VAL A CG2   1 
ATOM   956  N  N     . ALA A 1 184 ? 5.040   -9.204  1.504   1.00 60.42 ? 167  ALA A N     1 
ATOM   957  C  CA    . ALA A 1 184 ? 5.828   -8.263  2.299   1.00 59.82 ? 167  ALA A CA    1 
ATOM   958  C  C     . ALA A 1 184 ? 4.959   -7.211  2.976   1.00 59.88 ? 167  ALA A C     1 
ATOM   959  O  O     . ALA A 1 184 ? 3.789   -7.008  2.626   1.00 58.94 ? 167  ALA A O     1 
ATOM   960  C  CB    . ALA A 1 184 ? 6.852   -7.580  1.417   1.00 59.41 ? 167  ALA A CB    1 
ATOM   961  N  N     . TYR A 1 185 ? 5.569   -6.525  3.934   1.00 60.18 ? 168  TYR A N     1 
ATOM   962  C  CA    . TYR A 1 185 ? 4.978   -5.362  4.554   1.00 60.26 ? 168  TYR A CA    1 
ATOM   963  C  C     . TYR A 1 185 ? 5.972   -4.223  4.492   1.00 60.61 ? 168  TYR A C     1 
ATOM   964  O  O     . TYR A 1 185 ? 7.137   -4.377  4.839   1.00 60.79 ? 168  TYR A O     1 
ATOM   965  C  CB    . TYR A 1 185 ? 4.595   -5.632  5.997   1.00 60.40 ? 168  TYR A CB    1 
ATOM   966  C  CG    . TYR A 1 185 ? 4.224   -4.372  6.741   1.00 60.87 ? 168  TYR A CG    1 
ATOM   967  C  CD1   . TYR A 1 185 ? 2.961   -3.829  6.636   1.00 61.38 ? 168  TYR A CD1   1 
ATOM   968  C  CD2   . TYR A 1 185 ? 5.156   -3.705  7.528   1.00 62.19 ? 168  TYR A CD2   1 
ATOM   969  C  CE1   . TYR A 1 185 ? 2.641   -2.653  7.291   1.00 61.78 ? 168  TYR A CE1   1 
ATOM   970  C  CE2   . TYR A 1 185 ? 4.834   -2.538  8.186   1.00 60.83 ? 168  TYR A CE2   1 
ATOM   971  C  CZ    . TYR A 1 185 ? 3.593   -2.023  8.060   1.00 60.31 ? 168  TYR A CZ    1 
ATOM   972  O  OH    . TYR A 1 185 ? 3.288   -0.878  8.719   1.00 61.56 ? 168  TYR A OH    1 
ATOM   973  N  N     . LEU A 1 186 ? 5.491   -3.070  4.048   1.00 61.29 ? 169  LEU A N     1 
ATOM   974  C  CA    . LEU A 1 186 ? 6.311   -1.892  3.901   1.00 61.43 ? 169  LEU A CA    1 
ATOM   975  C  C     . LEU A 1 186 ? 5.564   -0.700  4.434   1.00 61.62 ? 169  LEU A C     1 
ATOM   976  O  O     . LEU A 1 186 ? 4.349   -0.720  4.572   1.00 62.12 ? 169  LEU A O     1 
ATOM   977  C  CB    . LEU A 1 186 ? 6.624   -1.672  2.437   1.00 61.73 ? 169  LEU A CB    1 
ATOM   978  C  CG    . LEU A 1 186 ? 7.347   -2.827  1.732   1.00 63.03 ? 169  LEU A CG    1 
ATOM   979  C  CD1   . LEU A 1 186 ? 6.998   -2.872  0.225   1.00 63.37 ? 169  LEU A CD1   1 
ATOM   980  C  CD2   . LEU A 1 186 ? 8.851   -2.706  1.979   1.00 62.79 ? 169  LEU A CD2   1 
ATOM   981  N  N     . GLU A 1 187 ? 6.312   0.343   4.722   1.00 62.59 ? 170  GLU A N     1 
ATOM   982  C  CA    . GLU A 1 187 ? 5.776   1.579   5.272   1.00 63.11 ? 170  GLU A CA    1 
ATOM   983  C  C     . GLU A 1 187 ? 6.399   2.765   4.585   1.00 63.00 ? 170  GLU A C     1 
ATOM   984  O  O     . GLU A 1 187 ? 7.574   2.719   4.175   1.00 63.19 ? 170  GLU A O     1 
ATOM   985  C  CB    . GLU A 1 187 ? 6.162   1.701   6.720   1.00 63.33 ? 170  GLU A CB    1 
ATOM   986  C  CG    . GLU A 1 187 ? 5.448   0.771   7.600   1.00 64.52 ? 170  GLU A CG    1 
ATOM   987  C  CD    . GLU A 1 187 ? 5.829   0.986   9.051   1.00 65.23 ? 170  GLU A CD    1 
ATOM   988  O  OE1   . GLU A 1 187 ? 6.834   1.678   9.318   1.00 65.13 ? 170  GLU A OE1   1 
ATOM   989  O  OE2   . GLU A 1 187 ? 5.105   0.464   9.918   1.00 65.58 ? 170  GLU A OE2   1 
ATOM   990  N  N     . CYS A 1 188 ? 5.635   3.847   4.528   1.00 62.76 ? 171  CYS A N     1 
ATOM   991  C  CA    . CYS A 1 188 ? 6.101   5.064   3.904   1.00 62.74 ? 171  CYS A CA    1 
ATOM   992  C  C     . CYS A 1 188 ? 5.303   6.241   4.406   1.00 62.57 ? 171  CYS A C     1 
ATOM   993  O  O     . CYS A 1 188 ? 4.242   6.073   5.006   1.00 62.17 ? 171  CYS A O     1 
ATOM   994  C  CB    . CYS A 1 188 ? 5.913   4.953   2.409   1.00 62.57 ? 171  CYS A CB    1 
ATOM   995  S  SG    . CYS A 1 188 ? 4.197   4.658   2.007   1.00 63.93 ? 171  CYS A SG    1 
ATOM   996  N  N     . SER A 1 189 ? 5.842   7.426   4.157   1.00 62.86 ? 172  SER A N     1 
ATOM   997  C  CA    . SER A 1 189 ? 5.128   8.669   4.342   1.00 63.37 ? 172  SER A CA    1 
ATOM   998  C  C     . SER A 1 189 ? 5.202   9.423   3.030   1.00 63.64 ? 172  SER A C     1 
ATOM   999  O  O     . SER A 1 189 ? 6.289   9.792   2.596   1.00 64.06 ? 172  SER A O     1 
ATOM   1000 C  CB    . SER A 1 189 ? 5.769   9.507   5.455   1.00 63.36 ? 172  SER A CB    1 
ATOM   1001 O  OG    . SER A 1 189 ? 5.142   10.784  5.552   1.00 63.28 ? 172  SER A OG    1 
ATOM   1002 N  N     . ALA A 1 190 ? 4.062   9.640   2.387   1.00 63.99 ? 173  ALA A N     1 
ATOM   1003 C  CA    . ALA A 1 190 ? 4.035   10.431  1.173   1.00 64.46 ? 173  ALA A CA    1 
ATOM   1004 C  C     . ALA A 1 190 ? 4.355   11.887  1.502   1.00 65.58 ? 173  ALA A C     1 
ATOM   1005 O  O     . ALA A 1 190 ? 4.932   12.607  0.691   1.00 65.98 ? 173  ALA A O     1 
ATOM   1006 C  CB    . ALA A 1 190 ? 2.692   10.312  0.502   1.00 64.21 ? 173  ALA A CB    1 
ATOM   1007 N  N     . ARG A 1 191 ? 4.005   12.316  2.712   1.00 66.87 ? 174  ARG A N     1 
ATOM   1008 C  CA    . ARG A 1 191 ? 4.252   13.688  3.139   1.00 67.77 ? 174  ARG A CA    1 
ATOM   1009 C  C     . ARG A 1 191 ? 5.740   14.035  3.197   1.00 67.84 ? 174  ARG A C     1 
ATOM   1010 O  O     . ARG A 1 191 ? 6.126   15.119  2.782   1.00 67.95 ? 174  ARG A O     1 
ATOM   1011 C  CB    . ARG A 1 191 ? 3.616   13.938  4.512   1.00 68.33 ? 174  ARG A CB    1 
ATOM   1012 C  CG    . ARG A 1 191 ? 3.850   15.345  5.071   1.00 70.03 ? 174  ARG A CG    1 
ATOM   1013 C  CD    . ARG A 1 191 ? 3.122   16.394  4.230   1.00 72.66 ? 174  ARG A CD    1 
ATOM   1014 N  NE    . ARG A 1 191 ? 1.676   16.337  4.470   1.00 74.17 ? 174  ARG A NE    1 
ATOM   1015 C  CZ    . ARG A 1 191 ? 0.972   17.234  5.166   1.00 74.27 ? 174  ARG A CZ    1 
ATOM   1016 N  NH1   . ARG A 1 191 ? 1.556   18.310  5.694   1.00 74.57 ? 174  ARG A NH1   1 
ATOM   1017 N  NH2   . ARG A 1 191 ? -0.340  17.055  5.320   1.00 74.33 ? 174  ARG A NH2   1 
ATOM   1018 N  N     . LEU A 1 192 ? 6.559   13.131  3.730   1.00 68.13 ? 175  LEU A N     1 
ATOM   1019 C  CA    . LEU A 1 192 ? 7.994   13.368  3.866   1.00 68.39 ? 175  LEU A CA    1 
ATOM   1020 C  C     . LEU A 1 192 ? 8.794   12.720  2.746   1.00 69.08 ? 175  LEU A C     1 
ATOM   1021 O  O     . LEU A 1 192 ? 10.005  12.573  2.868   1.00 68.52 ? 175  LEU A O     1 
ATOM   1022 C  CB    . LEU A 1 192 ? 8.488   12.805  5.200   1.00 68.37 ? 175  LEU A CB    1 
ATOM   1023 C  CG    . LEU A 1 192 ? 7.788   13.272  6.483   1.00 68.38 ? 175  LEU A CG    1 
ATOM   1024 C  CD1   . LEU A 1 192 ? 8.356   12.540  7.701   1.00 67.01 ? 175  LEU A CD1   1 
ATOM   1025 C  CD2   . LEU A 1 192 ? 7.901   14.789  6.650   1.00 67.33 ? 175  LEU A CD2   1 
ATOM   1026 N  N     . HIS A 1 193 ? 8.123   12.319  1.668   1.00 70.25 ? 176  HIS A N     1 
ATOM   1027 C  CA    . HIS A 1 193 ? 8.745   11.497  0.622   1.00 71.44 ? 176  HIS A CA    1 
ATOM   1028 C  C     . HIS A 1 193 ? 9.643   10.424  1.240   1.00 71.10 ? 176  HIS A C     1 
ATOM   1029 O  O     . HIS A 1 193 ? 10.783  10.236  0.827   1.00 70.83 ? 176  HIS A O     1 
ATOM   1030 C  CB    . HIS A 1 193 ? 9.591   12.345  -0.333  1.00 72.44 ? 176  HIS A CB    1 
ATOM   1031 C  CG    . HIS A 1 193 ? 8.833   13.412  -1.068  1.00 75.66 ? 176  HIS A CG    1 
ATOM   1032 N  ND1   . HIS A 1 193 ? 7.889   14.219  -0.463  1.00 78.50 ? 176  HIS A ND1   1 
ATOM   1033 C  CD2   . HIS A 1 193 ? 8.933   13.845  -2.351  1.00 78.05 ? 176  HIS A CD2   1 
ATOM   1034 C  CE1   . HIS A 1 193 ? 7.416   15.080  -1.350  1.00 79.11 ? 176  HIS A CE1   1 
ATOM   1035 N  NE2   . HIS A 1 193 ? 8.036   14.877  -2.501  1.00 79.46 ? 176  HIS A NE2   1 
ATOM   1036 N  N     . ASP A 1 194 ? 9.130   9.730   2.240   1.00 70.89 ? 177  ASP A N     1 
ATOM   1037 C  CA    . ASP A 1 194 ? 9.920   8.751   2.969   1.00 70.92 ? 177  ASP A CA    1 
ATOM   1038 C  C     . ASP A 1 194 ? 9.540   7.337   2.523   1.00 69.81 ? 177  ASP A C     1 
ATOM   1039 O  O     . ASP A 1 194 ? 8.445   6.863   2.787   1.00 69.80 ? 177  ASP A O     1 
ATOM   1040 C  CB    . ASP A 1 194 ? 9.697   8.947   4.477   1.00 71.49 ? 177  ASP A CB    1 
ATOM   1041 C  CG    . ASP A 1 194 ? 10.486  7.962   5.341   1.00 73.62 ? 177  ASP A CG    1 
ATOM   1042 O  OD1   . ASP A 1 194 ? 11.452  7.335   4.852   1.00 76.74 ? 177  ASP A OD1   1 
ATOM   1043 O  OD2   . ASP A 1 194 ? 10.135  7.834   6.537   1.00 76.53 ? 177  ASP A OD2   1 
ATOM   1044 N  N     . ASN A 1 195 ? 10.450  6.698   1.803   1.00 69.02 ? 178  ASN A N     1 
ATOM   1045 C  CA    . ASN A 1 195 ? 10.351  5.291   1.458   1.00 68.63 ? 178  ASN A CA    1 
ATOM   1046 C  C     . ASN A 1 195 ? 9.297   4.958   0.405   1.00 68.06 ? 178  ASN A C     1 
ATOM   1047 O  O     . ASN A 1 195 ? 8.907   3.803   0.243   1.00 68.05 ? 178  ASN A O     1 
ATOM   1048 C  CB    . ASN A 1 195 ? 10.089  4.468   2.704   1.00 68.91 ? 178  ASN A CB    1 
ATOM   1049 C  CG    . ASN A 1 195 ? 10.648  3.086   2.589   1.00 70.59 ? 178  ASN A CG    1 
ATOM   1050 O  OD1   . ASN A 1 195 ? 11.815  2.920   2.206   1.00 73.74 ? 178  ASN A OD1   1 
ATOM   1051 N  ND2   . ASN A 1 195 ? 9.832   2.076   2.898   1.00 70.29 ? 178  ASN A ND2   1 
ATOM   1052 N  N     . VAL A 1 196 ? 8.862   5.967   -0.333  1.00 67.57 ? 179  VAL A N     1 
ATOM   1053 C  CA    . VAL A 1 196 ? 7.787   5.812   -1.303  1.00 67.11 ? 179  VAL A CA    1 
ATOM   1054 C  C     . VAL A 1 196 ? 8.251   5.076   -2.572  1.00 66.93 ? 179  VAL A C     1 
ATOM   1055 O  O     . VAL A 1 196 ? 7.580   4.140   -3.034  1.00 67.11 ? 179  VAL A O     1 
ATOM   1056 C  CB    . VAL A 1 196 ? 7.156   7.185   -1.623  1.00 67.17 ? 179  VAL A CB    1 
ATOM   1057 C  CG1   . VAL A 1 196 ? 6.212   7.088   -2.818  1.00 67.21 ? 179  VAL A CG1   1 
ATOM   1058 C  CG2   . VAL A 1 196 ? 6.425   7.706   -0.359  1.00 66.40 ? 179  VAL A CG2   1 
ATOM   1059 N  N     . HIS A 1 197 ? 9.394   5.470   -3.115  1.00 66.03 ? 180  HIS A N     1 
ATOM   1060 C  CA    . HIS A 1 197 ? 9.992   4.749   -4.233  1.00 66.14 ? 180  HIS A CA    1 
ATOM   1061 C  C     . HIS A 1 197 ? 10.321  3.316   -3.891  1.00 64.83 ? 180  HIS A C     1 
ATOM   1062 O  O     . HIS A 1 197 ? 10.218  2.441   -4.758  1.00 65.00 ? 180  HIS A O     1 
ATOM   1063 C  CB    . HIS A 1 197 ? 11.305  5.400   -4.692  1.00 67.05 ? 180  HIS A CB    1 
ATOM   1064 C  CG    . HIS A 1 197 ? 11.114  6.675   -5.429  1.00 69.31 ? 180  HIS A CG    1 
ATOM   1065 N  ND1   . HIS A 1 197 ? 11.065  6.728   -6.807  1.00 72.98 ? 180  HIS A ND1   1 
ATOM   1066 C  CD2   . HIS A 1 197 ? 10.954  7.947   -4.986  1.00 72.08 ? 180  HIS A CD2   1 
ATOM   1067 C  CE1   . HIS A 1 197 ? 10.896  7.988   -7.181  1.00 74.87 ? 180  HIS A CE1   1 
ATOM   1068 N  NE2   . HIS A 1 197 ? 10.835  8.747   -6.095  1.00 74.68 ? 180  HIS A NE2   1 
ATOM   1069 N  N     . ALA A 1 198 ? 10.785  3.084   -2.666  1.00 63.26 ? 181  ALA A N     1 
ATOM   1070 C  CA    . ALA A 1 198 ? 11.073  1.727   -2.231  1.00 62.73 ? 181  ALA A CA    1 
ATOM   1071 C  C     . ALA A 1 198 ? 9.809   0.893   -2.325  1.00 61.84 ? 181  ALA A C     1 
ATOM   1072 O  O     . ALA A 1 198 ? 9.860   -0.226  -2.807  1.00 62.23 ? 181  ALA A O     1 
ATOM   1073 C  CB    . ALA A 1 198 ? 11.633  1.691   -0.810  1.00 62.78 ? 181  ALA A CB    1 
ATOM   1074 N  N     . VAL A 1 199 ? 8.669   1.439   -1.921  1.00 60.60 ? 182  VAL A N     1 
ATOM   1075 C  CA    . VAL A 1 199 ? 7.436   0.672   -2.038  1.00 60.11 ? 182  VAL A CA    1 
ATOM   1076 C  C     . VAL A 1 199 ? 7.217   0.196   -3.469  1.00 59.97 ? 182  VAL A C     1 
ATOM   1077 O  O     . VAL A 1 199 ? 6.905   -0.963  -3.700  1.00 60.25 ? 182  VAL A O     1 
ATOM   1078 C  CB    . VAL A 1 199 ? 6.179   1.442   -1.570  1.00 60.06 ? 182  VAL A CB    1 
ATOM   1079 C  CG1   . VAL A 1 199 ? 4.961   0.584   -1.756  1.00 57.60 ? 182  VAL A CG1   1 
ATOM   1080 C  CG2   . VAL A 1 199 ? 6.313   1.883   -0.102  1.00 59.41 ? 182  VAL A CG2   1 
ATOM   1081 N  N     . PHE A 1 200 ? 7.382   1.075   -4.437  1.00 59.97 ? 183  PHE A N     1 
ATOM   1082 C  CA    . PHE A 1 200 ? 7.059   0.697   -5.799  1.00 60.49 ? 183  PHE A CA    1 
ATOM   1083 C  C     . PHE A 1 200 ? 8.158   -0.138  -6.451  1.00 60.94 ? 183  PHE A C     1 
ATOM   1084 O  O     . PHE A 1 200 ? 7.899   -0.841  -7.408  1.00 60.97 ? 183  PHE A O     1 
ATOM   1085 C  CB    . PHE A 1 200 ? 6.717   1.920   -6.632  1.00 60.13 ? 183  PHE A CB    1 
ATOM   1086 C  CG    . PHE A 1 200 ? 5.391   2.515   -6.277  1.00 61.15 ? 183  PHE A CG    1 
ATOM   1087 C  CD1   . PHE A 1 200 ? 4.213   2.017   -6.837  1.00 60.87 ? 183  PHE A CD1   1 
ATOM   1088 C  CD2   . PHE A 1 200 ? 5.298   3.557   -5.362  1.00 61.71 ? 183  PHE A CD2   1 
ATOM   1089 C  CE1   . PHE A 1 200 ? 3.010   2.545   -6.510  1.00 59.15 ? 183  PHE A CE1   1 
ATOM   1090 C  CE2   . PHE A 1 200 ? 4.066   4.089   -5.041  1.00 61.27 ? 183  PHE A CE2   1 
ATOM   1091 C  CZ    . PHE A 1 200 ? 2.927   3.568   -5.605  1.00 60.12 ? 183  PHE A CZ    1 
ATOM   1092 N  N     . GLN A 1 201 ? 9.373   -0.068  -5.927  1.00 61.58 ? 184  GLN A N     1 
ATOM   1093 C  CA    . GLN A 1 201 ? 10.448  -0.934  -6.379  1.00 62.29 ? 184  GLN A CA    1 
ATOM   1094 C  C     . GLN A 1 201 ? 10.277  -2.359  -5.875  1.00 62.26 ? 184  GLN A C     1 
ATOM   1095 O  O     . GLN A 1 201 ? 10.508  -3.307  -6.619  1.00 61.92 ? 184  GLN A O     1 
ATOM   1096 C  CB    . GLN A 1 201 ? 11.804  -0.404  -5.906  1.00 63.01 ? 184  GLN A CB    1 
ATOM   1097 C  CG    . GLN A 1 201 ? 12.425  0.576   -6.859  1.00 64.32 ? 184  GLN A CG    1 
ATOM   1098 C  CD    . GLN A 1 201 ? 13.778  1.010   -6.407  1.00 65.52 ? 184  GLN A CD    1 
ATOM   1099 O  OE1   . GLN A 1 201 ? 14.784  0.612   -6.992  1.00 69.59 ? 184  GLN A OE1   1 
ATOM   1100 N  NE2   . GLN A 1 201 ? 13.829  1.821   -5.354  1.00 64.19 ? 184  GLN A NE2   1 
ATOM   1101 N  N     . GLU A 1 202 ? 9.923   -2.509  -4.605  1.00 62.52 ? 185  GLU A N     1 
ATOM   1102 C  CA    . GLU A 1 202 ? 9.552   -3.818  -4.077  1.00 63.01 ? 185  GLU A CA    1 
ATOM   1103 C  C     . GLU A 1 202 ? 8.384   -4.381  -4.855  1.00 62.43 ? 185  GLU A C     1 
ATOM   1104 O  O     . GLU A 1 202 ? 8.405   -5.526  -5.283  1.00 62.66 ? 185  GLU A O     1 
ATOM   1105 C  CB    . GLU A 1 202 ? 9.156   -3.732  -2.614  1.00 63.56 ? 185  GLU A CB    1 
ATOM   1106 C  CG    . GLU A 1 202 ? 10.243  -4.249  -1.684  1.00 66.77 ? 185  GLU A CG    1 
ATOM   1107 C  CD    . GLU A 1 202 ? 10.485  -5.746  -1.856  1.00 69.83 ? 185  GLU A CD    1 
ATOM   1108 O  OE1   . GLU A 1 202 ? 9.644   -6.557  -1.393  1.00 71.07 ? 185  GLU A OE1   1 
ATOM   1109 O  OE2   . GLU A 1 202 ? 11.524  -6.102  -2.463  1.00 73.34 ? 185  GLU A OE2   1 
ATOM   1110 N  N     . ALA A 1 203 ? 7.362   -3.556  -5.032  1.00 62.02 ? 186  ALA A N     1 
ATOM   1111 C  CA    . ALA A 1 203 ? 6.213   -3.909  -5.846  1.00 61.47 ? 186  ALA A CA    1 
ATOM   1112 C  C     . ALA A 1 203 ? 6.671   -4.531  -7.184  1.00 61.50 ? 186  ALA A C     1 
ATOM   1113 O  O     . ALA A 1 203 ? 6.310   -5.665  -7.518  1.00 61.98 ? 186  ALA A O     1 
ATOM   1114 C  CB    . ALA A 1 203 ? 5.353   -2.667  -6.073  1.00 60.62 ? 186  ALA A CB    1 
ATOM   1115 N  N     . ALA A 1 204 ? 7.497   -3.798  -7.926  1.00 61.25 ? 187  ALA A N     1 
ATOM   1116 C  CA    . ALA A 1 204 ? 8.042   -4.276  -9.197  1.00 61.12 ? 187  ALA A CA    1 
ATOM   1117 C  C     . ALA A 1 204 ? 8.795   -5.602  -9.061  1.00 61.18 ? 187  ALA A C     1 
ATOM   1118 O  O     . ALA A 1 204 ? 8.564   -6.522  -9.826  1.00 61.03 ? 187  ALA A O     1 
ATOM   1119 C  CB    . ALA A 1 204 ? 8.957   -3.218  -9.787  1.00 60.77 ? 187  ALA A CB    1 
ATOM   1120 N  N     . GLU A 1 205 ? 9.702   -5.685  -8.095  1.00 61.62 ? 188  GLU A N     1 
ATOM   1121 C  CA    . GLU A 1 205 ? 10.495  -6.895  -7.893  1.00 62.46 ? 188  GLU A CA    1 
ATOM   1122 C  C     . GLU A 1 205 ? 9.550   -8.072  -7.639  1.00 62.29 ? 188  GLU A C     1 
ATOM   1123 O  O     . GLU A 1 205 ? 9.625   -9.109  -8.312  1.00 61.96 ? 188  GLU A O     1 
ATOM   1124 C  CB    . GLU A 1 205 ? 11.519  -6.716  -6.747  1.00 62.50 ? 188  GLU A CB    1 
ATOM   1125 C  CG    . GLU A 1 205 ? 12.863  -6.097  -7.218  1.00 63.71 ? 188  GLU A CG    1 
ATOM   1126 C  CD    . GLU A 1 205 ? 13.762  -5.491  -6.095  1.00 64.47 ? 188  GLU A CD    1 
ATOM   1127 O  OE1   . GLU A 1 205 ? 13.296  -4.636  -5.303  1.00 67.10 ? 188  GLU A OE1   1 
ATOM   1128 O  OE2   . GLU A 1 205 ? 14.969  -5.841  -6.044  1.00 67.96 ? 188  GLU A OE2   1 
ATOM   1129 N  N     . VAL A 1 206 ? 8.627   -7.884  -6.704  1.00 62.39 ? 189  VAL A N     1 
ATOM   1130 C  CA    . VAL A 1 206 ? 7.636   -8.909  -6.402  1.00 62.30 ? 189  VAL A CA    1 
ATOM   1131 C  C     . VAL A 1 206 ? 6.817   -9.335  -7.644  1.00 62.78 ? 189  VAL A C     1 
ATOM   1132 O  O     . VAL A 1 206 ? 6.692   -10.530 -7.914  1.00 63.04 ? 189  VAL A O     1 
ATOM   1133 C  CB    . VAL A 1 206 ? 6.717   -8.456  -5.265  1.00 62.09 ? 189  VAL A CB    1 
ATOM   1134 C  CG1   . VAL A 1 206 ? 5.558   -9.431  -5.084  1.00 61.02 ? 189  VAL A CG1   1 
ATOM   1135 C  CG2   . VAL A 1 206 ? 7.533   -8.327  -3.981  1.00 61.27 ? 189  VAL A CG2   1 
ATOM   1136 N  N     . ALA A 1 207 ? 6.287   -8.377  -8.406  1.00 62.86 ? 190  ALA A N     1 
ATOM   1137 C  CA    . ALA A 1 207 ? 5.448   -8.709  -9.564  1.00 63.07 ? 190  ALA A CA    1 
ATOM   1138 C  C     . ALA A 1 207 ? 6.201   -9.551  -10.594 1.00 63.53 ? 190  ALA A C     1 
ATOM   1139 O  O     . ALA A 1 207 ? 5.682   -10.549 -11.102 1.00 63.79 ? 190  ALA A O     1 
ATOM   1140 C  CB    . ALA A 1 207 ? 4.914   -7.450  -10.209 1.00 63.01 ? 190  ALA A CB    1 
ATOM   1141 N  N     . LEU A 1 208 ? 7.432   -9.148  -10.883 1.00 63.90 ? 191  LEU A N     1 
ATOM   1142 C  CA    . LEU A 1 208 ? 8.266   -9.841  -11.851 1.00 64.23 ? 191  LEU A CA    1 
ATOM   1143 C  C     . LEU A 1 208 ? 8.746   -11.207 -11.349 1.00 64.40 ? 191  LEU A C     1 
ATOM   1144 O  O     . LEU A 1 208 ? 8.863   -12.144 -12.135 1.00 64.52 ? 191  LEU A O     1 
ATOM   1145 C  CB    . LEU A 1 208 ? 9.443   -8.949  -12.264 1.00 64.22 ? 191  LEU A CB    1 
ATOM   1146 C  CG    . LEU A 1 208 ? 8.980   -7.728  -13.077 1.00 64.10 ? 191  LEU A CG    1 
ATOM   1147 C  CD1   . LEU A 1 208 ? 10.006  -6.601  -13.060 1.00 63.91 ? 191  LEU A CD1   1 
ATOM   1148 C  CD2   . LEU A 1 208 ? 8.659   -8.128  -14.508 1.00 63.63 ? 191  LEU A CD2   1 
ATOM   1149 N  N     . SER A 1 209 ? 8.995   -11.331 -10.051 1.00 64.71 ? 192  SER A N     1 
ATOM   1150 C  CA    . SER A 1 209 ? 9.430   -12.607 -9.483  1.00 65.18 ? 192  SER A CA    1 
ATOM   1151 C  C     . SER A 1 209 ? 8.353   -13.707 -9.542  1.00 65.48 ? 192  SER A C     1 
ATOM   1152 O  O     . SER A 1 209 ? 8.695   -14.891 -9.453  1.00 65.86 ? 192  SER A O     1 
ATOM   1153 C  CB    . SER A 1 209 ? 9.915   -12.427 -8.048  1.00 65.18 ? 192  SER A CB    1 
ATOM   1154 O  OG    . SER A 1 209 ? 8.895   -11.859 -7.247  1.00 66.27 ? 192  SER A OG    1 
ATOM   1155 N  N     . SER A 1 210 ? 7.074   -13.329 -9.689  1.00 65.49 ? 193  SER A N     1 
ATOM   1156 C  CA    . SER A 1 210 ? 6.008   -14.285 -10.067 1.00 65.45 ? 193  SER A CA    1 
ATOM   1157 C  C     . SER A 1 210 ? 5.391   -13.958 -11.433 1.00 65.23 ? 193  SER A C     1 
ATOM   1158 O  O     . SER A 1 210 ? 5.861   -14.428 -12.476 1.00 64.99 ? 193  SER A O     1 
ATOM   1159 C  CB    . SER A 1 210 ? 4.917   -14.333 -9.001  1.00 65.54 ? 193  SER A CB    1 
ATOM   1160 O  OG    . SER A 1 210 ? 4.544   -13.027 -8.578  1.00 66.42 ? 193  SER A OG    1 
HETATM 1161 P  PB    . GDP B 2 .   ? -6.987  8.183   -0.595  1.00 70.29 ? 1194 GDP A PB    1 
HETATM 1162 O  O1B   . GDP B 2 .   ? -6.372  8.480   -1.926  1.00 71.86 ? 1194 GDP A O1B   1 
HETATM 1163 O  O2B   . GDP B 2 .   ? -6.746  6.772   -0.161  1.00 71.57 ? 1194 GDP A O2B   1 
HETATM 1164 O  O3B   . GDP B 2 .   ? -8.470  8.448   -0.670  1.00 72.76 ? 1194 GDP A O3B   1 
HETATM 1165 O  O3A   . GDP B 2 .   ? -6.292  9.132   0.483   1.00 71.68 ? 1194 GDP A O3A   1 
HETATM 1166 P  PA    . GDP B 2 .   ? -5.612  10.508  -0.045  1.00 73.49 ? 1194 GDP A PA    1 
HETATM 1167 O  O1A   . GDP B 2 .   ? -4.330  10.283  -0.811  1.00 70.51 ? 1194 GDP A O1A   1 
HETATM 1168 O  O2A   . GDP B 2 .   ? -6.593  11.211  -0.948  1.00 70.45 ? 1194 GDP A O2A   1 
HETATM 1169 O  "O5'" . GDP B 2 .   ? -5.289  11.307  1.324   1.00 71.09 ? 1194 GDP A "O5'" 1 
HETATM 1170 C  "C5'" . GDP B 2 .   ? -6.253  11.416  2.362   1.00 71.44 ? 1194 GDP A "C5'" 1 
HETATM 1171 C  "C4'" . GDP B 2 .   ? -5.816  12.445  3.390   1.00 73.02 ? 1194 GDP A "C4'" 1 
HETATM 1172 O  "O4'" . GDP B 2 .   ? -4.608  12.084  4.084   1.00 71.75 ? 1194 GDP A "O4'" 1 
HETATM 1173 C  "C3'" . GDP B 2 .   ? -5.495  13.775  2.707   1.00 74.67 ? 1194 GDP A "C3'" 1 
HETATM 1174 O  "O3'" . GDP B 2 .   ? -5.663  14.867  3.630   1.00 76.97 ? 1194 GDP A "O3'" 1 
HETATM 1175 C  "C2'" . GDP B 2 .   ? -4.032  13.679  2.412   1.00 73.07 ? 1194 GDP A "C2'" 1 
HETATM 1176 O  "O2'" . GDP B 2 .   ? -3.406  14.946  2.298   1.00 76.60 ? 1194 GDP A "O2'" 1 
HETATM 1177 C  "C1'" . GDP B 2 .   ? -3.565  12.996  3.666   1.00 70.42 ? 1194 GDP A "C1'" 1 
HETATM 1178 N  N9    . GDP B 2 .   ? -2.311  12.279  3.429   1.00 69.50 ? 1194 GDP A N9    1 
HETATM 1179 C  C8    . GDP B 2 .   ? -1.978  11.481  2.397   1.00 69.86 ? 1194 GDP A C8    1 
HETATM 1180 N  N7    . GDP B 2 .   ? -0.727  10.969  2.588   1.00 69.92 ? 1194 GDP A N7    1 
HETATM 1181 C  C5    . GDP B 2 .   ? -0.265  11.454  3.749   1.00 68.20 ? 1194 GDP A C5    1 
HETATM 1182 C  C6    . GDP B 2 .   ? 0.962   11.314  4.530   1.00 69.17 ? 1194 GDP A C6    1 
HETATM 1183 O  O6    . GDP B 2 .   ? 1.925   10.592  4.138   1.00 69.71 ? 1194 GDP A O6    1 
HETATM 1184 N  N1    . GDP B 2 .   ? 1.012   11.994  5.680   1.00 69.34 ? 1194 GDP A N1    1 
HETATM 1185 C  C2    . GDP B 2 .   ? 0.007   12.776  6.126   1.00 69.77 ? 1194 GDP A C2    1 
HETATM 1186 N  N2    . GDP B 2 .   ? 0.155   13.430  7.302   1.00 69.92 ? 1194 GDP A N2    1 
HETATM 1187 N  N3    . GDP B 2 .   ? -1.152  12.951  5.466   1.00 68.65 ? 1194 GDP A N3    1 
HETATM 1188 C  C4    . GDP B 2 .   ? -1.316  12.313  4.295   1.00 68.96 ? 1194 GDP A C4    1 
HETATM 1189 MG MG    . MG  C 3 .   ? -8.065  8.477   -3.267  1.00 76.55 ? 1195 MG  A MG    1 
HETATM 1190 O  O     . HOH D 4 .   ? 0.088   8.299   1.492   1.00 57.15 ? 2001 HOH A O     1 
HETATM 1191 O  O     . HOH D 4 .   ? -7.642  10.598  -3.238  1.00 69.72 ? 2002 HOH A O     1 
HETATM 1192 O  O     . HOH D 4 .   ? -8.431  9.291   -5.227  1.00 62.30 ? 2003 HOH A O     1 
HETATM 1193 O  O     . HOH D 4 .   ? -7.697  6.766   -4.584  1.00 73.23 ? 2004 HOH A O     1 
HETATM 1194 O  O     . HOH D 4 .   ? -7.371  0.088   4.542   1.00 53.44 ? 2005 HOH A O     1 
HETATM 1195 O  O     . HOH D 4 .   ? 2.161   7.293   3.014   1.00 47.85 ? 2006 HOH A O     1 
HETATM 1196 O  O     . HOH D 4 .   ? 10.686  8.346   -1.601  1.00 52.37 ? 2007 HOH A O     1 
HETATM 1197 O  O     . HOH D 4 .   ? 12.216  5.522   -1.141  1.00 69.53 ? 2008 HOH A O     1 
# 
loop_
_pdbx_poly_seq_scheme.asym_id 
_pdbx_poly_seq_scheme.entity_id 
_pdbx_poly_seq_scheme.seq_id 
_pdbx_poly_seq_scheme.mon_id 
_pdbx_poly_seq_scheme.ndb_seq_num 
_pdbx_poly_seq_scheme.pdb_seq_num 
_pdbx_poly_seq_scheme.auth_seq_num 
_pdbx_poly_seq_scheme.pdb_mon_id 
_pdbx_poly_seq_scheme.auth_mon_id 
_pdbx_poly_seq_scheme.pdb_strand_id 
_pdbx_poly_seq_scheme.pdb_ins_code 
_pdbx_poly_seq_scheme.hetero 
A 1 1   MET 1   -16 ?   ?   ?   A . n 
A 1 2   HIS 2   -15 ?   ?   ?   A . n 
A 1 3   HIS 3   -14 ?   ?   ?   A . n 
A 1 4   HIS 4   -13 ?   ?   ?   A . n 
A 1 5   HIS 5   -12 ?   ?   ?   A . n 
A 1 6   HIS 6   -11 ?   ?   ?   A . n 
A 1 7   HIS 7   -10 ?   ?   ?   A . n 
A 1 8   SER 8   -9  ?   ?   ?   A . n 
A 1 9   SER 9   -8  ?   ?   ?   A . n 
A 1 10  GLY 10  -7  ?   ?   ?   A . n 
A 1 11  VAL 11  -6  ?   ?   ?   A . n 
A 1 12  ASP 12  -5  ?   ?   ?   A . n 
A 1 13  LEU 13  -4  ?   ?   ?   A . n 
A 1 14  GLY 14  -3  ?   ?   ?   A . n 
A 1 15  THR 15  -2  ?   ?   ?   A . n 
A 1 16  GLU 16  -1  ?   ?   ?   A . n 
A 1 17  ASN 17  0   ?   ?   ?   A . n 
A 1 18  LEU 18  1   ?   ?   ?   A . n 
A 1 19  TYR 19  2   ?   ?   ?   A . n 
A 1 20  PHE 20  3   ?   ?   ?   A . n 
A 1 21  GLN 21  4   ?   ?   ?   A . n 
A 1 22  SER 22  5   ?   ?   ?   A . n 
A 1 23  MET 23  6   ?   ?   ?   A . n 
A 1 24  ALA 24  7   ?   ?   ?   A . n 
A 1 25  GLY 25  8   ?   ?   ?   A . n 
A 1 26  GLU 26  9   ?   ?   ?   A . n 
A 1 27  GLU 27  10  ?   ?   ?   A . n 
A 1 28  ALA 28  11  ?   ?   ?   A . n 
A 1 29  PRO 29  12  ?   ?   ?   A . n 
A 1 30  PRO 30  13  ?   ?   ?   A . n 
A 1 31  GLY 31  14  ?   ?   ?   A . n 
A 1 32  VAL 32  15  15  VAL VAL A . n 
A 1 33  ARG 33  16  16  ARG ARG A . n 
A 1 34  SER 34  17  17  SER SER A . n 
A 1 35  VAL 35  18  18  VAL VAL A . n 
A 1 36  LYS 36  19  19  LYS LYS A . n 
A 1 37  VAL 37  20  20  VAL VAL A . n 
A 1 38  VAL 38  21  21  VAL VAL A . n 
A 1 39  LEU 39  22  22  LEU LEU A . n 
A 1 40  VAL 40  23  23  VAL VAL A . n 
A 1 41  GLY 41  24  24  GLY GLY A . n 
A 1 42  ASP 42  25  25  ASP ASP A . n 
A 1 43  GLY 43  26  26  GLY GLY A . n 
A 1 44  GLY 44  27  27  GLY GLY A . n 
A 1 45  CYS 45  28  28  CYS CYS A . n 
A 1 46  GLY 46  29  29  GLY GLY A . n 
A 1 47  LYS 47  30  30  LYS LYS A . n 
A 1 48  THR 48  31  31  THR THR A . n 
A 1 49  SER 49  32  32  SER SER A . n 
A 1 50  LEU 50  33  33  LEU LEU A . n 
A 1 51  LEU 51  34  34  LEU LEU A . n 
A 1 52  MET 52  35  35  MET MET A . n 
A 1 53  VAL 53  36  36  VAL VAL A . n 
A 1 54  PHE 54  37  37  PHE PHE A . n 
A 1 55  ALA 55  38  38  ALA ALA A . n 
A 1 56  ASP 56  39  39  ASP ASP A . n 
A 1 57  GLY 57  40  ?   ?   ?   A . n 
A 1 58  ALA 58  41  ?   ?   ?   A . n 
A 1 59  PHE 59  42  ?   ?   ?   A . n 
A 1 60  PRO 60  43  ?   ?   ?   A . n 
A 1 61  GLU 61  44  ?   ?   ?   A . n 
A 1 62  SER 62  45  ?   ?   ?   A . n 
A 1 63  TYR 63  46  ?   ?   ?   A . n 
A 1 64  THR 64  47  47  THR THR A . n 
A 1 65  PRO 65  48  48  PRO PRO A . n 
A 1 66  THR 66  49  49  THR THR A . n 
A 1 67  VAL 67  50  50  VAL VAL A . n 
A 1 68  PHE 68  51  51  PHE PHE A . n 
A 1 69  GLU 69  52  52  GLU GLU A . n 
A 1 70  ARG 70  53  53  ARG ARG A . n 
A 1 71  TYR 71  54  54  TYR TYR A . n 
A 1 72  MET 72  55  55  MET MET A . n 
A 1 73  VAL 73  56  56  VAL VAL A . n 
A 1 74  ASN 74  57  57  ASN ASN A . n 
A 1 75  LEU 75  58  58  LEU LEU A . n 
A 1 76  GLN 76  59  59  GLN GLN A . n 
A 1 77  VAL 77  60  60  VAL VAL A . n 
A 1 78  LYS 78  61  61  LYS LYS A . n 
A 1 79  GLY 79  62  62  GLY GLY A . n 
A 1 80  LYS 80  63  63  LYS LYS A . n 
A 1 81  PRO 81  64  64  PRO PRO A . n 
A 1 82  VAL 82  65  65  VAL VAL A . n 
A 1 83  HIS 83  66  66  HIS HIS A . n 
A 1 84  LEU 84  67  67  LEU LEU A . n 
A 1 85  HIS 85  68  68  HIS HIS A . n 
A 1 86  ILE 86  69  69  ILE ILE A . n 
A 1 87  TRP 87  70  70  TRP TRP A . n 
A 1 88  ASP 88  71  71  ASP ASP A . n 
A 1 89  THR 89  72  72  THR THR A . n 
A 1 90  ALA 90  73  ?   ?   ?   A . n 
A 1 91  GLY 91  74  ?   ?   ?   A . n 
A 1 92  GLN 92  75  ?   ?   ?   A . n 
A 1 93  ASP 93  76  ?   ?   ?   A . n 
A 1 94  ASP 94  77  ?   ?   ?   A . n 
A 1 95  TYR 95  78  ?   ?   ?   A . n 
A 1 96  ASP 96  79  ?   ?   ?   A . n 
A 1 97  ARG 97  80  ?   ?   ?   A . n 
A 1 98  LEU 98  81  ?   ?   ?   A . n 
A 1 99  ARG 99  82  ?   ?   ?   A . n 
A 1 100 PRO 100 83  ?   ?   ?   A . n 
A 1 101 LEU 101 84  ?   ?   ?   A . n 
A 1 102 PHE 102 85  ?   ?   ?   A . n 
A 1 103 TYR 103 86  ?   ?   ?   A . n 
A 1 104 PRO 104 87  ?   ?   ?   A . n 
A 1 105 ASP 105 88  88  ASP ASP A . n 
A 1 106 ALA 106 89  89  ALA ALA A . n 
A 1 107 SER 107 90  90  SER SER A . n 
A 1 108 VAL 108 91  91  VAL VAL A . n 
A 1 109 LEU 109 92  92  LEU LEU A . n 
A 1 110 LEU 110 93  93  LEU LEU A . n 
A 1 111 LEU 111 94  94  LEU LEU A . n 
A 1 112 CYS 112 95  95  CYS CYS A . n 
A 1 113 PHE 113 96  96  PHE PHE A . n 
A 1 114 ASP 114 97  97  ASP ASP A . n 
A 1 115 VAL 115 98  98  VAL VAL A . n 
A 1 116 THR 116 99  99  THR THR A . n 
A 1 117 SER 117 100 100 SER SER A . n 
A 1 118 PRO 118 101 101 PRO PRO A . n 
A 1 119 ASN 119 102 102 ASN ASN A . n 
A 1 120 SER 120 103 103 SER SER A . n 
A 1 121 PHE 121 104 104 PHE PHE A . n 
A 1 122 ASP 122 105 105 ASP ASP A . n 
A 1 123 ASN 123 106 106 ASN ASN A . n 
A 1 124 ILE 124 107 107 ILE ILE A . n 
A 1 125 PHE 125 108 108 PHE PHE A . n 
A 1 126 ASN 126 109 109 ASN ASN A . n 
A 1 127 ARG 127 110 110 ARG ARG A . n 
A 1 128 TRP 128 111 111 TRP TRP A . n 
A 1 129 TYR 129 112 112 TYR TYR A . n 
A 1 130 PRO 130 113 113 PRO PRO A . n 
A 1 131 GLU 131 114 114 GLU GLU A . n 
A 1 132 VAL 132 115 115 VAL VAL A . n 
A 1 133 ASN 133 116 116 ASN ASN A . n 
A 1 134 HIS 134 117 117 HIS HIS A . n 
A 1 135 PHE 135 118 118 PHE PHE A . n 
A 1 136 CYS 136 119 119 CYS CYS A . n 
A 1 137 LYS 137 120 120 LYS LYS A . n 
A 1 138 LYS 138 121 121 LYS LYS A . n 
A 1 139 VAL 139 122 122 VAL VAL A . n 
A 1 140 PRO 140 123 123 PRO PRO A . n 
A 1 141 ILE 141 124 124 ILE ILE A . n 
A 1 142 ILE 142 125 125 ILE ILE A . n 
A 1 143 VAL 143 126 126 VAL VAL A . n 
A 1 144 VAL 144 127 127 VAL VAL A . n 
A 1 145 GLY 145 128 128 GLY GLY A . n 
A 1 146 CYS 146 129 129 CYS CYS A . n 
A 1 147 LYS 147 130 130 LYS LYS A . n 
A 1 148 THR 148 131 131 THR THR A . n 
A 1 149 ASP 149 132 132 ASP ASP A . n 
A 1 150 LEU 150 133 133 LEU LEU A . n 
A 1 151 ARG 151 134 134 ARG ARG A . n 
A 1 152 LYS 152 135 135 LYS LYS A . n 
A 1 153 ASP 153 136 136 ASP ASP A . n 
A 1 154 LYS 154 137 137 LYS LYS A . n 
A 1 155 SER 155 138 138 SER SER A . n 
A 1 156 LEU 156 139 139 LEU LEU A . n 
A 1 157 VAL 157 140 140 VAL VAL A . n 
A 1 158 ASN 158 141 141 ASN ASN A . n 
A 1 159 LYS 159 142 142 LYS LYS A . n 
A 1 160 LEU 160 143 143 LEU LEU A . n 
A 1 161 ARG 161 144 144 ARG ARG A . n 
A 1 162 ARG 162 145 145 ARG ARG A . n 
A 1 163 ASN 163 146 146 ASN ASN A . n 
A 1 164 GLY 164 147 147 GLY GLY A . n 
A 1 165 LEU 165 148 148 LEU LEU A . n 
A 1 166 GLU 166 149 149 GLU GLU A . n 
A 1 167 PRO 167 150 150 PRO PRO A . n 
A 1 168 VAL 168 151 151 VAL VAL A . n 
A 1 169 THR 169 152 152 THR THR A . n 
A 1 170 TYR 170 153 153 TYR TYR A . n 
A 1 171 HIS 171 154 154 HIS HIS A . n 
A 1 172 ARG 172 155 155 ARG ARG A . n 
A 1 173 GLY 173 156 156 GLY GLY A . n 
A 1 174 GLN 174 157 157 GLN GLN A . n 
A 1 175 GLU 175 158 158 GLU GLU A . n 
A 1 176 MET 176 159 159 MET MET A . n 
A 1 177 ALA 177 160 160 ALA ALA A . n 
A 1 178 ARG 178 161 161 ARG ARG A . n 
A 1 179 SER 179 162 162 SER SER A . n 
A 1 180 VAL 180 163 163 VAL VAL A . n 
A 1 181 GLY 181 164 164 GLY GLY A . n 
A 1 182 ALA 182 165 165 ALA ALA A . n 
A 1 183 VAL 183 166 166 VAL VAL A . n 
A 1 184 ALA 184 167 167 ALA ALA A . n 
A 1 185 TYR 185 168 168 TYR TYR A . n 
A 1 186 LEU 186 169 169 LEU LEU A . n 
A 1 187 GLU 187 170 170 GLU GLU A . n 
A 1 188 CYS 188 171 171 CYS CYS A . n 
A 1 189 SER 189 172 172 SER SER A . n 
A 1 190 ALA 190 173 173 ALA ALA A . n 
A 1 191 ARG 191 174 174 ARG ARG A . n 
A 1 192 LEU 192 175 175 LEU LEU A . n 
A 1 193 HIS 193 176 176 HIS HIS A . n 
A 1 194 ASP 194 177 177 ASP ASP A . n 
A 1 195 ASN 195 178 178 ASN ASN A . n 
A 1 196 VAL 196 179 179 VAL VAL A . n 
A 1 197 HIS 197 180 180 HIS HIS A . n 
A 1 198 ALA 198 181 181 ALA ALA A . n 
A 1 199 VAL 199 182 182 VAL VAL A . n 
A 1 200 PHE 200 183 183 PHE PHE A . n 
A 1 201 GLN 201 184 184 GLN GLN A . n 
A 1 202 GLU 202 185 185 GLU GLU A . n 
A 1 203 ALA 203 186 186 ALA ALA A . n 
A 1 204 ALA 204 187 187 ALA ALA A . n 
A 1 205 GLU 205 188 188 GLU GLU A . n 
A 1 206 VAL 206 189 189 VAL VAL A . n 
A 1 207 ALA 207 190 190 ALA ALA A . n 
A 1 208 LEU 208 191 191 LEU LEU A . n 
A 1 209 SER 209 192 192 SER SER A . n 
A 1 210 SER 210 193 193 SER SER A . n 
A 1 211 ARG 211 194 ?   ?   ?   A . n 
A 1 212 GLY 212 195 ?   ?   ?   A . n 
A 1 213 ARG 213 196 ?   ?   ?   A . n 
A 1 214 ASN 214 197 ?   ?   ?   A . n 
# 
loop_
_pdbx_nonpoly_scheme.asym_id 
_pdbx_nonpoly_scheme.entity_id 
_pdbx_nonpoly_scheme.mon_id 
_pdbx_nonpoly_scheme.ndb_seq_num 
_pdbx_nonpoly_scheme.pdb_seq_num 
_pdbx_nonpoly_scheme.auth_seq_num 
_pdbx_nonpoly_scheme.pdb_mon_id 
_pdbx_nonpoly_scheme.auth_mon_id 
_pdbx_nonpoly_scheme.pdb_strand_id 
_pdbx_nonpoly_scheme.pdb_ins_code 
B 2 GDP 1 1194 1194 GDP GDP A . 
C 3 MG  1 1195 1195 MG  MG  A . 
D 4 HOH 1 2001 2001 HOH HOH A . 
D 4 HOH 2 2002 2002 HOH HOH A . 
D 4 HOH 3 2003 2003 HOH HOH A . 
D 4 HOH 4 2004 2004 HOH HOH A . 
D 4 HOH 5 2005 2005 HOH HOH A . 
D 4 HOH 6 2006 2006 HOH HOH A . 
D 4 HOH 7 2007 2007 HOH HOH A . 
D 4 HOH 8 2008 2008 HOH HOH A . 
# 
_pdbx_struct_assembly.id                   1 
_pdbx_struct_assembly.details              author_and_software_defined_assembly 
_pdbx_struct_assembly.method_details       PQS 
_pdbx_struct_assembly.oligomeric_details   monomeric 
_pdbx_struct_assembly.oligomeric_count     1 
# 
_pdbx_struct_assembly_gen.assembly_id       1 
_pdbx_struct_assembly_gen.oper_expression   1 
_pdbx_struct_assembly_gen.asym_id_list      A,B,C,D 
# 
_pdbx_struct_oper_list.id                   1 
_pdbx_struct_oper_list.type                 'identity operation' 
_pdbx_struct_oper_list.name                 1_555 
_pdbx_struct_oper_list.symmetry_operation   x,y,z 
_pdbx_struct_oper_list.matrix[1][1]         1.0000000000 
_pdbx_struct_oper_list.matrix[1][2]         0.0000000000 
_pdbx_struct_oper_list.matrix[1][3]         0.0000000000 
_pdbx_struct_oper_list.vector[1]            0.0000000000 
_pdbx_struct_oper_list.matrix[2][1]         0.0000000000 
_pdbx_struct_oper_list.matrix[2][2]         1.0000000000 
_pdbx_struct_oper_list.matrix[2][3]         0.0000000000 
_pdbx_struct_oper_list.vector[2]            0.0000000000 
_pdbx_struct_oper_list.matrix[3][1]         0.0000000000 
_pdbx_struct_oper_list.matrix[3][2]         0.0000000000 
_pdbx_struct_oper_list.matrix[3][3]         1.0000000000 
_pdbx_struct_oper_list.vector[3]            0.0000000000 
# 
loop_
_pdbx_struct_conn_angle.id 
_pdbx_struct_conn_angle.ptnr1_label_atom_id 
_pdbx_struct_conn_angle.ptnr1_label_alt_id 
_pdbx_struct_conn_angle.ptnr1_label_asym_id 
_pdbx_struct_conn_angle.ptnr1_label_comp_id 
_pdbx_struct_conn_angle.ptnr1_label_seq_id 
_pdbx_struct_conn_angle.ptnr1_auth_atom_id 
_pdbx_struct_conn_angle.ptnr1_auth_asym_id 
_pdbx_struct_conn_angle.ptnr1_auth_comp_id 
_pdbx_struct_conn_angle.ptnr1_auth_seq_id 
_pdbx_struct_conn_angle.ptnr1_PDB_ins_code 
_pdbx_struct_conn_angle.ptnr1_symmetry 
_pdbx_struct_conn_angle.ptnr2_label_atom_id 
_pdbx_struct_conn_angle.ptnr2_label_alt_id 
_pdbx_struct_conn_angle.ptnr2_label_asym_id 
_pdbx_struct_conn_angle.ptnr2_label_comp_id 
_pdbx_struct_conn_angle.ptnr2_label_seq_id 
_pdbx_struct_conn_angle.ptnr2_auth_atom_id 
_pdbx_struct_conn_angle.ptnr2_auth_asym_id 
_pdbx_struct_conn_angle.ptnr2_auth_comp_id 
_pdbx_struct_conn_angle.ptnr2_auth_seq_id 
_pdbx_struct_conn_angle.ptnr2_PDB_ins_code 
_pdbx_struct_conn_angle.ptnr2_symmetry 
_pdbx_struct_conn_angle.ptnr3_label_atom_id 
_pdbx_struct_conn_angle.ptnr3_label_alt_id 
_pdbx_struct_conn_angle.ptnr3_label_asym_id 
_pdbx_struct_conn_angle.ptnr3_label_comp_id 
_pdbx_struct_conn_angle.ptnr3_label_seq_id 
_pdbx_struct_conn_angle.ptnr3_auth_atom_id 
_pdbx_struct_conn_angle.ptnr3_auth_asym_id 
_pdbx_struct_conn_angle.ptnr3_auth_comp_id 
_pdbx_struct_conn_angle.ptnr3_auth_seq_id 
_pdbx_struct_conn_angle.ptnr3_PDB_ins_code 
_pdbx_struct_conn_angle.ptnr3_symmetry 
_pdbx_struct_conn_angle.value 
_pdbx_struct_conn_angle.value_esd 
1  OG1 ? A THR 48 ? A THR 31   ? 1_555 MG ? C MG . ? A MG 1195 ? 1_555 O1B ? B GDP . ? A GDP 1194 ? 1_555 73.4  ? 
2  OG1 ? A THR 48 ? A THR 31   ? 1_555 MG ? C MG . ? A MG 1195 ? 1_555 O3B ? B GDP . ? A GDP 1194 ? 1_555 131.8 ? 
3  O1B ? B GDP .  ? A GDP 1194 ? 1_555 MG ? C MG . ? A MG 1195 ? 1_555 O3B ? B GDP . ? A GDP 1194 ? 1_555 60.5  ? 
4  OG1 ? A THR 48 ? A THR 31   ? 1_555 MG ? C MG . ? A MG 1195 ? 1_555 O   ? D HOH . ? A HOH 2002 ? 1_555 66.4  ? 
5  O1B ? B GDP .  ? A GDP 1194 ? 1_555 MG ? C MG . ? A MG 1195 ? 1_555 O   ? D HOH . ? A HOH 2002 ? 1_555 80.6  ? 
6  O3B ? B GDP .  ? A GDP 1194 ? 1_555 MG ? C MG . ? A MG 1195 ? 1_555 O   ? D HOH . ? A HOH 2002 ? 1_555 91.6  ? 
7  OG1 ? A THR 48 ? A THR 31   ? 1_555 MG ? C MG . ? A MG 1195 ? 1_555 O   ? D HOH . ? A HOH 2003 ? 1_555 62.6  ? 
8  O1B ? B GDP .  ? A GDP 1194 ? 1_555 MG ? C MG . ? A MG 1195 ? 1_555 O   ? D HOH . ? A HOH 2003 ? 1_555 134.2 ? 
9  O3B ? B GDP .  ? A GDP 1194 ? 1_555 MG ? C MG . ? A MG 1195 ? 1_555 O   ? D HOH . ? A HOH 2003 ? 1_555 151.3 ? 
10 O   ? D HOH .  ? A HOH 2002 ? 1_555 MG ? C MG . ? A MG 1195 ? 1_555 O   ? D HOH . ? A HOH 2003 ? 1_555 71.0  ? 
11 OG1 ? A THR 48 ? A THR 31   ? 1_555 MG ? C MG . ? A MG 1195 ? 1_555 O   ? D HOH . ? A HOH 2004 ? 1_555 74.8  ? 
12 O1B ? B GDP .  ? A GDP 1194 ? 1_555 MG ? C MG . ? A MG 1195 ? 1_555 O   ? D HOH . ? A HOH 2004 ? 1_555 104.0 ? 
13 O3B ? B GDP .  ? A GDP 1194 ? 1_555 MG ? C MG . ? A MG 1195 ? 1_555 O   ? D HOH . ? A HOH 2004 ? 1_555 127.7 ? 
14 O   ? D HOH .  ? A HOH 2002 ? 1_555 MG ? C MG . ? A MG 1195 ? 1_555 O   ? D HOH . ? A HOH 2004 ? 1_555 137.8 ? 
15 O   ? D HOH .  ? A HOH 2003 ? 1_555 MG ? C MG . ? A MG 1195 ? 1_555 O   ? D HOH . ? A HOH 2004 ? 1_555 77.1  ? 
# 
loop_
_pdbx_audit_revision_history.ordinal 
_pdbx_audit_revision_history.data_content_type 
_pdbx_audit_revision_history.major_revision 
_pdbx_audit_revision_history.minor_revision 
_pdbx_audit_revision_history.revision_date 
1 'Structure model' 1 0 2006-09-18 
2 'Structure model' 1 1 2011-07-13 
3 'Structure model' 1 2 2018-01-24 
4 'Structure model' 1 3 2023-12-13 
# 
_pdbx_audit_revision_details.ordinal             1 
_pdbx_audit_revision_details.revision_ordinal    1 
_pdbx_audit_revision_details.data_content_type   'Structure model' 
_pdbx_audit_revision_details.provider            repository 
_pdbx_audit_revision_details.type                'Initial release' 
_pdbx_audit_revision_details.description         ? 
_pdbx_audit_revision_details.details             ? 
# 
loop_
_pdbx_audit_revision_group.ordinal 
_pdbx_audit_revision_group.revision_ordinal 
_pdbx_audit_revision_group.data_content_type 
_pdbx_audit_revision_group.group 
1 2 'Structure model' Advisory                    
2 2 'Structure model' 'Version format compliance' 
3 3 'Structure model' 'Database references'       
4 4 'Structure model' 'Data collection'           
5 4 'Structure model' 'Database references'       
6 4 'Structure model' 'Derived calculations'      
7 4 'Structure model' Other                       
8 4 'Structure model' 'Refinement description'    
# 
loop_
_pdbx_audit_revision_category.ordinal 
_pdbx_audit_revision_category.revision_ordinal 
_pdbx_audit_revision_category.data_content_type 
_pdbx_audit_revision_category.category 
1 3 'Structure model' citation_author               
2 4 'Structure model' chem_comp_atom                
3 4 'Structure model' chem_comp_bond                
4 4 'Structure model' database_2                    
5 4 'Structure model' pdbx_database_status          
6 4 'Structure model' pdbx_initial_refinement_model 
7 4 'Structure model' struct_conn                   
# 
loop_
_pdbx_audit_revision_item.ordinal 
_pdbx_audit_revision_item.revision_ordinal 
_pdbx_audit_revision_item.data_content_type 
_pdbx_audit_revision_item.item 
1  3 'Structure model' '_citation_author.name'                
2  4 'Structure model' '_database_2.pdbx_DOI'                 
3  4 'Structure model' '_database_2.pdbx_database_accession'  
4  4 'Structure model' '_pdbx_database_status.status_code_sf' 
5  4 'Structure model' '_struct_conn.ptnr1_auth_comp_id'      
6  4 'Structure model' '_struct_conn.ptnr1_auth_seq_id'       
7  4 'Structure model' '_struct_conn.ptnr1_label_asym_id'     
8  4 'Structure model' '_struct_conn.ptnr1_label_atom_id'     
9  4 'Structure model' '_struct_conn.ptnr1_label_comp_id'     
10 4 'Structure model' '_struct_conn.ptnr1_label_seq_id'      
11 4 'Structure model' '_struct_conn.ptnr2_auth_comp_id'      
12 4 'Structure model' '_struct_conn.ptnr2_auth_seq_id'       
13 4 'Structure model' '_struct_conn.ptnr2_label_asym_id'     
14 4 'Structure model' '_struct_conn.ptnr2_label_atom_id'     
15 4 'Structure model' '_struct_conn.ptnr2_label_comp_id'     
16 4 'Structure model' '_struct_conn.ptnr2_label_seq_id'      
# 
loop_
_pdbx_refine_tls.pdbx_refine_id 
_pdbx_refine_tls.id 
_pdbx_refine_tls.details 
_pdbx_refine_tls.method 
_pdbx_refine_tls.origin_x 
_pdbx_refine_tls.origin_y 
_pdbx_refine_tls.origin_z 
_pdbx_refine_tls.T[1][1] 
_pdbx_refine_tls.T[2][2] 
_pdbx_refine_tls.T[3][3] 
_pdbx_refine_tls.T[1][2] 
_pdbx_refine_tls.T[1][3] 
_pdbx_refine_tls.T[2][3] 
_pdbx_refine_tls.L[1][1] 
_pdbx_refine_tls.L[2][2] 
_pdbx_refine_tls.L[3][3] 
_pdbx_refine_tls.L[1][2] 
_pdbx_refine_tls.L[1][3] 
_pdbx_refine_tls.L[2][3] 
_pdbx_refine_tls.S[1][1] 
_pdbx_refine_tls.S[1][2] 
_pdbx_refine_tls.S[1][3] 
_pdbx_refine_tls.S[2][1] 
_pdbx_refine_tls.S[2][2] 
_pdbx_refine_tls.S[2][3] 
_pdbx_refine_tls.S[3][1] 
_pdbx_refine_tls.S[3][2] 
_pdbx_refine_tls.S[3][3] 
'X-RAY DIFFRACTION' 1 ? refined -0.3463 3.8498  -6.1790 -0.1057 -0.1094 0.0376 -0.0720 -0.0662 0.0372 6.7816 8.3278 12.1702 1.2093 -1.4559 0.9491  -0.1525 1.0031 0.3918  -0.6010 0.2034 0.3170 -0.5139 -0.1050 -0.0509 
'X-RAY DIFFRACTION' 2 ? refined -0.1479 -0.3897 1.4401  -0.1229 -0.1535 0.0191 -0.0509 0.0186  0.0414 7.2490 5.2722 9.0761  1.8481 -2.6770 -1.4626 -0.0428 0.0496 -0.2001 0.2913  0.0142 0.3592 0.1771  0.2361  0.0286 
# 
loop_
_pdbx_refine_tls_group.pdbx_refine_id 
_pdbx_refine_tls_group.id 
_pdbx_refine_tls_group.refine_tls_id 
_pdbx_refine_tls_group.beg_auth_asym_id 
_pdbx_refine_tls_group.beg_auth_seq_id 
_pdbx_refine_tls_group.beg_label_asym_id 
_pdbx_refine_tls_group.beg_label_seq_id 
_pdbx_refine_tls_group.end_auth_asym_id 
_pdbx_refine_tls_group.end_auth_seq_id 
_pdbx_refine_tls_group.end_label_asym_id 
_pdbx_refine_tls_group.end_label_seq_id 
_pdbx_refine_tls_group.selection 
_pdbx_refine_tls_group.selection_details 
'X-RAY DIFFRACTION' 1 1 A 15 ? ? A 39  ? ? ? ? 
'X-RAY DIFFRACTION' 2 2 A 47 ? ? A 193 ? ? ? ? 
# 
loop_
_software.name 
_software.classification 
_software.version 
_software.citation_id 
_software.pdbx_ordinal 
REFMAC refinement       5.2.0019 ? 1 
MOSFLM 'data reduction' .        ? 2 
SCALA  'data scaling'   .        ? 3 
PHASER phasing          .        ? 4 
# 
loop_
_pdbx_validate_torsion.id 
_pdbx_validate_torsion.PDB_model_num 
_pdbx_validate_torsion.auth_comp_id 
_pdbx_validate_torsion.auth_asym_id 
_pdbx_validate_torsion.auth_seq_id 
_pdbx_validate_torsion.PDB_ins_code 
_pdbx_validate_torsion.label_alt_id 
_pdbx_validate_torsion.phi 
_pdbx_validate_torsion.psi 
1 1 LYS A 61  ? ? 26.76   60.42   
2 1 ARG A 110 ? ? -132.14 -43.70  
3 1 LYS A 120 ? ? 48.41   -107.72 
4 1 LYS A 121 ? ? -91.81  56.08   
# 
loop_
_pdbx_unobs_or_zero_occ_atoms.id 
_pdbx_unobs_or_zero_occ_atoms.PDB_model_num 
_pdbx_unobs_or_zero_occ_atoms.polymer_flag 
_pdbx_unobs_or_zero_occ_atoms.occupancy_flag 
_pdbx_unobs_or_zero_occ_atoms.auth_asym_id 
_pdbx_unobs_or_zero_occ_atoms.auth_comp_id 
_pdbx_unobs_or_zero_occ_atoms.auth_seq_id 
_pdbx_unobs_or_zero_occ_atoms.PDB_ins_code 
_pdbx_unobs_or_zero_occ_atoms.auth_atom_id 
_pdbx_unobs_or_zero_occ_atoms.label_alt_id 
_pdbx_unobs_or_zero_occ_atoms.label_asym_id 
_pdbx_unobs_or_zero_occ_atoms.label_comp_id 
_pdbx_unobs_or_zero_occ_atoms.label_seq_id 
_pdbx_unobs_or_zero_occ_atoms.label_atom_id 
1  1 Y 1 A VAL 15  ? CG1 ? A VAL 32  CG1 
2  1 Y 1 A VAL 15  ? CG2 ? A VAL 32  CG2 
3  1 Y 1 A ARG 16  ? NE  ? A ARG 33  NE  
4  1 Y 1 A ARG 16  ? CZ  ? A ARG 33  CZ  
5  1 Y 1 A ARG 16  ? NH1 ? A ARG 33  NH1 
6  1 Y 1 A ARG 16  ? NH2 ? A ARG 33  NH2 
7  1 Y 1 A LYS 19  ? CE  ? A LYS 36  CE  
8  1 Y 1 A LYS 19  ? NZ  ? A LYS 36  NZ  
9  1 Y 1 A MET 35  ? CE  ? A MET 52  CE  
10 1 Y 1 A ASP 39  ? CG  ? A ASP 56  CG  
11 1 Y 1 A ASP 39  ? OD1 ? A ASP 56  OD1 
12 1 Y 1 A ASP 39  ? OD2 ? A ASP 56  OD2 
13 1 Y 1 A THR 47  ? OG1 ? A THR 64  OG1 
14 1 Y 1 A THR 47  ? CG2 ? A THR 64  CG2 
15 1 Y 1 A MET 55  ? CG  ? A MET 72  CG  
16 1 Y 1 A MET 55  ? SD  ? A MET 72  SD  
17 1 Y 1 A MET 55  ? CE  ? A MET 72  CE  
18 1 Y 1 A LEU 58  ? CD1 ? A LEU 75  CD1 
19 1 Y 1 A LEU 58  ? CD2 ? A LEU 75  CD2 
20 1 Y 1 A LYS 61  ? CG  ? A LYS 78  CG  
21 1 Y 1 A LYS 61  ? CD  ? A LYS 78  CD  
22 1 Y 1 A LYS 61  ? CE  ? A LYS 78  CE  
23 1 Y 1 A LYS 61  ? NZ  ? A LYS 78  NZ  
24 1 Y 1 A LYS 63  ? CD  ? A LYS 80  CD  
25 1 Y 1 A LYS 63  ? CE  ? A LYS 80  CE  
26 1 Y 1 A LYS 63  ? NZ  ? A LYS 80  NZ  
27 1 Y 1 A ASP 88  ? CG  ? A ASP 105 CG  
28 1 Y 1 A ASP 88  ? OD1 ? A ASP 105 OD1 
29 1 Y 1 A ASP 88  ? OD2 ? A ASP 105 OD2 
30 1 Y 1 A GLU 114 ? CD  ? A GLU 131 CD  
31 1 Y 1 A GLU 114 ? OE1 ? A GLU 131 OE1 
32 1 Y 1 A GLU 114 ? OE2 ? A GLU 131 OE2 
33 1 Y 1 A VAL 115 ? CG1 ? A VAL 132 CG1 
34 1 Y 1 A VAL 115 ? CG2 ? A VAL 132 CG2 
35 1 Y 1 A PHE 118 ? CG  ? A PHE 135 CG  
36 1 Y 1 A PHE 118 ? CD1 ? A PHE 135 CD1 
37 1 Y 1 A PHE 118 ? CD2 ? A PHE 135 CD2 
38 1 Y 1 A PHE 118 ? CE1 ? A PHE 135 CE1 
39 1 Y 1 A PHE 118 ? CE2 ? A PHE 135 CE2 
40 1 Y 1 A PHE 118 ? CZ  ? A PHE 135 CZ  
41 1 Y 1 A LYS 120 ? CB  ? A LYS 137 CB  
42 1 Y 1 A LYS 120 ? CG  ? A LYS 137 CG  
43 1 Y 1 A LYS 120 ? CD  ? A LYS 137 CD  
44 1 Y 1 A LYS 120 ? CE  ? A LYS 137 CE  
45 1 Y 1 A LYS 120 ? NZ  ? A LYS 137 NZ  
46 1 Y 1 A LYS 121 ? CB  ? A LYS 138 CB  
47 1 Y 1 A LYS 121 ? CG  ? A LYS 138 CG  
48 1 Y 1 A LYS 121 ? CD  ? A LYS 138 CD  
49 1 Y 1 A LYS 121 ? CE  ? A LYS 138 CE  
50 1 Y 1 A LYS 121 ? NZ  ? A LYS 138 NZ  
51 1 Y 1 A ILE 124 ? CD1 ? A ILE 141 CD1 
52 1 Y 1 A LYS 135 ? CD  ? A LYS 152 CD  
53 1 Y 1 A LYS 135 ? CE  ? A LYS 152 CE  
54 1 Y 1 A LYS 135 ? NZ  ? A LYS 152 NZ  
55 1 Y 1 A LYS 137 ? CE  ? A LYS 154 CE  
56 1 Y 1 A LYS 137 ? NZ  ? A LYS 154 NZ  
57 1 Y 1 A LYS 142 ? CE  ? A LYS 159 CE  
58 1 Y 1 A LYS 142 ? NZ  ? A LYS 159 NZ  
59 1 Y 1 A ARG 144 ? CD  ? A ARG 161 CD  
60 1 Y 1 A ARG 144 ? NE  ? A ARG 161 NE  
61 1 Y 1 A ARG 144 ? CZ  ? A ARG 161 CZ  
62 1 Y 1 A ARG 144 ? NH1 ? A ARG 161 NH1 
63 1 Y 1 A ARG 144 ? NH2 ? A ARG 161 NH2 
64 1 Y 1 A ARG 145 ? CG  ? A ARG 162 CG  
65 1 Y 1 A ARG 145 ? CD  ? A ARG 162 CD  
66 1 Y 1 A ARG 145 ? NE  ? A ARG 162 NE  
67 1 Y 1 A ARG 145 ? CZ  ? A ARG 162 CZ  
68 1 Y 1 A ARG 145 ? NH1 ? A ARG 162 NH1 
69 1 Y 1 A ARG 145 ? NH2 ? A ARG 162 NH2 
70 1 Y 1 A GLU 149 ? CD  ? A GLU 166 CD  
71 1 Y 1 A GLU 149 ? OE1 ? A GLU 166 OE1 
72 1 Y 1 A GLU 149 ? OE2 ? A GLU 166 OE2 
# 
loop_
_pdbx_unobs_or_zero_occ_residues.id 
_pdbx_unobs_or_zero_occ_residues.PDB_model_num 
_pdbx_unobs_or_zero_occ_residues.polymer_flag 
_pdbx_unobs_or_zero_occ_residues.occupancy_flag 
_pdbx_unobs_or_zero_occ_residues.auth_asym_id 
_pdbx_unobs_or_zero_occ_residues.auth_comp_id 
_pdbx_unobs_or_zero_occ_residues.auth_seq_id 
_pdbx_unobs_or_zero_occ_residues.PDB_ins_code 
_pdbx_unobs_or_zero_occ_residues.label_asym_id 
_pdbx_unobs_or_zero_occ_residues.label_comp_id 
_pdbx_unobs_or_zero_occ_residues.label_seq_id 
1  1 Y 1 A MET -16 ? A MET 1   
2  1 Y 1 A HIS -15 ? A HIS 2   
3  1 Y 1 A HIS -14 ? A HIS 3   
4  1 Y 1 A HIS -13 ? A HIS 4   
5  1 Y 1 A HIS -12 ? A HIS 5   
6  1 Y 1 A HIS -11 ? A HIS 6   
7  1 Y 1 A HIS -10 ? A HIS 7   
8  1 Y 1 A SER -9  ? A SER 8   
9  1 Y 1 A SER -8  ? A SER 9   
10 1 Y 1 A GLY -7  ? A GLY 10  
11 1 Y 1 A VAL -6  ? A VAL 11  
12 1 Y 1 A ASP -5  ? A ASP 12  
13 1 Y 1 A LEU -4  ? A LEU 13  
14 1 Y 1 A GLY -3  ? A GLY 14  
15 1 Y 1 A THR -2  ? A THR 15  
16 1 Y 1 A GLU -1  ? A GLU 16  
17 1 Y 1 A ASN 0   ? A ASN 17  
18 1 Y 1 A LEU 1   ? A LEU 18  
19 1 Y 1 A TYR 2   ? A TYR 19  
20 1 Y 1 A PHE 3   ? A PHE 20  
21 1 Y 1 A GLN 4   ? A GLN 21  
22 1 Y 1 A SER 5   ? A SER 22  
23 1 Y 1 A MET 6   ? A MET 23  
24 1 Y 1 A ALA 7   ? A ALA 24  
25 1 Y 1 A GLY 8   ? A GLY 25  
26 1 Y 1 A GLU 9   ? A GLU 26  
27 1 Y 1 A GLU 10  ? A GLU 27  
28 1 Y 1 A ALA 11  ? A ALA 28  
29 1 Y 1 A PRO 12  ? A PRO 29  
30 1 Y 1 A PRO 13  ? A PRO 30  
31 1 Y 1 A GLY 14  ? A GLY 31  
32 1 Y 1 A GLY 40  ? A GLY 57  
33 1 Y 1 A ALA 41  ? A ALA 58  
34 1 Y 1 A PHE 42  ? A PHE 59  
35 1 Y 1 A PRO 43  ? A PRO 60  
36 1 Y 1 A GLU 44  ? A GLU 61  
37 1 Y 1 A SER 45  ? A SER 62  
38 1 Y 1 A TYR 46  ? A TYR 63  
39 1 Y 1 A ALA 73  ? A ALA 90  
40 1 Y 1 A GLY 74  ? A GLY 91  
41 1 Y 1 A GLN 75  ? A GLN 92  
42 1 Y 1 A ASP 76  ? A ASP 93  
43 1 Y 1 A ASP 77  ? A ASP 94  
44 1 Y 1 A TYR 78  ? A TYR 95  
45 1 Y 1 A ASP 79  ? A ASP 96  
46 1 Y 1 A ARG 80  ? A ARG 97  
47 1 Y 1 A LEU 81  ? A LEU 98  
48 1 Y 1 A ARG 82  ? A ARG 99  
49 1 Y 1 A PRO 83  ? A PRO 100 
50 1 Y 1 A LEU 84  ? A LEU 101 
51 1 Y 1 A PHE 85  ? A PHE 102 
52 1 Y 1 A TYR 86  ? A TYR 103 
53 1 Y 1 A PRO 87  ? A PRO 104 
54 1 Y 1 A ARG 194 ? A ARG 211 
55 1 Y 1 A GLY 195 ? A GLY 212 
56 1 Y 1 A ARG 196 ? A ARG 213 
57 1 Y 1 A ASN 197 ? A ASN 214 
# 
loop_
_chem_comp_atom.comp_id 
_chem_comp_atom.atom_id 
_chem_comp_atom.type_symbol 
_chem_comp_atom.pdbx_aromatic_flag 
_chem_comp_atom.pdbx_stereo_config 
_chem_comp_atom.pdbx_ordinal 
ALA N      N  N N 1   
ALA CA     C  N S 2   
ALA C      C  N N 3   
ALA O      O  N N 4   
ALA CB     C  N N 5   
ALA OXT    O  N N 6   
ALA H      H  N N 7   
ALA H2     H  N N 8   
ALA HA     H  N N 9   
ALA HB1    H  N N 10  
ALA HB2    H  N N 11  
ALA HB3    H  N N 12  
ALA HXT    H  N N 13  
ARG N      N  N N 14  
ARG CA     C  N S 15  
ARG C      C  N N 16  
ARG O      O  N N 17  
ARG CB     C  N N 18  
ARG CG     C  N N 19  
ARG CD     C  N N 20  
ARG NE     N  N N 21  
ARG CZ     C  N N 22  
ARG NH1    N  N N 23  
ARG NH2    N  N N 24  
ARG OXT    O  N N 25  
ARG H      H  N N 26  
ARG H2     H  N N 27  
ARG HA     H  N N 28  
ARG HB2    H  N N 29  
ARG HB3    H  N N 30  
ARG HG2    H  N N 31  
ARG HG3    H  N N 32  
ARG HD2    H  N N 33  
ARG HD3    H  N N 34  
ARG HE     H  N N 35  
ARG HH11   H  N N 36  
ARG HH12   H  N N 37  
ARG HH21   H  N N 38  
ARG HH22   H  N N 39  
ARG HXT    H  N N 40  
ASN N      N  N N 41  
ASN CA     C  N S 42  
ASN C      C  N N 43  
ASN O      O  N N 44  
ASN CB     C  N N 45  
ASN CG     C  N N 46  
ASN OD1    O  N N 47  
ASN ND2    N  N N 48  
ASN OXT    O  N N 49  
ASN H      H  N N 50  
ASN H2     H  N N 51  
ASN HA     H  N N 52  
ASN HB2    H  N N 53  
ASN HB3    H  N N 54  
ASN HD21   H  N N 55  
ASN HD22   H  N N 56  
ASN HXT    H  N N 57  
ASP N      N  N N 58  
ASP CA     C  N S 59  
ASP C      C  N N 60  
ASP O      O  N N 61  
ASP CB     C  N N 62  
ASP CG     C  N N 63  
ASP OD1    O  N N 64  
ASP OD2    O  N N 65  
ASP OXT    O  N N 66  
ASP H      H  N N 67  
ASP H2     H  N N 68  
ASP HA     H  N N 69  
ASP HB2    H  N N 70  
ASP HB3    H  N N 71  
ASP HD2    H  N N 72  
ASP HXT    H  N N 73  
CYS N      N  N N 74  
CYS CA     C  N R 75  
CYS C      C  N N 76  
CYS O      O  N N 77  
CYS CB     C  N N 78  
CYS SG     S  N N 79  
CYS OXT    O  N N 80  
CYS H      H  N N 81  
CYS H2     H  N N 82  
CYS HA     H  N N 83  
CYS HB2    H  N N 84  
CYS HB3    H  N N 85  
CYS HG     H  N N 86  
CYS HXT    H  N N 87  
GDP PB     P  N N 88  
GDP O1B    O  N N 89  
GDP O2B    O  N N 90  
GDP O3B    O  N N 91  
GDP O3A    O  N N 92  
GDP PA     P  N N 93  
GDP O1A    O  N N 94  
GDP O2A    O  N N 95  
GDP "O5'"  O  N N 96  
GDP "C5'"  C  N N 97  
GDP "C4'"  C  N R 98  
GDP "O4'"  O  N N 99  
GDP "C3'"  C  N S 100 
GDP "O3'"  O  N N 101 
GDP "C2'"  C  N R 102 
GDP "O2'"  O  N N 103 
GDP "C1'"  C  N R 104 
GDP N9     N  Y N 105 
GDP C8     C  Y N 106 
GDP N7     N  Y N 107 
GDP C5     C  Y N 108 
GDP C6     C  N N 109 
GDP O6     O  N N 110 
GDP N1     N  N N 111 
GDP C2     C  N N 112 
GDP N2     N  N N 113 
GDP N3     N  N N 114 
GDP C4     C  Y N 115 
GDP HOB2   H  N N 116 
GDP HOB3   H  N N 117 
GDP HOA2   H  N N 118 
GDP "H5'"  H  N N 119 
GDP "H5''" H  N N 120 
GDP "H4'"  H  N N 121 
GDP "H3'"  H  N N 122 
GDP "HO3'" H  N N 123 
GDP "H2'"  H  N N 124 
GDP "HO2'" H  N N 125 
GDP "H1'"  H  N N 126 
GDP H8     H  N N 127 
GDP HN1    H  N N 128 
GDP HN21   H  N N 129 
GDP HN22   H  N N 130 
GLN N      N  N N 131 
GLN CA     C  N S 132 
GLN C      C  N N 133 
GLN O      O  N N 134 
GLN CB     C  N N 135 
GLN CG     C  N N 136 
GLN CD     C  N N 137 
GLN OE1    O  N N 138 
GLN NE2    N  N N 139 
GLN OXT    O  N N 140 
GLN H      H  N N 141 
GLN H2     H  N N 142 
GLN HA     H  N N 143 
GLN HB2    H  N N 144 
GLN HB3    H  N N 145 
GLN HG2    H  N N 146 
GLN HG3    H  N N 147 
GLN HE21   H  N N 148 
GLN HE22   H  N N 149 
GLN HXT    H  N N 150 
GLU N      N  N N 151 
GLU CA     C  N S 152 
GLU C      C  N N 153 
GLU O      O  N N 154 
GLU CB     C  N N 155 
GLU CG     C  N N 156 
GLU CD     C  N N 157 
GLU OE1    O  N N 158 
GLU OE2    O  N N 159 
GLU OXT    O  N N 160 
GLU H      H  N N 161 
GLU H2     H  N N 162 
GLU HA     H  N N 163 
GLU HB2    H  N N 164 
GLU HB3    H  N N 165 
GLU HG2    H  N N 166 
GLU HG3    H  N N 167 
GLU HE2    H  N N 168 
GLU HXT    H  N N 169 
GLY N      N  N N 170 
GLY CA     C  N N 171 
GLY C      C  N N 172 
GLY O      O  N N 173 
GLY OXT    O  N N 174 
GLY H      H  N N 175 
GLY H2     H  N N 176 
GLY HA2    H  N N 177 
GLY HA3    H  N N 178 
GLY HXT    H  N N 179 
HIS N      N  N N 180 
HIS CA     C  N S 181 
HIS C      C  N N 182 
HIS O      O  N N 183 
HIS CB     C  N N 184 
HIS CG     C  Y N 185 
HIS ND1    N  Y N 186 
HIS CD2    C  Y N 187 
HIS CE1    C  Y N 188 
HIS NE2    N  Y N 189 
HIS OXT    O  N N 190 
HIS H      H  N N 191 
HIS H2     H  N N 192 
HIS HA     H  N N 193 
HIS HB2    H  N N 194 
HIS HB3    H  N N 195 
HIS HD1    H  N N 196 
HIS HD2    H  N N 197 
HIS HE1    H  N N 198 
HIS HE2    H  N N 199 
HIS HXT    H  N N 200 
HOH O      O  N N 201 
HOH H1     H  N N 202 
HOH H2     H  N N 203 
ILE N      N  N N 204 
ILE CA     C  N S 205 
ILE C      C  N N 206 
ILE O      O  N N 207 
ILE CB     C  N S 208 
ILE CG1    C  N N 209 
ILE CG2    C  N N 210 
ILE CD1    C  N N 211 
ILE OXT    O  N N 212 
ILE H      H  N N 213 
ILE H2     H  N N 214 
ILE HA     H  N N 215 
ILE HB     H  N N 216 
ILE HG12   H  N N 217 
ILE HG13   H  N N 218 
ILE HG21   H  N N 219 
ILE HG22   H  N N 220 
ILE HG23   H  N N 221 
ILE HD11   H  N N 222 
ILE HD12   H  N N 223 
ILE HD13   H  N N 224 
ILE HXT    H  N N 225 
LEU N      N  N N 226 
LEU CA     C  N S 227 
LEU C      C  N N 228 
LEU O      O  N N 229 
LEU CB     C  N N 230 
LEU CG     C  N N 231 
LEU CD1    C  N N 232 
LEU CD2    C  N N 233 
LEU OXT    O  N N 234 
LEU H      H  N N 235 
LEU H2     H  N N 236 
LEU HA     H  N N 237 
LEU HB2    H  N N 238 
LEU HB3    H  N N 239 
LEU HG     H  N N 240 
LEU HD11   H  N N 241 
LEU HD12   H  N N 242 
LEU HD13   H  N N 243 
LEU HD21   H  N N 244 
LEU HD22   H  N N 245 
LEU HD23   H  N N 246 
LEU HXT    H  N N 247 
LYS N      N  N N 248 
LYS CA     C  N S 249 
LYS C      C  N N 250 
LYS O      O  N N 251 
LYS CB     C  N N 252 
LYS CG     C  N N 253 
LYS CD     C  N N 254 
LYS CE     C  N N 255 
LYS NZ     N  N N 256 
LYS OXT    O  N N 257 
LYS H      H  N N 258 
LYS H2     H  N N 259 
LYS HA     H  N N 260 
LYS HB2    H  N N 261 
LYS HB3    H  N N 262 
LYS HG2    H  N N 263 
LYS HG3    H  N N 264 
LYS HD2    H  N N 265 
LYS HD3    H  N N 266 
LYS HE2    H  N N 267 
LYS HE3    H  N N 268 
LYS HZ1    H  N N 269 
LYS HZ2    H  N N 270 
LYS HZ3    H  N N 271 
LYS HXT    H  N N 272 
MET N      N  N N 273 
MET CA     C  N S 274 
MET C      C  N N 275 
MET O      O  N N 276 
MET CB     C  N N 277 
MET CG     C  N N 278 
MET SD     S  N N 279 
MET CE     C  N N 280 
MET OXT    O  N N 281 
MET H      H  N N 282 
MET H2     H  N N 283 
MET HA     H  N N 284 
MET HB2    H  N N 285 
MET HB3    H  N N 286 
MET HG2    H  N N 287 
MET HG3    H  N N 288 
MET HE1    H  N N 289 
MET HE2    H  N N 290 
MET HE3    H  N N 291 
MET HXT    H  N N 292 
MG  MG     MG N N 293 
PHE N      N  N N 294 
PHE CA     C  N S 295 
PHE C      C  N N 296 
PHE O      O  N N 297 
PHE CB     C  N N 298 
PHE CG     C  Y N 299 
PHE CD1    C  Y N 300 
PHE CD2    C  Y N 301 
PHE CE1    C  Y N 302 
PHE CE2    C  Y N 303 
PHE CZ     C  Y N 304 
PHE OXT    O  N N 305 
PHE H      H  N N 306 
PHE H2     H  N N 307 
PHE HA     H  N N 308 
PHE HB2    H  N N 309 
PHE HB3    H  N N 310 
PHE HD1    H  N N 311 
PHE HD2    H  N N 312 
PHE HE1    H  N N 313 
PHE HE2    H  N N 314 
PHE HZ     H  N N 315 
PHE HXT    H  N N 316 
PRO N      N  N N 317 
PRO CA     C  N S 318 
PRO C      C  N N 319 
PRO O      O  N N 320 
PRO CB     C  N N 321 
PRO CG     C  N N 322 
PRO CD     C  N N 323 
PRO OXT    O  N N 324 
PRO H      H  N N 325 
PRO HA     H  N N 326 
PRO HB2    H  N N 327 
PRO HB3    H  N N 328 
PRO HG2    H  N N 329 
PRO HG3    H  N N 330 
PRO HD2    H  N N 331 
PRO HD3    H  N N 332 
PRO HXT    H  N N 333 
SER N      N  N N 334 
SER CA     C  N S 335 
SER C      C  N N 336 
SER O      O  N N 337 
SER CB     C  N N 338 
SER OG     O  N N 339 
SER OXT    O  N N 340 
SER H      H  N N 341 
SER H2     H  N N 342 
SER HA     H  N N 343 
SER HB2    H  N N 344 
SER HB3    H  N N 345 
SER HG     H  N N 346 
SER HXT    H  N N 347 
THR N      N  N N 348 
THR CA     C  N S 349 
THR C      C  N N 350 
THR O      O  N N 351 
THR CB     C  N R 352 
THR OG1    O  N N 353 
THR CG2    C  N N 354 
THR OXT    O  N N 355 
THR H      H  N N 356 
THR H2     H  N N 357 
THR HA     H  N N 358 
THR HB     H  N N 359 
THR HG1    H  N N 360 
THR HG21   H  N N 361 
THR HG22   H  N N 362 
THR HG23   H  N N 363 
THR HXT    H  N N 364 
TRP N      N  N N 365 
TRP CA     C  N S 366 
TRP C      C  N N 367 
TRP O      O  N N 368 
TRP CB     C  N N 369 
TRP CG     C  Y N 370 
TRP CD1    C  Y N 371 
TRP CD2    C  Y N 372 
TRP NE1    N  Y N 373 
TRP CE2    C  Y N 374 
TRP CE3    C  Y N 375 
TRP CZ2    C  Y N 376 
TRP CZ3    C  Y N 377 
TRP CH2    C  Y N 378 
TRP OXT    O  N N 379 
TRP H      H  N N 380 
TRP H2     H  N N 381 
TRP HA     H  N N 382 
TRP HB2    H  N N 383 
TRP HB3    H  N N 384 
TRP HD1    H  N N 385 
TRP HE1    H  N N 386 
TRP HE3    H  N N 387 
TRP HZ2    H  N N 388 
TRP HZ3    H  N N 389 
TRP HH2    H  N N 390 
TRP HXT    H  N N 391 
TYR N      N  N N 392 
TYR CA     C  N S 393 
TYR C      C  N N 394 
TYR O      O  N N 395 
TYR CB     C  N N 396 
TYR CG     C  Y N 397 
TYR CD1    C  Y N 398 
TYR CD2    C  Y N 399 
TYR CE1    C  Y N 400 
TYR CE2    C  Y N 401 
TYR CZ     C  Y N 402 
TYR OH     O  N N 403 
TYR OXT    O  N N 404 
TYR H      H  N N 405 
TYR H2     H  N N 406 
TYR HA     H  N N 407 
TYR HB2    H  N N 408 
TYR HB3    H  N N 409 
TYR HD1    H  N N 410 
TYR HD2    H  N N 411 
TYR HE1    H  N N 412 
TYR HE2    H  N N 413 
TYR HH     H  N N 414 
TYR HXT    H  N N 415 
VAL N      N  N N 416 
VAL CA     C  N S 417 
VAL C      C  N N 418 
VAL O      O  N N 419 
VAL CB     C  N N 420 
VAL CG1    C  N N 421 
VAL CG2    C  N N 422 
VAL OXT    O  N N 423 
VAL H      H  N N 424 
VAL H2     H  N N 425 
VAL HA     H  N N 426 
VAL HB     H  N N 427 
VAL HG11   H  N N 428 
VAL HG12   H  N N 429 
VAL HG13   H  N N 430 
VAL HG21   H  N N 431 
VAL HG22   H  N N 432 
VAL HG23   H  N N 433 
VAL HXT    H  N N 434 
# 
loop_
_chem_comp_bond.comp_id 
_chem_comp_bond.atom_id_1 
_chem_comp_bond.atom_id_2 
_chem_comp_bond.value_order 
_chem_comp_bond.pdbx_aromatic_flag 
_chem_comp_bond.pdbx_stereo_config 
_chem_comp_bond.pdbx_ordinal 
ALA N     CA     sing N N 1   
ALA N     H      sing N N 2   
ALA N     H2     sing N N 3   
ALA CA    C      sing N N 4   
ALA CA    CB     sing N N 5   
ALA CA    HA     sing N N 6   
ALA C     O      doub N N 7   
ALA C     OXT    sing N N 8   
ALA CB    HB1    sing N N 9   
ALA CB    HB2    sing N N 10  
ALA CB    HB3    sing N N 11  
ALA OXT   HXT    sing N N 12  
ARG N     CA     sing N N 13  
ARG N     H      sing N N 14  
ARG N     H2     sing N N 15  
ARG CA    C      sing N N 16  
ARG CA    CB     sing N N 17  
ARG CA    HA     sing N N 18  
ARG C     O      doub N N 19  
ARG C     OXT    sing N N 20  
ARG CB    CG     sing N N 21  
ARG CB    HB2    sing N N 22  
ARG CB    HB3    sing N N 23  
ARG CG    CD     sing N N 24  
ARG CG    HG2    sing N N 25  
ARG CG    HG3    sing N N 26  
ARG CD    NE     sing N N 27  
ARG CD    HD2    sing N N 28  
ARG CD    HD3    sing N N 29  
ARG NE    CZ     sing N N 30  
ARG NE    HE     sing N N 31  
ARG CZ    NH1    sing N N 32  
ARG CZ    NH2    doub N N 33  
ARG NH1   HH11   sing N N 34  
ARG NH1   HH12   sing N N 35  
ARG NH2   HH21   sing N N 36  
ARG NH2   HH22   sing N N 37  
ARG OXT   HXT    sing N N 38  
ASN N     CA     sing N N 39  
ASN N     H      sing N N 40  
ASN N     H2     sing N N 41  
ASN CA    C      sing N N 42  
ASN CA    CB     sing N N 43  
ASN CA    HA     sing N N 44  
ASN C     O      doub N N 45  
ASN C     OXT    sing N N 46  
ASN CB    CG     sing N N 47  
ASN CB    HB2    sing N N 48  
ASN CB    HB3    sing N N 49  
ASN CG    OD1    doub N N 50  
ASN CG    ND2    sing N N 51  
ASN ND2   HD21   sing N N 52  
ASN ND2   HD22   sing N N 53  
ASN OXT   HXT    sing N N 54  
ASP N     CA     sing N N 55  
ASP N     H      sing N N 56  
ASP N     H2     sing N N 57  
ASP CA    C      sing N N 58  
ASP CA    CB     sing N N 59  
ASP CA    HA     sing N N 60  
ASP C     O      doub N N 61  
ASP C     OXT    sing N N 62  
ASP CB    CG     sing N N 63  
ASP CB    HB2    sing N N 64  
ASP CB    HB3    sing N N 65  
ASP CG    OD1    doub N N 66  
ASP CG    OD2    sing N N 67  
ASP OD2   HD2    sing N N 68  
ASP OXT   HXT    sing N N 69  
CYS N     CA     sing N N 70  
CYS N     H      sing N N 71  
CYS N     H2     sing N N 72  
CYS CA    C      sing N N 73  
CYS CA    CB     sing N N 74  
CYS CA    HA     sing N N 75  
CYS C     O      doub N N 76  
CYS C     OXT    sing N N 77  
CYS CB    SG     sing N N 78  
CYS CB    HB2    sing N N 79  
CYS CB    HB3    sing N N 80  
CYS SG    HG     sing N N 81  
CYS OXT   HXT    sing N N 82  
GDP PB    O1B    doub N N 83  
GDP PB    O2B    sing N N 84  
GDP PB    O3B    sing N N 85  
GDP PB    O3A    sing N N 86  
GDP O2B   HOB2   sing N N 87  
GDP O3B   HOB3   sing N N 88  
GDP O3A   PA     sing N N 89  
GDP PA    O1A    doub N N 90  
GDP PA    O2A    sing N N 91  
GDP PA    "O5'"  sing N N 92  
GDP O2A   HOA2   sing N N 93  
GDP "O5'" "C5'"  sing N N 94  
GDP "C5'" "C4'"  sing N N 95  
GDP "C5'" "H5'"  sing N N 96  
GDP "C5'" "H5''" sing N N 97  
GDP "C4'" "O4'"  sing N N 98  
GDP "C4'" "C3'"  sing N N 99  
GDP "C4'" "H4'"  sing N N 100 
GDP "O4'" "C1'"  sing N N 101 
GDP "C3'" "O3'"  sing N N 102 
GDP "C3'" "C2'"  sing N N 103 
GDP "C3'" "H3'"  sing N N 104 
GDP "O3'" "HO3'" sing N N 105 
GDP "C2'" "O2'"  sing N N 106 
GDP "C2'" "C1'"  sing N N 107 
GDP "C2'" "H2'"  sing N N 108 
GDP "O2'" "HO2'" sing N N 109 
GDP "C1'" N9     sing N N 110 
GDP "C1'" "H1'"  sing N N 111 
GDP N9    C8     sing Y N 112 
GDP N9    C4     sing Y N 113 
GDP C8    N7     doub Y N 114 
GDP C8    H8     sing N N 115 
GDP N7    C5     sing Y N 116 
GDP C5    C6     sing N N 117 
GDP C5    C4     doub Y N 118 
GDP C6    O6     doub N N 119 
GDP C6    N1     sing N N 120 
GDP N1    C2     sing N N 121 
GDP N1    HN1    sing N N 122 
GDP C2    N2     sing N N 123 
GDP C2    N3     doub N N 124 
GDP N2    HN21   sing N N 125 
GDP N2    HN22   sing N N 126 
GDP N3    C4     sing N N 127 
GLN N     CA     sing N N 128 
GLN N     H      sing N N 129 
GLN N     H2     sing N N 130 
GLN CA    C      sing N N 131 
GLN CA    CB     sing N N 132 
GLN CA    HA     sing N N 133 
GLN C     O      doub N N 134 
GLN C     OXT    sing N N 135 
GLN CB    CG     sing N N 136 
GLN CB    HB2    sing N N 137 
GLN CB    HB3    sing N N 138 
GLN CG    CD     sing N N 139 
GLN CG    HG2    sing N N 140 
GLN CG    HG3    sing N N 141 
GLN CD    OE1    doub N N 142 
GLN CD    NE2    sing N N 143 
GLN NE2   HE21   sing N N 144 
GLN NE2   HE22   sing N N 145 
GLN OXT   HXT    sing N N 146 
GLU N     CA     sing N N 147 
GLU N     H      sing N N 148 
GLU N     H2     sing N N 149 
GLU CA    C      sing N N 150 
GLU CA    CB     sing N N 151 
GLU CA    HA     sing N N 152 
GLU C     O      doub N N 153 
GLU C     OXT    sing N N 154 
GLU CB    CG     sing N N 155 
GLU CB    HB2    sing N N 156 
GLU CB    HB3    sing N N 157 
GLU CG    CD     sing N N 158 
GLU CG    HG2    sing N N 159 
GLU CG    HG3    sing N N 160 
GLU CD    OE1    doub N N 161 
GLU CD    OE2    sing N N 162 
GLU OE2   HE2    sing N N 163 
GLU OXT   HXT    sing N N 164 
GLY N     CA     sing N N 165 
GLY N     H      sing N N 166 
GLY N     H2     sing N N 167 
GLY CA    C      sing N N 168 
GLY CA    HA2    sing N N 169 
GLY CA    HA3    sing N N 170 
GLY C     O      doub N N 171 
GLY C     OXT    sing N N 172 
GLY OXT   HXT    sing N N 173 
HIS N     CA     sing N N 174 
HIS N     H      sing N N 175 
HIS N     H2     sing N N 176 
HIS CA    C      sing N N 177 
HIS CA    CB     sing N N 178 
HIS CA    HA     sing N N 179 
HIS C     O      doub N N 180 
HIS C     OXT    sing N N 181 
HIS CB    CG     sing N N 182 
HIS CB    HB2    sing N N 183 
HIS CB    HB3    sing N N 184 
HIS CG    ND1    sing Y N 185 
HIS CG    CD2    doub Y N 186 
HIS ND1   CE1    doub Y N 187 
HIS ND1   HD1    sing N N 188 
HIS CD2   NE2    sing Y N 189 
HIS CD2   HD2    sing N N 190 
HIS CE1   NE2    sing Y N 191 
HIS CE1   HE1    sing N N 192 
HIS NE2   HE2    sing N N 193 
HIS OXT   HXT    sing N N 194 
HOH O     H1     sing N N 195 
HOH O     H2     sing N N 196 
ILE N     CA     sing N N 197 
ILE N     H      sing N N 198 
ILE N     H2     sing N N 199 
ILE CA    C      sing N N 200 
ILE CA    CB     sing N N 201 
ILE CA    HA     sing N N 202 
ILE C     O      doub N N 203 
ILE C     OXT    sing N N 204 
ILE CB    CG1    sing N N 205 
ILE CB    CG2    sing N N 206 
ILE CB    HB     sing N N 207 
ILE CG1   CD1    sing N N 208 
ILE CG1   HG12   sing N N 209 
ILE CG1   HG13   sing N N 210 
ILE CG2   HG21   sing N N 211 
ILE CG2   HG22   sing N N 212 
ILE CG2   HG23   sing N N 213 
ILE CD1   HD11   sing N N 214 
ILE CD1   HD12   sing N N 215 
ILE CD1   HD13   sing N N 216 
ILE OXT   HXT    sing N N 217 
LEU N     CA     sing N N 218 
LEU N     H      sing N N 219 
LEU N     H2     sing N N 220 
LEU CA    C      sing N N 221 
LEU CA    CB     sing N N 222 
LEU CA    HA     sing N N 223 
LEU C     O      doub N N 224 
LEU C     OXT    sing N N 225 
LEU CB    CG     sing N N 226 
LEU CB    HB2    sing N N 227 
LEU CB    HB3    sing N N 228 
LEU CG    CD1    sing N N 229 
LEU CG    CD2    sing N N 230 
LEU CG    HG     sing N N 231 
LEU CD1   HD11   sing N N 232 
LEU CD1   HD12   sing N N 233 
LEU CD1   HD13   sing N N 234 
LEU CD2   HD21   sing N N 235 
LEU CD2   HD22   sing N N 236 
LEU CD2   HD23   sing N N 237 
LEU OXT   HXT    sing N N 238 
LYS N     CA     sing N N 239 
LYS N     H      sing N N 240 
LYS N     H2     sing N N 241 
LYS CA    C      sing N N 242 
LYS CA    CB     sing N N 243 
LYS CA    HA     sing N N 244 
LYS C     O      doub N N 245 
LYS C     OXT    sing N N 246 
LYS CB    CG     sing N N 247 
LYS CB    HB2    sing N N 248 
LYS CB    HB3    sing N N 249 
LYS CG    CD     sing N N 250 
LYS CG    HG2    sing N N 251 
LYS CG    HG3    sing N N 252 
LYS CD    CE     sing N N 253 
LYS CD    HD2    sing N N 254 
LYS CD    HD3    sing N N 255 
LYS CE    NZ     sing N N 256 
LYS CE    HE2    sing N N 257 
LYS CE    HE3    sing N N 258 
LYS NZ    HZ1    sing N N 259 
LYS NZ    HZ2    sing N N 260 
LYS NZ    HZ3    sing N N 261 
LYS OXT   HXT    sing N N 262 
MET N     CA     sing N N 263 
MET N     H      sing N N 264 
MET N     H2     sing N N 265 
MET CA    C      sing N N 266 
MET CA    CB     sing N N 267 
MET CA    HA     sing N N 268 
MET C     O      doub N N 269 
MET C     OXT    sing N N 270 
MET CB    CG     sing N N 271 
MET CB    HB2    sing N N 272 
MET CB    HB3    sing N N 273 
MET CG    SD     sing N N 274 
MET CG    HG2    sing N N 275 
MET CG    HG3    sing N N 276 
MET SD    CE     sing N N 277 
MET CE    HE1    sing N N 278 
MET CE    HE2    sing N N 279 
MET CE    HE3    sing N N 280 
MET OXT   HXT    sing N N 281 
PHE N     CA     sing N N 282 
PHE N     H      sing N N 283 
PHE N     H2     sing N N 284 
PHE CA    C      sing N N 285 
PHE CA    CB     sing N N 286 
PHE CA    HA     sing N N 287 
PHE C     O      doub N N 288 
PHE C     OXT    sing N N 289 
PHE CB    CG     sing N N 290 
PHE CB    HB2    sing N N 291 
PHE CB    HB3    sing N N 292 
PHE CG    CD1    doub Y N 293 
PHE CG    CD2    sing Y N 294 
PHE CD1   CE1    sing Y N 295 
PHE CD1   HD1    sing N N 296 
PHE CD2   CE2    doub Y N 297 
PHE CD2   HD2    sing N N 298 
PHE CE1   CZ     doub Y N 299 
PHE CE1   HE1    sing N N 300 
PHE CE2   CZ     sing Y N 301 
PHE CE2   HE2    sing N N 302 
PHE CZ    HZ     sing N N 303 
PHE OXT   HXT    sing N N 304 
PRO N     CA     sing N N 305 
PRO N     CD     sing N N 306 
PRO N     H      sing N N 307 
PRO CA    C      sing N N 308 
PRO CA    CB     sing N N 309 
PRO CA    HA     sing N N 310 
PRO C     O      doub N N 311 
PRO C     OXT    sing N N 312 
PRO CB    CG     sing N N 313 
PRO CB    HB2    sing N N 314 
PRO CB    HB3    sing N N 315 
PRO CG    CD     sing N N 316 
PRO CG    HG2    sing N N 317 
PRO CG    HG3    sing N N 318 
PRO CD    HD2    sing N N 319 
PRO CD    HD3    sing N N 320 
PRO OXT   HXT    sing N N 321 
SER N     CA     sing N N 322 
SER N     H      sing N N 323 
SER N     H2     sing N N 324 
SER CA    C      sing N N 325 
SER CA    CB     sing N N 326 
SER CA    HA     sing N N 327 
SER C     O      doub N N 328 
SER C     OXT    sing N N 329 
SER CB    OG     sing N N 330 
SER CB    HB2    sing N N 331 
SER CB    HB3    sing N N 332 
SER OG    HG     sing N N 333 
SER OXT   HXT    sing N N 334 
THR N     CA     sing N N 335 
THR N     H      sing N N 336 
THR N     H2     sing N N 337 
THR CA    C      sing N N 338 
THR CA    CB     sing N N 339 
THR CA    HA     sing N N 340 
THR C     O      doub N N 341 
THR C     OXT    sing N N 342 
THR CB    OG1    sing N N 343 
THR CB    CG2    sing N N 344 
THR CB    HB     sing N N 345 
THR OG1   HG1    sing N N 346 
THR CG2   HG21   sing N N 347 
THR CG2   HG22   sing N N 348 
THR CG2   HG23   sing N N 349 
THR OXT   HXT    sing N N 350 
TRP N     CA     sing N N 351 
TRP N     H      sing N N 352 
TRP N     H2     sing N N 353 
TRP CA    C      sing N N 354 
TRP CA    CB     sing N N 355 
TRP CA    HA     sing N N 356 
TRP C     O      doub N N 357 
TRP C     OXT    sing N N 358 
TRP CB    CG     sing N N 359 
TRP CB    HB2    sing N N 360 
TRP CB    HB3    sing N N 361 
TRP CG    CD1    doub Y N 362 
TRP CG    CD2    sing Y N 363 
TRP CD1   NE1    sing Y N 364 
TRP CD1   HD1    sing N N 365 
TRP CD2   CE2    doub Y N 366 
TRP CD2   CE3    sing Y N 367 
TRP NE1   CE2    sing Y N 368 
TRP NE1   HE1    sing N N 369 
TRP CE2   CZ2    sing Y N 370 
TRP CE3   CZ3    doub Y N 371 
TRP CE3   HE3    sing N N 372 
TRP CZ2   CH2    doub Y N 373 
TRP CZ2   HZ2    sing N N 374 
TRP CZ3   CH2    sing Y N 375 
TRP CZ3   HZ3    sing N N 376 
TRP CH2   HH2    sing N N 377 
TRP OXT   HXT    sing N N 378 
TYR N     CA     sing N N 379 
TYR N     H      sing N N 380 
TYR N     H2     sing N N 381 
TYR CA    C      sing N N 382 
TYR CA    CB     sing N N 383 
TYR CA    HA     sing N N 384 
TYR C     O      doub N N 385 
TYR C     OXT    sing N N 386 
TYR CB    CG     sing N N 387 
TYR CB    HB2    sing N N 388 
TYR CB    HB3    sing N N 389 
TYR CG    CD1    doub Y N 390 
TYR CG    CD2    sing Y N 391 
TYR CD1   CE1    sing Y N 392 
TYR CD1   HD1    sing N N 393 
TYR CD2   CE2    doub Y N 394 
TYR CD2   HD2    sing N N 395 
TYR CE1   CZ     doub Y N 396 
TYR CE1   HE1    sing N N 397 
TYR CE2   CZ     sing Y N 398 
TYR CE2   HE2    sing N N 399 
TYR CZ    OH     sing N N 400 
TYR OH    HH     sing N N 401 
TYR OXT   HXT    sing N N 402 
VAL N     CA     sing N N 403 
VAL N     H      sing N N 404 
VAL N     H2     sing N N 405 
VAL CA    C      sing N N 406 
VAL CA    CB     sing N N 407 
VAL CA    HA     sing N N 408 
VAL C     O      doub N N 409 
VAL C     OXT    sing N N 410 
VAL CB    CG1    sing N N 411 
VAL CB    CG2    sing N N 412 
VAL CB    HB     sing N N 413 
VAL CG1   HG11   sing N N 414 
VAL CG1   HG12   sing N N 415 
VAL CG1   HG13   sing N N 416 
VAL CG2   HG21   sing N N 417 
VAL CG2   HG22   sing N N 418 
VAL CG2   HG23   sing N N 419 
VAL OXT   HXT    sing N N 420 
# 
loop_
_pdbx_entity_nonpoly.entity_id 
_pdbx_entity_nonpoly.name 
_pdbx_entity_nonpoly.comp_id 
2 "GUANOSINE-5'-DIPHOSPHATE" GDP 
3 'MAGNESIUM ION'            MG  
4 water                      HOH 
# 
_pdbx_initial_refinement_model.id               1 
_pdbx_initial_refinement_model.entity_id_list   ? 
_pdbx_initial_refinement_model.type             'experimental model' 
_pdbx_initial_refinement_model.source_name      PDB 
_pdbx_initial_refinement_model.accession_code   1MH1 
_pdbx_initial_refinement_model.details          'PDB ENTRY 1MH1' 
# 
